data_2GA0
#
_entry.id   2GA0
#
_cell.length_a   241.835
_cell.length_b   69.105
_cell.length_c   87.578
_cell.angle_alpha   90.00
_cell.angle_beta   104.95
_cell.angle_gamma   90.00
#
_symmetry.space_group_name_H-M   'C 1 2 1'
#
loop_
_entity.id
_entity.type
_entity.pdbx_description
1 polymer 'surface protein VspA'
2 non-polymer 'NICKEL (II) ION'
3 water water
#
_entity_poly.entity_id   1
_entity_poly.type   'polypeptide(L)'
_entity_poly.pdbx_seq_one_letter_code
;SDGTVIDLATITKNITDAVAFAKSVKDVHTLVKSIDELAKAIGKKIGANGLETDADKNAKLISGAYSVISAVDTKLASLE
KKVGISDDLKGKITTVKNASTSFLTKAKSKTADLGKDDVKDADAKTAIDIADTGAKDKGAEELIKLNTAIDALLTSAEAA
VTAAINALSTPAKSASTVQSN
;
_entity_poly.pdbx_strand_id   A,B,C,D,E,F,G,H
#
loop_
_chem_comp.id
_chem_comp.type
_chem_comp.name
_chem_comp.formula
NI non-polymer 'NICKEL (II) ION' 'Ni 2'
#
# COMPACT_ATOMS: atom_id res chain seq x y z
N VAL A 5 34.44 28.33 -27.91
CA VAL A 5 34.46 29.36 -26.82
C VAL A 5 33.32 29.15 -25.81
N ILE A 6 33.37 28.04 -25.09
CA ILE A 6 32.29 27.67 -24.19
C ILE A 6 32.46 28.27 -22.77
N ASP A 7 31.35 28.70 -22.16
CA ASP A 7 31.42 29.41 -20.87
C ASP A 7 31.21 28.52 -19.67
N LEU A 8 32.27 27.82 -19.31
CA LEU A 8 32.31 26.97 -18.10
C LEU A 8 31.34 27.41 -17.01
N ALA A 9 31.35 28.71 -16.71
CA ALA A 9 30.57 29.21 -15.58
C ALA A 9 29.06 29.20 -15.79
N THR A 10 28.59 29.56 -16.99
CA THR A 10 27.15 29.49 -17.29
C THR A 10 26.67 28.05 -17.29
N ILE A 11 27.50 27.16 -17.82
CA ILE A 11 27.23 25.72 -17.85
C ILE A 11 27.16 25.16 -16.44
N THR A 12 28.10 25.58 -15.59
CA THR A 12 28.17 25.22 -14.17
C THR A 12 26.92 25.66 -13.38
N LYS A 13 26.57 26.94 -13.54
CA LYS A 13 25.38 27.45 -12.89
C LYS A 13 24.13 26.68 -13.31
N ASN A 14 24.02 26.37 -14.60
CA ASN A 14 22.87 25.64 -15.06
C ASN A 14 22.75 24.23 -14.50
N ILE A 15 23.88 23.55 -14.29
CA ILE A 15 23.92 22.25 -13.64
C ILE A 15 23.43 22.40 -12.20
N THR A 16 24.01 23.37 -11.50
CA THR A 16 23.66 23.61 -10.10
C THR A 16 22.19 23.90 -9.92
N ASP A 17 21.66 24.82 -10.73
CA ASP A 17 20.24 25.17 -10.63
C ASP A 17 19.33 24.00 -10.95
N ALA A 18 19.66 23.23 -12.00
CA ALA A 18 18.83 22.10 -12.40
C ALA A 18 18.85 21.03 -11.33
N VAL A 19 20.02 20.85 -10.71
CA VAL A 19 20.15 19.84 -9.67
C VAL A 19 19.39 20.29 -8.41
N ALA A 20 19.50 21.58 -8.04
CA ALA A 20 18.72 22.03 -6.86
C ALA A 20 17.22 21.92 -7.07
N PHE A 21 16.75 22.30 -8.27
CA PHE A 21 15.34 22.07 -8.59
C PHE A 21 14.96 20.58 -8.52
N ALA A 22 15.80 19.69 -9.03
CA ALA A 22 15.45 18.26 -9.01
C ALA A 22 15.39 17.74 -7.59
N LYS A 23 16.31 18.22 -6.76
CA LYS A 23 16.31 17.92 -5.34
C LYS A 23 14.91 18.20 -4.72
N SER A 24 14.40 19.41 -4.88
CA SER A 24 13.06 19.70 -4.41
C SER A 24 12.01 18.79 -5.00
N VAL A 25 12.06 18.57 -6.31
CA VAL A 25 11.07 17.71 -6.94
C VAL A 25 11.14 16.28 -6.41
N LYS A 26 12.36 15.73 -6.42
CA LYS A 26 12.60 14.41 -5.87
C LYS A 26 12.10 14.25 -4.44
N ASP A 27 12.28 15.27 -3.60
CA ASP A 27 11.79 15.19 -2.22
C ASP A 27 10.26 15.08 -2.20
N VAL A 28 9.57 15.83 -3.03
CA VAL A 28 8.12 15.66 -3.19
C VAL A 28 7.76 14.27 -3.74
N HIS A 29 8.44 13.75 -4.74
CA HIS A 29 8.03 12.43 -5.24
C HIS A 29 8.19 11.36 -4.16
N THR A 30 9.21 11.49 -3.31
CA THR A 30 9.45 10.47 -2.31
C THR A 30 8.37 10.55 -1.29
N LEU A 31 8.01 11.76 -0.86
CA LEU A 31 6.89 11.90 0.11
C LEU A 31 5.59 11.29 -0.43
N VAL A 32 5.30 11.52 -1.71
CA VAL A 32 4.10 10.91 -2.28
C VAL A 32 4.22 9.37 -2.34
N LYS A 33 5.31 8.85 -2.90
CA LYS A 33 5.51 7.39 -2.91
C LYS A 33 5.38 6.77 -1.51
N SER A 34 5.75 7.54 -0.46
CA SER A 34 5.75 7.00 0.88
C SER A 34 4.36 6.62 1.34
N ILE A 35 3.34 7.23 0.74
CA ILE A 35 1.99 6.83 1.05
C ILE A 35 1.75 5.33 0.75
N ASP A 36 2.48 4.77 -0.21
CA ASP A 36 2.42 3.36 -0.53
C ASP A 36 2.99 2.51 0.60
N GLU A 37 3.96 3.05 1.33
CA GLU A 37 4.46 2.30 2.46
C GLU A 37 3.41 2.32 3.55
N LEU A 38 2.75 3.47 3.75
CA LEU A 38 1.75 3.59 4.82
C LEU A 38 0.56 2.68 4.57
N ALA A 39 0.16 2.58 3.31
CA ALA A 39 -0.93 1.70 2.93
C ALA A 39 -0.60 0.23 3.24
N LYS A 40 0.67 -0.17 3.13
CA LYS A 40 1.03 -1.55 3.51
C LYS A 40 0.72 -1.79 5.00
N ALA A 41 0.58 -0.71 5.78
CA ALA A 41 0.34 -0.88 7.20
C ALA A 41 -1.14 -0.96 7.62
N ILE A 42 -2.06 -0.69 6.68
CA ILE A 42 -3.50 -0.71 6.96
C ILE A 42 -3.85 -2.03 7.54
N GLY A 43 -4.52 -2.01 8.70
CA GLY A 43 -4.92 -3.24 9.38
C GLY A 43 -3.75 -4.13 9.78
N LYS A 44 -2.61 -3.53 10.12
CA LYS A 44 -1.44 -4.25 10.62
C LYS A 44 -0.94 -3.67 11.93
N LYS A 45 -0.52 -4.54 12.84
CA LYS A 45 0.16 -4.11 14.04
C LYS A 45 1.63 -4.46 13.96
N ILE A 46 2.46 -3.75 14.70
CA ILE A 46 3.83 -4.19 14.84
C ILE A 46 3.86 -5.33 15.83
N GLY A 47 4.42 -6.43 15.36
CA GLY A 47 4.48 -7.67 16.12
C GLY A 47 5.93 -8.08 16.32
N ALA A 48 6.14 -9.12 17.11
CA ALA A 48 7.49 -9.51 17.45
C ALA A 48 8.39 -9.71 16.23
N ASN A 49 7.81 -9.95 15.05
CA ASN A 49 8.58 -10.25 13.84
C ASN A 49 8.32 -9.31 12.64
N GLY A 50 7.65 -8.20 12.91
CA GLY A 50 7.33 -7.33 11.82
C GLY A 50 5.85 -7.11 11.82
N LEU A 51 5.35 -6.48 10.76
CA LEU A 51 3.93 -6.21 10.71
C LEU A 51 3.21 -7.53 10.64
N GLU A 52 2.11 -7.60 11.35
CA GLU A 52 1.19 -8.73 11.21
C GLU A 52 -0.24 -8.21 11.27
N THR A 53 -1.17 -9.05 10.86
CA THR A 53 -2.57 -8.65 10.70
C THR A 53 -3.21 -8.31 12.02
N ASP A 54 -3.88 -7.17 12.03
CA ASP A 54 -4.71 -6.78 13.13
C ASP A 54 -5.68 -5.74 12.57
N ALA A 55 -6.76 -6.26 12.00
CA ALA A 55 -7.71 -5.48 11.22
C ALA A 55 -8.16 -4.15 11.83
N ASP A 56 -8.36 -3.17 10.95
CA ASP A 56 -9.21 -2.03 11.27
C ASP A 56 -8.49 -1.01 12.15
N LYS A 57 -9.26 -0.13 12.81
CA LYS A 57 -8.72 0.92 13.67
C LYS A 57 -7.63 1.73 12.94
N ASN A 58 -7.94 2.21 11.73
CA ASN A 58 -6.96 2.83 10.86
C ASN A 58 -6.94 4.34 10.82
N ALA A 59 -7.83 5.00 11.53
CA ALA A 59 -7.96 6.45 11.45
C ALA A 59 -6.62 7.21 11.52
N LYS A 60 -5.81 6.89 12.53
CA LYS A 60 -4.60 7.63 12.82
C LYS A 60 -3.55 7.38 11.74
N LEU A 61 -3.54 6.19 11.14
CA LEU A 61 -2.72 5.95 9.99
C LEU A 61 -3.15 6.87 8.85
N ILE A 62 -4.46 7.05 8.62
CA ILE A 62 -4.89 7.91 7.51
C ILE A 62 -4.50 9.31 7.88
N SER A 63 -4.53 9.64 9.16
CA SER A 63 -4.14 10.99 9.57
C SER A 63 -2.70 11.20 9.17
N GLY A 64 -1.90 10.16 9.36
CA GLY A 64 -0.49 10.19 8.98
C GLY A 64 -0.33 10.54 7.51
N ALA A 65 -1.04 9.80 6.68
CA ALA A 65 -0.95 10.02 5.25
C ALA A 65 -1.39 11.45 4.98
N TYR A 66 -2.45 11.86 5.63
CA TYR A 66 -2.91 13.23 5.47
C TYR A 66 -1.82 14.23 5.79
N SER A 67 -1.17 14.04 6.93
CA SER A 67 -0.07 14.88 7.37
C SER A 67 1.02 14.94 6.32
N VAL A 68 1.37 13.77 5.77
CA VAL A 68 2.43 13.72 4.76
C VAL A 68 2.06 14.52 3.51
N ILE A 69 0.84 14.37 3.01
CA ILE A 69 0.42 15.10 1.83
C ILE A 69 0.27 16.59 2.13
N SER A 70 0.01 16.96 3.38
CA SER A 70 0.04 18.40 3.74
C SER A 70 1.42 18.97 3.47
N ALA A 71 2.44 18.18 3.85
CA ALA A 71 3.83 18.58 3.73
C ALA A 71 4.20 18.73 2.25
N VAL A 72 3.85 17.73 1.45
CA VAL A 72 3.89 17.82 0.00
C VAL A 72 3.22 19.10 -0.50
N ASP A 73 1.98 19.33 -0.10
CA ASP A 73 1.26 20.49 -0.59
C ASP A 73 2.03 21.79 -0.27
N THR A 74 2.60 21.86 0.94
CA THR A 74 3.31 23.05 1.38
C THR A 74 4.57 23.25 0.55
N LYS A 75 5.29 22.16 0.33
CA LYS A 75 6.52 22.17 -0.42
C LYS A 75 6.26 22.68 -1.85
N LEU A 76 5.20 22.18 -2.48
CA LEU A 76 4.82 22.63 -3.84
C LEU A 76 4.38 24.09 -3.88
N ALA A 77 3.72 24.54 -2.81
CA ALA A 77 3.30 25.92 -2.75
C ALA A 77 4.54 26.79 -2.82
N SER A 78 5.63 26.31 -2.25
CA SER A 78 6.87 27.09 -2.22
C SER A 78 7.55 27.01 -3.60
N LEU A 79 7.60 25.79 -4.15
CA LEU A 79 8.12 25.55 -5.49
C LEU A 79 7.47 26.43 -6.55
N GLU A 80 6.14 26.50 -6.52
CA GLU A 80 5.35 27.34 -7.42
C GLU A 80 5.98 28.78 -7.51
N LYS A 81 6.62 29.19 -6.42
CA LYS A 81 7.07 30.54 -6.26
C LYS A 81 8.53 30.73 -6.71
N LYS A 82 9.24 29.66 -7.10
CA LYS A 82 10.69 29.77 -7.39
C LYS A 82 10.86 30.69 -8.56
N VAL A 83 11.87 31.56 -8.51
CA VAL A 83 12.15 32.39 -9.69
C VAL A 83 13.04 31.71 -10.72
N GLY A 84 12.85 32.11 -11.98
CA GLY A 84 13.65 31.61 -13.09
C GLY A 84 13.20 30.27 -13.67
N ILE A 85 12.17 29.63 -13.05
CA ILE A 85 11.54 28.41 -13.59
C ILE A 85 10.92 28.68 -14.95
N SER A 86 10.99 27.75 -15.90
CA SER A 86 10.32 27.96 -17.19
C SER A 86 8.82 27.79 -16.99
N ASP A 87 8.04 28.46 -17.83
CA ASP A 87 6.59 28.40 -17.73
C ASP A 87 6.13 26.96 -17.77
N ASP A 88 6.70 26.17 -18.67
CA ASP A 88 6.43 24.72 -18.74
C ASP A 88 6.55 24.01 -17.41
N LEU A 89 7.68 24.17 -16.71
CA LEU A 89 7.86 23.52 -15.42
C LEU A 89 6.90 24.04 -14.39
N LYS A 90 6.67 25.36 -14.43
CA LYS A 90 5.73 25.97 -13.51
C LYS A 90 4.34 25.32 -13.64
N GLY A 91 3.89 25.15 -14.88
CA GLY A 91 2.66 24.46 -15.17
C GLY A 91 2.66 23.03 -14.67
N LYS A 92 3.76 22.33 -14.87
CA LYS A 92 3.89 20.99 -14.36
C LYS A 92 3.80 20.96 -12.82
N ILE A 93 4.33 21.97 -12.14
CA ILE A 93 4.21 22.04 -10.69
C ILE A 93 2.79 22.27 -10.28
N THR A 94 2.10 23.17 -11.00
CA THR A 94 0.74 23.50 -10.66
C THR A 94 -0.16 22.29 -10.74
N THR A 95 0.04 21.45 -11.76
CA THR A 95 -0.68 20.21 -11.88
C THR A 95 -0.47 19.31 -10.63
N VAL A 96 0.77 19.26 -10.11
CA VAL A 96 0.99 18.52 -8.88
C VAL A 96 0.29 19.20 -7.70
N LYS A 97 0.50 20.49 -7.50
CA LYS A 97 -0.13 21.15 -6.35
C LYS A 97 -1.64 21.06 -6.36
N ASN A 98 -2.25 21.13 -7.55
CA ASN A 98 -3.69 20.97 -7.71
C ASN A 98 -4.10 19.59 -7.17
N ALA A 99 -3.34 18.58 -7.59
CA ALA A 99 -3.63 17.21 -7.19
C ALA A 99 -3.50 17.03 -5.72
N SER A 100 -2.48 17.62 -5.10
CA SER A 100 -2.38 17.46 -3.64
C SER A 100 -3.44 18.24 -2.90
N THR A 101 -3.80 19.43 -3.37
CA THR A 101 -4.93 20.16 -2.77
C THR A 101 -6.22 19.32 -2.85
N SER A 102 -6.48 18.81 -4.04
CA SER A 102 -7.55 17.86 -4.28
C SER A 102 -7.60 16.70 -3.28
N PHE A 103 -6.47 16.08 -3.01
CA PHE A 103 -6.45 14.98 -2.08
C PHE A 103 -6.91 15.44 -0.69
N LEU A 104 -6.28 16.48 -0.17
CA LEU A 104 -6.59 16.98 1.17
C LEU A 104 -8.07 17.42 1.28
N THR A 105 -8.55 18.14 0.27
CA THR A 105 -9.97 18.47 0.18
C THR A 105 -10.92 17.25 0.23
N LYS A 106 -10.61 16.19 -0.52
CA LYS A 106 -11.45 15.01 -0.57
C LYS A 106 -11.44 14.32 0.78
N ALA A 107 -10.23 14.12 1.38
CA ALA A 107 -10.07 13.49 2.70
C ALA A 107 -10.86 14.24 3.74
N LYS A 108 -10.65 15.55 3.83
CA LYS A 108 -11.41 16.40 4.74
C LYS A 108 -12.89 16.15 4.55
N SER A 109 -13.32 16.07 3.30
CA SER A 109 -14.73 15.93 2.98
C SER A 109 -15.29 14.58 3.46
N LYS A 110 -14.41 13.60 3.57
CA LYS A 110 -14.80 12.29 4.05
C LYS A 110 -14.45 12.10 5.52
N THR A 111 -14.48 13.18 6.29
CA THR A 111 -14.17 13.09 7.70
C THR A 111 -14.99 12.04 8.49
N ALA A 112 -16.29 12.00 8.26
CA ALA A 112 -17.17 11.07 8.94
C ALA A 112 -16.82 9.61 8.68
N ASP A 113 -16.09 9.35 7.57
CA ASP A 113 -15.66 8.01 7.20
C ASP A 113 -14.26 7.73 7.66
N LEU A 114 -13.43 8.76 7.66
CA LEU A 114 -12.00 8.58 7.82
C LEU A 114 -11.48 8.87 9.22
N GLY A 115 -12.28 9.61 9.99
CA GLY A 115 -11.91 10.04 11.32
C GLY A 115 -12.67 9.30 12.40
N LYS A 116 -13.58 8.40 12.03
CA LYS A 116 -14.34 7.64 13.02
C LYS A 116 -13.44 6.72 13.87
N ASP A 117 -13.94 6.30 15.03
CA ASP A 117 -13.14 5.52 15.98
C ASP A 117 -12.73 4.15 15.46
N ASP A 118 -13.33 3.70 14.36
CA ASP A 118 -12.86 2.47 13.79
C ASP A 118 -12.99 2.45 12.26
N VAL A 119 -11.96 3.00 11.61
CA VAL A 119 -11.92 2.98 10.16
C VAL A 119 -11.48 1.60 9.70
N LYS A 120 -12.38 0.87 9.05
CA LYS A 120 -12.06 -0.48 8.57
C LYS A 120 -11.07 -0.46 7.40
N ASP A 121 -10.34 -1.54 7.26
CA ASP A 121 -9.37 -1.68 6.17
C ASP A 121 -9.90 -1.22 4.82
N ALA A 122 -11.06 -1.71 4.39
CA ALA A 122 -11.62 -1.37 3.08
C ALA A 122 -11.69 0.15 2.87
N ASP A 123 -12.23 0.85 3.86
CA ASP A 123 -12.29 2.30 3.82
C ASP A 123 -10.93 2.97 3.78
N ALA A 124 -10.00 2.46 4.58
CA ALA A 124 -8.66 3.03 4.59
C ALA A 124 -8.07 2.93 3.18
N LYS A 125 -8.28 1.76 2.55
CA LYS A 125 -7.83 1.55 1.19
C LYS A 125 -8.37 2.61 0.20
N THR A 126 -9.62 3.02 0.38
CA THR A 126 -10.28 3.97 -0.52
C THR A 126 -9.72 5.39 -0.33
N ALA A 127 -8.86 5.56 0.69
CA ALA A 127 -8.25 6.86 0.94
C ALA A 127 -6.82 6.93 0.45
N ILE A 128 -6.05 5.90 0.77
CA ILE A 128 -4.59 5.98 0.67
C ILE A 128 -3.93 4.84 -0.05
N ASP A 129 -4.69 3.94 -0.65
CA ASP A 129 -4.09 2.80 -1.30
C ASP A 129 -4.30 2.82 -2.82
N ILE A 130 -3.31 3.30 -3.57
CA ILE A 130 -3.45 3.42 -5.03
C ILE A 130 -3.70 2.09 -5.80
N ALA A 131 -3.37 0.93 -5.22
CA ALA A 131 -3.69 -0.37 -5.88
C ALA A 131 -5.00 -0.96 -5.32
N ASP A 132 -5.79 -0.11 -4.65
CA ASP A 132 -7.09 -0.53 -4.13
C ASP A 132 -8.02 -1.00 -5.27
N THR A 133 -8.48 -2.25 -5.15
CA THR A 133 -9.44 -2.80 -6.10
C THR A 133 -10.87 -2.36 -5.74
N GLY A 134 -11.04 -1.70 -4.60
CA GLY A 134 -12.33 -1.16 -4.17
C GLY A 134 -12.55 0.18 -4.83
N ALA A 135 -13.58 0.90 -4.39
CA ALA A 135 -13.85 2.26 -4.83
C ALA A 135 -12.62 3.07 -4.47
N LYS A 136 -12.38 4.18 -5.15
CA LYS A 136 -11.23 4.99 -4.78
C LYS A 136 -11.80 6.30 -4.28
N ASP A 137 -12.89 6.14 -3.54
CA ASP A 137 -13.81 7.24 -3.33
C ASP A 137 -13.59 8.07 -2.09
N LYS A 138 -12.46 7.92 -1.41
CA LYS A 138 -12.19 8.71 -0.20
C LYS A 138 -10.78 9.29 -0.15
N GLY A 139 -10.13 9.36 -1.32
CA GLY A 139 -8.80 9.90 -1.43
C GLY A 139 -7.92 9.19 -2.46
N ALA A 140 -8.12 7.88 -2.66
CA ALA A 140 -7.26 7.10 -3.54
C ALA A 140 -7.16 7.64 -4.98
N GLU A 141 -8.31 8.00 -5.54
CA GLU A 141 -8.40 8.52 -6.88
C GLU A 141 -7.48 9.75 -6.95
N GLU A 142 -7.66 10.66 -6.01
CA GLU A 142 -6.85 11.86 -6.00
C GLU A 142 -5.35 11.54 -5.78
N LEU A 143 -5.06 10.53 -4.99
CA LEU A 143 -3.69 10.11 -4.77
C LEU A 143 -3.09 9.55 -6.06
N ILE A 144 -3.90 8.86 -6.87
CA ILE A 144 -3.39 8.31 -8.11
C ILE A 144 -3.04 9.48 -9.03
N LYS A 145 -3.95 10.46 -9.10
CA LYS A 145 -3.70 11.66 -9.88
C LYS A 145 -2.41 12.35 -9.44
N LEU A 146 -2.23 12.53 -8.13
CA LEU A 146 -1.04 13.15 -7.59
C LEU A 146 0.21 12.39 -8.03
N ASN A 147 0.12 11.07 -7.97
CA ASN A 147 1.22 10.23 -8.40
C ASN A 147 1.64 10.44 -9.85
N THR A 148 0.66 10.57 -10.73
CA THR A 148 0.91 10.82 -12.13
C THR A 148 1.55 12.19 -12.30
N ALA A 149 0.99 13.18 -11.63
CA ALA A 149 1.46 14.52 -11.78
C ALA A 149 2.90 14.67 -11.29
N ILE A 150 3.22 14.17 -10.12
CA ILE A 150 4.62 14.26 -9.69
C ILE A 150 5.58 13.40 -10.52
N ASP A 151 5.14 12.26 -11.03
CA ASP A 151 6.02 11.50 -11.88
C ASP A 151 6.38 12.35 -13.09
N ALA A 152 5.41 13.07 -13.64
CA ALA A 152 5.67 13.91 -14.82
C ALA A 152 6.66 15.03 -14.48
N LEU A 153 6.46 15.69 -13.35
CA LEU A 153 7.32 16.77 -12.92
C LEU A 153 8.75 16.26 -12.73
N LEU A 154 8.86 15.11 -12.07
CA LEU A 154 10.15 14.50 -11.80
C LEU A 154 10.87 14.13 -13.08
N THR A 155 10.15 13.57 -14.04
CA THR A 155 10.74 13.22 -15.32
C THR A 155 11.34 14.48 -15.94
N SER A 156 10.59 15.58 -15.89
CA SER A 156 11.03 16.82 -16.48
C SER A 156 12.26 17.36 -15.80
N ALA A 157 12.24 17.27 -14.48
CA ALA A 157 13.26 17.89 -13.66
C ALA A 157 14.54 17.15 -13.88
N GLU A 158 14.45 15.83 -13.96
CA GLU A 158 15.63 14.99 -14.16
C GLU A 158 16.16 15.11 -15.58
N ALA A 159 15.26 15.30 -16.55
CA ALA A 159 15.65 15.55 -17.94
C ALA A 159 16.53 16.80 -18.01
N ALA A 160 16.14 17.84 -17.25
CA ALA A 160 16.85 19.10 -17.26
C ALA A 160 18.27 18.93 -16.70
N VAL A 161 18.40 18.15 -15.63
CA VAL A 161 19.71 17.85 -15.08
C VAL A 161 20.58 17.15 -16.13
N THR A 162 20.04 16.10 -16.77
CA THR A 162 20.83 15.42 -17.79
C THR A 162 21.16 16.33 -18.96
N ALA A 163 20.22 17.17 -19.41
CA ALA A 163 20.51 18.16 -20.46
C ALA A 163 21.63 19.12 -20.06
N ALA A 164 21.58 19.54 -18.80
CA ALA A 164 22.56 20.48 -18.24
C ALA A 164 23.93 19.87 -18.11
N ILE A 165 24.02 18.59 -17.77
CA ILE A 165 25.32 17.94 -17.75
C ILE A 165 25.81 17.65 -19.17
N ASN A 166 24.89 17.20 -20.04
CA ASN A 166 25.24 16.85 -21.43
C ASN A 166 25.63 18.07 -22.25
N ALA A 167 24.92 19.19 -22.06
CA ALA A 167 25.24 20.45 -22.75
C ALA A 167 26.70 20.79 -22.51
N LEU A 168 27.18 20.40 -21.34
CA LEU A 168 28.59 20.59 -20.99
C LEU A 168 29.46 20.38 -22.17
N VAL B 5 44.74 21.77 -23.25
CA VAL B 5 44.94 21.11 -21.94
C VAL B 5 43.71 21.42 -21.10
N ILE B 6 42.86 20.41 -20.87
CA ILE B 6 41.57 20.52 -20.14
C ILE B 6 41.13 19.08 -19.86
N ASP B 7 39.85 18.84 -19.43
CA ASP B 7 39.28 17.47 -19.35
C ASP B 7 37.72 17.28 -19.05
N LEU B 8 36.94 16.75 -20.01
CA LEU B 8 35.46 16.83 -19.88
C LEU B 8 34.68 15.55 -19.66
N ALA B 9 35.04 14.47 -20.36
CA ALA B 9 34.32 13.19 -20.26
C ALA B 9 34.36 12.59 -18.85
N THR B 10 35.55 12.54 -18.27
CA THR B 10 35.75 12.03 -16.91
C THR B 10 35.05 12.91 -15.89
N ILE B 11 35.15 14.23 -16.07
CA ILE B 11 34.46 15.16 -15.17
C ILE B 11 32.94 15.06 -15.26
N THR B 12 32.42 14.93 -16.48
CA THR B 12 31.01 14.69 -16.71
C THR B 12 30.52 13.40 -16.04
N LYS B 13 31.23 12.28 -16.24
CA LYS B 13 30.88 11.02 -15.61
C LYS B 13 30.86 11.17 -14.08
N ASN B 14 31.85 11.86 -13.54
CA ASN B 14 31.93 12.10 -12.10
C ASN B 14 30.77 12.88 -11.50
N ILE B 15 30.27 13.88 -12.23
CA ILE B 15 29.09 14.62 -11.78
C ILE B 15 27.85 13.74 -11.88
N THR B 16 27.70 13.01 -13.00
CA THR B 16 26.58 12.08 -13.16
C THR B 16 26.53 11.06 -12.02
N ASP B 17 27.66 10.40 -11.77
CA ASP B 17 27.80 9.42 -10.70
C ASP B 17 27.46 9.98 -9.33
N ALA B 18 28.01 11.15 -9.02
CA ALA B 18 27.84 11.77 -7.72
C ALA B 18 26.42 12.21 -7.51
N VAL B 19 25.78 12.67 -8.58
CA VAL B 19 24.39 13.10 -8.55
C VAL B 19 23.46 11.87 -8.39
N ALA B 20 23.75 10.79 -9.10
CA ALA B 20 22.99 9.56 -9.03
C ALA B 20 23.00 9.00 -7.60
N PHE B 21 24.19 8.99 -7.00
CA PHE B 21 24.35 8.59 -5.61
C PHE B 21 23.61 9.51 -4.65
N ALA B 22 23.74 10.82 -4.85
CA ALA B 22 23.05 11.76 -3.97
C ALA B 22 21.53 11.56 -4.03
N LYS B 23 21.03 11.19 -5.21
CA LYS B 23 19.61 10.93 -5.43
C LYS B 23 19.17 9.83 -4.50
N SER B 24 19.86 8.70 -4.51
CA SER B 24 19.52 7.60 -3.60
C SER B 24 19.60 8.01 -2.13
N VAL B 25 20.63 8.74 -1.75
CA VAL B 25 20.75 9.17 -0.38
C VAL B 25 19.60 10.11 -0.01
N LYS B 26 19.36 11.11 -0.86
CA LYS B 26 18.30 12.11 -0.65
C LYS B 26 16.94 11.41 -0.43
N ASP B 27 16.69 10.36 -1.20
CA ASP B 27 15.42 9.65 -1.13
C ASP B 27 15.32 8.99 0.23
N VAL B 28 16.41 8.42 0.70
CA VAL B 28 16.45 7.87 2.04
C VAL B 28 16.27 8.95 3.09
N HIS B 29 16.98 10.08 2.99
CA HIS B 29 16.78 11.16 3.96
C HIS B 29 15.30 11.59 4.03
N THR B 30 14.64 11.65 2.88
CA THR B 30 13.24 12.16 2.84
C THR B 30 12.35 11.22 3.61
N LEU B 31 12.50 9.94 3.35
CA LEU B 31 11.74 8.93 4.04
C LEU B 31 11.89 9.02 5.55
N VAL B 32 13.11 9.27 6.04
CA VAL B 32 13.33 9.30 7.46
C VAL B 32 12.69 10.56 8.03
N LYS B 33 12.98 11.71 7.43
CA LYS B 33 12.37 12.98 7.79
C LYS B 33 10.85 12.82 7.87
N SER B 34 10.27 12.06 6.94
CA SER B 34 8.83 11.92 6.86
C SER B 34 8.19 11.36 8.15
N ILE B 35 9.00 10.74 9.02
CA ILE B 35 8.42 10.19 10.24
C ILE B 35 8.03 11.38 11.07
N ASP B 36 8.62 12.53 10.80
CA ASP B 36 8.27 13.71 11.59
C ASP B 36 6.90 14.14 11.23
N GLU B 37 6.51 13.89 9.98
CA GLU B 37 5.16 14.26 9.55
C GLU B 37 4.17 13.31 10.21
N LEU B 38 4.52 12.02 10.29
CA LEU B 38 3.64 11.05 10.93
C LEU B 38 3.46 11.35 12.43
N ALA B 39 4.55 11.73 13.09
CA ALA B 39 4.46 12.09 14.49
C ALA B 39 3.47 13.23 14.73
N LYS B 40 3.39 14.17 13.79
CA LYS B 40 2.42 15.27 13.93
C LYS B 40 0.98 14.72 13.97
N ALA B 41 0.79 13.49 13.50
CA ALA B 41 -0.54 12.92 13.41
C ALA B 41 -0.94 12.09 14.63
N ILE B 42 0.00 11.80 15.50
CA ILE B 42 -0.28 11.10 16.77
C ILE B 42 -1.47 11.75 17.45
N GLY B 43 -2.49 10.96 17.76
CA GLY B 43 -3.62 11.48 18.51
C GLY B 43 -4.41 12.51 17.73
N LYS B 44 -4.35 12.42 16.41
CA LYS B 44 -5.10 13.34 15.52
C LYS B 44 -6.00 12.57 14.58
N LYS B 45 -7.16 13.15 14.30
CA LYS B 45 -8.09 12.63 13.30
C LYS B 45 -8.13 13.62 12.17
N ILE B 46 -8.56 13.16 11.00
CA ILE B 46 -8.86 14.08 9.90
C ILE B 46 -10.26 14.65 10.15
N GLY B 47 -10.34 15.96 10.27
CA GLY B 47 -11.63 16.60 10.49
C GLY B 47 -11.98 17.49 9.33
N ALA B 48 -13.10 18.20 9.43
CA ALA B 48 -13.53 19.14 8.38
C ALA B 48 -12.46 20.15 7.90
N ASN B 49 -11.54 20.55 8.78
CA ASN B 49 -10.61 21.61 8.47
C ASN B 49 -9.12 21.22 8.62
N GLY B 50 -8.86 19.91 8.65
CA GLY B 50 -7.50 19.46 8.85
C GLY B 50 -7.44 18.58 10.05
N LEU B 51 -6.22 18.32 10.50
CA LEU B 51 -6.00 17.46 11.66
C LEU B 51 -6.59 18.14 12.89
N GLU B 52 -7.38 17.39 13.66
CA GLU B 52 -7.79 17.83 14.99
C GLU B 52 -7.55 16.75 16.01
N THR B 53 -7.65 17.11 17.27
CA THR B 53 -7.27 16.23 18.34
C THR B 53 -8.31 15.15 18.54
N ASP B 54 -7.83 13.92 18.64
CA ASP B 54 -8.60 12.74 18.97
C ASP B 54 -7.55 11.77 19.47
N ALA B 55 -7.24 11.90 20.76
CA ALA B 55 -6.15 11.15 21.35
C ALA B 55 -6.25 9.65 21.15
N ASP B 56 -5.06 9.03 21.15
CA ASP B 56 -4.88 7.60 21.32
C ASP B 56 -5.23 6.82 20.08
N LYS B 57 -5.38 5.50 20.22
CA LYS B 57 -5.64 4.60 19.08
C LYS B 57 -4.58 4.77 17.97
N ASN B 58 -3.31 4.75 18.36
CA ASN B 58 -2.25 5.12 17.45
C ASN B 58 -1.52 3.97 16.73
N ALA B 59 -1.86 2.71 17.06
CA ALA B 59 -1.09 1.54 16.61
C ALA B 59 -0.78 1.57 15.15
N LYS B 60 -1.80 1.75 14.32
CA LYS B 60 -1.68 1.67 12.87
C LYS B 60 -0.83 2.82 12.32
N LEU B 61 -0.84 3.96 13.03
CA LEU B 61 0.08 5.03 12.67
C LEU B 61 1.53 4.57 12.92
N ILE B 62 1.81 3.98 14.09
CA ILE B 62 3.15 3.45 14.30
C ILE B 62 3.49 2.37 13.25
N SER B 63 2.48 1.61 12.86
CA SER B 63 2.71 0.58 11.85
C SER B 63 3.16 1.26 10.56
N GLY B 64 2.53 2.41 10.25
CA GLY B 64 2.92 3.21 9.11
C GLY B 64 4.39 3.56 9.15
N ALA B 65 4.82 4.16 10.26
CA ALA B 65 6.20 4.55 10.48
C ALA B 65 7.05 3.31 10.24
N TYR B 66 6.68 2.22 10.88
CA TYR B 66 7.48 1.01 10.78
C TYR B 66 7.59 0.63 9.29
N SER B 67 6.49 0.70 8.56
CA SER B 67 6.50 0.34 7.16
C SER B 67 7.49 1.21 6.37
N VAL B 68 7.55 2.50 6.73
CA VAL B 68 8.40 3.46 6.02
C VAL B 68 9.85 3.15 6.31
N ILE B 69 10.17 2.90 7.58
CA ILE B 69 11.56 2.59 7.94
C ILE B 69 11.99 1.27 7.34
N SER B 70 11.04 0.39 7.11
CA SER B 70 11.29 -0.85 6.42
C SER B 70 11.81 -0.58 5.03
N ALA B 71 11.20 0.41 4.36
CA ALA B 71 11.56 0.75 3.00
C ALA B 71 12.93 1.45 2.97
N VAL B 72 13.17 2.33 3.94
CA VAL B 72 14.48 2.90 4.16
C VAL B 72 15.51 1.77 4.25
N ASP B 73 15.22 0.84 5.14
CA ASP B 73 16.09 -0.28 5.39
C ASP B 73 16.48 -1.04 4.11
N THR B 74 15.47 -1.32 3.30
CA THR B 74 15.64 -2.08 2.06
C THR B 74 16.45 -1.29 1.05
N LYS B 75 16.20 0.03 0.99
CA LYS B 75 16.95 0.92 0.10
C LYS B 75 18.45 0.98 0.45
N LEU B 76 18.76 1.09 1.75
CA LEU B 76 20.15 1.13 2.20
C LEU B 76 20.84 -0.19 1.94
N ALA B 77 20.15 -1.29 2.17
CA ALA B 77 20.67 -2.64 1.85
C ALA B 77 21.17 -2.67 0.43
N SER B 78 20.43 -2.02 -0.45
CA SER B 78 20.75 -2.03 -1.84
C SER B 78 21.91 -1.03 -2.17
N LEU B 79 21.88 0.15 -1.55
CA LEU B 79 22.99 1.11 -1.62
C LEU B 79 24.33 0.49 -1.15
N GLU B 80 24.30 -0.19 0.00
CA GLU B 80 25.49 -0.85 0.56
C GLU B 80 26.21 -1.65 -0.53
N LYS B 81 25.45 -2.03 -1.56
CA LYS B 81 25.91 -2.92 -2.64
C LYS B 81 26.50 -2.23 -3.83
N LYS B 82 26.23 -0.94 -3.99
CA LYS B 82 26.63 -0.24 -5.22
C LYS B 82 28.15 -0.24 -5.42
N VAL B 83 28.54 -0.39 -6.69
CA VAL B 83 29.95 -0.56 -7.04
C VAL B 83 30.62 0.79 -7.22
N GLY B 84 31.88 0.89 -6.82
CA GLY B 84 32.68 2.08 -7.06
C GLY B 84 32.51 3.19 -6.04
N ILE B 85 31.74 2.93 -4.99
CA ILE B 85 31.65 3.84 -3.86
C ILE B 85 32.96 3.80 -3.07
N SER B 86 33.34 4.95 -2.51
CA SER B 86 34.55 5.02 -1.67
C SER B 86 34.32 4.33 -0.32
N ASP B 87 35.34 3.67 0.21
CA ASP B 87 35.26 3.00 1.50
C ASP B 87 34.57 3.92 2.54
N ASP B 88 35.04 5.16 2.58
CA ASP B 88 34.44 6.25 3.36
C ASP B 88 32.91 6.25 3.32
N LEU B 89 32.36 6.41 2.12
CA LEU B 89 30.92 6.51 1.95
C LEU B 89 30.18 5.22 2.26
N LYS B 90 30.83 4.07 1.98
CA LYS B 90 30.29 2.77 2.33
C LYS B 90 30.10 2.66 3.84
N GLY B 91 31.11 3.11 4.60
CA GLY B 91 31.03 3.23 6.03
C GLY B 91 29.88 4.10 6.52
N LYS B 92 29.75 5.29 5.95
CA LYS B 92 28.63 6.15 6.31
C LYS B 92 27.29 5.48 6.01
N ILE B 93 27.23 4.66 4.95
CA ILE B 93 26.02 3.91 4.58
C ILE B 93 25.70 2.87 5.64
N THR B 94 26.72 2.11 6.05
CA THR B 94 26.57 1.08 7.05
C THR B 94 26.06 1.68 8.33
N THR B 95 26.64 2.80 8.75
CA THR B 95 26.09 3.49 9.92
C THR B 95 24.57 3.77 9.82
N VAL B 96 24.08 4.21 8.65
CA VAL B 96 22.63 4.40 8.48
C VAL B 96 21.87 3.07 8.55
N LYS B 97 22.31 2.10 7.76
CA LYS B 97 21.67 0.79 7.71
C LYS B 97 21.58 0.14 9.10
N ASN B 98 22.66 0.20 9.87
CA ASN B 98 22.68 -0.28 11.24
C ASN B 98 21.61 0.42 12.06
N ALA B 99 21.53 1.75 11.93
CA ALA B 99 20.59 2.56 12.66
C ALA B 99 19.15 2.17 12.26
N SER B 100 18.92 1.94 10.98
CA SER B 100 17.60 1.56 10.50
C SER B 100 17.18 0.19 11.05
N THR B 101 18.07 -0.81 10.90
CA THR B 101 17.80 -2.13 11.45
C THR B 101 17.50 -2.06 12.95
N SER B 102 18.31 -1.27 13.66
CA SER B 102 18.13 -1.00 15.08
C SER B 102 16.73 -0.52 15.44
N PHE B 103 16.23 0.45 14.67
CA PHE B 103 14.90 0.98 14.91
C PHE B 103 13.84 -0.15 14.77
N LEU B 104 13.89 -0.91 13.68
CA LEU B 104 12.96 -2.01 13.41
C LEU B 104 13.01 -3.09 14.49
N THR B 105 14.21 -3.46 14.92
CA THR B 105 14.40 -4.42 15.98
C THR B 105 13.78 -3.92 17.28
N LYS B 106 14.00 -2.65 17.62
CA LYS B 106 13.44 -2.08 18.85
C LYS B 106 11.91 -2.09 18.84
N ALA B 107 11.32 -1.61 17.74
CA ALA B 107 9.88 -1.57 17.57
C ALA B 107 9.29 -2.97 17.71
N LYS B 108 9.84 -3.93 16.98
CA LYS B 108 9.38 -5.29 17.06
C LYS B 108 9.38 -5.74 18.48
N SER B 109 10.44 -5.38 19.20
CA SER B 109 10.60 -5.92 20.55
C SER B 109 9.59 -5.27 21.49
N LYS B 110 9.04 -4.12 21.08
CA LYS B 110 7.98 -3.45 21.87
C LYS B 110 6.56 -3.70 21.31
N THR B 111 6.39 -4.82 20.63
CA THR B 111 5.09 -5.23 20.10
C THR B 111 3.96 -5.10 21.13
N ALA B 112 4.18 -5.60 22.34
CA ALA B 112 3.14 -5.56 23.38
C ALA B 112 2.66 -4.14 23.68
N ASP B 113 3.56 -3.18 23.52
CA ASP B 113 3.23 -1.77 23.73
C ASP B 113 2.72 -1.05 22.52
N LEU B 114 3.19 -1.44 21.34
CA LEU B 114 2.94 -0.63 20.12
C LEU B 114 1.89 -1.22 19.23
N GLY B 115 1.53 -2.47 19.49
CA GLY B 115 0.62 -3.19 18.64
C GLY B 115 -0.70 -3.44 19.30
N LYS B 116 -0.85 -2.97 20.52
CA LYS B 116 -2.08 -3.17 21.25
C LYS B 116 -3.23 -2.30 20.72
N ASP B 117 -4.46 -2.71 21.06
CA ASP B 117 -5.70 -2.04 20.66
C ASP B 117 -5.80 -0.54 20.89
N ASP B 118 -5.06 -0.02 21.84
CA ASP B 118 -5.12 1.41 22.09
C ASP B 118 -3.75 1.92 22.53
N VAL B 119 -2.91 2.28 21.56
CA VAL B 119 -1.62 2.88 21.91
C VAL B 119 -1.87 4.35 22.21
N LYS B 120 -1.64 4.73 23.47
CA LYS B 120 -1.79 6.13 23.89
C LYS B 120 -0.72 7.06 23.27
N ASP B 121 -1.09 8.33 23.11
CA ASP B 121 -0.21 9.38 22.57
C ASP B 121 1.21 9.32 23.13
N ALA B 122 1.32 9.26 24.46
CA ALA B 122 2.62 9.23 25.12
C ALA B 122 3.50 8.11 24.57
N ASP B 123 2.94 6.91 24.44
CA ASP B 123 3.72 5.77 24.00
C ASP B 123 4.09 5.88 22.52
N ALA B 124 3.18 6.40 21.72
CA ALA B 124 3.42 6.57 20.30
C ALA B 124 4.59 7.53 20.12
N LYS B 125 4.64 8.59 20.94
CA LYS B 125 5.78 9.49 20.95
C LYS B 125 7.11 8.82 21.29
N THR B 126 7.11 7.87 22.22
CA THR B 126 8.34 7.11 22.54
C THR B 126 8.84 6.18 21.40
N ALA B 127 8.02 6.03 20.37
CA ALA B 127 8.37 5.21 19.24
C ALA B 127 8.87 6.04 18.06
N ILE B 128 8.15 7.09 17.72
CA ILE B 128 8.35 7.75 16.44
C ILE B 128 8.47 9.26 16.49
N ASP B 129 8.54 9.84 17.69
CA ASP B 129 8.64 11.28 17.77
C ASP B 129 10.01 11.72 18.30
N ILE B 130 10.86 12.21 17.41
CA ILE B 130 12.21 12.64 17.81
C ILE B 130 12.29 13.84 18.77
N ALA B 131 11.19 14.57 18.95
CA ALA B 131 11.13 15.69 19.91
C ALA B 131 10.45 15.25 21.20
N ASP B 132 10.31 13.95 21.36
CA ASP B 132 9.64 13.38 22.53
C ASP B 132 10.37 13.81 23.83
N THR B 133 9.66 14.50 24.73
CA THR B 133 10.19 14.82 26.06
C THR B 133 10.05 13.66 27.05
N GLY B 134 9.34 12.60 26.66
CA GLY B 134 9.24 11.41 27.50
C GLY B 134 10.48 10.55 27.35
N ALA B 135 10.43 9.29 27.77
CA ALA B 135 11.51 8.36 27.50
C ALA B 135 11.49 8.14 26.02
N LYS B 136 12.60 7.70 25.44
CA LYS B 136 12.55 7.50 24.00
C LYS B 136 12.70 6.00 23.77
N ASP B 137 11.94 5.27 24.57
CA ASP B 137 12.26 3.88 24.87
C ASP B 137 11.57 2.85 24.01
N LYS B 138 10.87 3.30 22.96
CA LYS B 138 10.13 2.38 22.10
C LYS B 138 10.39 2.60 20.62
N GLY B 139 11.55 3.14 20.30
CA GLY B 139 11.91 3.49 18.94
C GLY B 139 12.51 4.88 18.78
N ALA B 140 12.03 5.85 19.53
CA ALA B 140 12.43 7.26 19.31
C ALA B 140 13.93 7.47 19.34
N GLU B 141 14.59 6.86 20.30
CA GLU B 141 16.02 7.01 20.44
C GLU B 141 16.68 6.48 19.16
N GLU B 142 16.25 5.30 18.73
CA GLU B 142 16.81 4.69 17.53
C GLU B 142 16.52 5.55 16.29
N LEU B 143 15.35 6.17 16.26
CA LEU B 143 15.02 7.11 15.22
C LEU B 143 15.92 8.33 15.22
N ILE B 144 16.31 8.80 16.40
CA ILE B 144 17.20 9.97 16.44
C ILE B 144 18.56 9.61 15.86
N LYS B 145 19.04 8.44 16.23
CA LYS B 145 20.31 7.93 15.77
C LYS B 145 20.30 7.76 14.25
N LEU B 146 19.18 7.24 13.72
CA LEU B 146 19.02 7.13 12.28
C LEU B 146 19.09 8.50 11.61
N ASN B 147 18.42 9.50 12.20
CA ASN B 147 18.38 10.83 11.66
C ASN B 147 19.80 11.43 11.59
N THR B 148 20.57 11.20 12.65
CA THR B 148 21.93 11.71 12.66
C THR B 148 22.76 11.04 11.57
N ALA B 149 22.63 9.72 11.46
CA ALA B 149 23.39 8.94 10.48
C ALA B 149 23.04 9.28 9.05
N ILE B 150 21.77 9.35 8.71
CA ILE B 150 21.42 9.80 7.37
C ILE B 150 21.81 11.27 7.06
N ASP B 151 21.79 12.15 8.07
CA ASP B 151 22.19 13.55 7.84
C ASP B 151 23.68 13.56 7.46
N ALA B 152 24.47 12.74 8.16
CA ALA B 152 25.90 12.60 7.87
C ALA B 152 26.14 12.12 6.42
N LEU B 153 25.47 11.03 6.06
CA LEU B 153 25.62 10.49 4.72
C LEU B 153 25.20 11.47 3.65
N LEU B 154 24.09 12.19 3.86
CA LEU B 154 23.60 13.16 2.89
C LEU B 154 24.58 14.32 2.73
N THR B 155 25.11 14.78 3.85
CA THR B 155 26.09 15.84 3.83
C THR B 155 27.26 15.43 2.93
N SER B 156 27.74 14.20 3.11
CA SER B 156 28.86 13.67 2.34
C SER B 156 28.52 13.53 0.86
N ALA B 157 27.32 13.03 0.59
CA ALA B 157 26.92 12.78 -0.78
C ALA B 157 26.78 14.09 -1.53
N GLU B 158 26.19 15.08 -0.88
CA GLU B 158 26.04 16.40 -1.49
C GLU B 158 27.37 17.13 -1.64
N ALA B 159 28.30 16.89 -0.71
CA ALA B 159 29.64 17.46 -0.80
C ALA B 159 30.34 16.95 -2.07
N ALA B 160 30.14 15.66 -2.37
CA ALA B 160 30.75 15.04 -3.54
C ALA B 160 30.21 15.66 -4.83
N VAL B 161 28.90 15.97 -4.84
CA VAL B 161 28.26 16.60 -5.99
C VAL B 161 28.86 17.98 -6.21
N THR B 162 28.95 18.76 -5.15
CA THR B 162 29.58 20.06 -5.19
C THR B 162 31.05 20.00 -5.70
N ALA B 163 31.83 19.08 -5.16
CA ALA B 163 33.22 18.89 -5.56
C ALA B 163 33.34 18.50 -7.03
N ALA B 164 32.42 17.66 -7.49
CA ALA B 164 32.45 17.17 -8.85
C ALA B 164 32.03 18.24 -9.82
N ILE B 165 31.18 19.17 -9.38
CA ILE B 165 30.76 20.30 -10.21
C ILE B 165 31.87 21.32 -10.24
N ASN B 166 32.44 21.63 -9.08
CA ASN B 166 33.50 22.63 -9.11
C ASN B 166 34.89 22.17 -9.59
N ALA B 167 35.23 20.88 -9.45
CA ALA B 167 36.43 20.34 -10.09
C ALA B 167 36.33 20.55 -11.61
N LEU B 168 35.11 20.75 -12.09
CA LEU B 168 34.88 21.14 -13.49
C LEU B 168 35.94 22.10 -13.89
N VAL C 5 13.78 1.08 -33.29
CA VAL C 5 13.72 2.30 -32.43
C VAL C 5 12.58 2.20 -31.39
N ILE C 6 12.58 1.13 -30.57
CA ILE C 6 11.45 0.87 -29.65
C ILE C 6 11.59 1.57 -28.29
N ASP C 7 10.46 2.07 -27.76
CA ASP C 7 10.49 2.86 -26.53
C ASP C 7 10.25 2.03 -25.28
N LEU C 8 11.33 1.43 -24.78
CA LEU C 8 11.32 0.65 -23.54
C LEU C 8 10.32 1.14 -22.52
N ALA C 9 10.28 2.46 -22.31
CA ALA C 9 9.42 3.02 -21.26
C ALA C 9 7.92 2.96 -21.56
N THR C 10 7.52 3.22 -22.81
CA THR C 10 6.12 3.10 -23.23
C THR C 10 5.66 1.64 -23.12
N ILE C 11 6.54 0.73 -23.56
CA ILE C 11 6.29 -0.72 -23.50
C ILE C 11 6.15 -1.19 -22.06
N THR C 12 7.02 -0.69 -21.19
CA THR C 12 6.99 -0.96 -19.76
C THR C 12 5.70 -0.46 -19.09
N LYS C 13 5.30 0.79 -19.39
CA LYS C 13 4.06 1.32 -18.81
C LYS C 13 2.90 0.45 -19.22
N ASN C 14 2.85 0.12 -20.50
CA ASN C 14 1.80 -0.72 -21.04
C ASN C 14 1.62 -2.03 -20.36
N ILE C 15 2.74 -2.68 -20.00
CA ILE C 15 2.62 -3.95 -19.31
C ILE C 15 2.18 -3.79 -17.87
N THR C 16 2.75 -2.81 -17.16
CA THR C 16 2.29 -2.49 -15.81
C THR C 16 0.81 -2.14 -15.80
N ASP C 17 0.38 -1.22 -16.68
CA ASP C 17 -1.02 -0.86 -16.81
C ASP C 17 -1.95 -2.08 -17.00
N ALA C 18 -1.60 -2.95 -17.96
CA ALA C 18 -2.41 -4.10 -18.33
C ALA C 18 -2.41 -5.14 -17.23
N VAL C 19 -1.27 -5.29 -16.55
CA VAL C 19 -1.20 -6.16 -15.39
C VAL C 19 -2.09 -5.62 -14.21
N ALA C 20 -2.07 -4.32 -13.94
CA ALA C 20 -2.86 -3.75 -12.85
C ALA C 20 -4.34 -3.98 -13.14
N PHE C 21 -4.72 -3.75 -14.40
CA PHE C 21 -6.10 -3.96 -14.82
C PHE C 21 -6.51 -5.43 -14.67
N ALA C 22 -5.63 -6.34 -15.09
CA ALA C 22 -5.99 -7.74 -15.03
C ALA C 22 -6.12 -8.13 -13.57
N LYS C 23 -5.35 -7.50 -12.70
CA LYS C 23 -5.36 -7.84 -11.29
C LYS C 23 -6.76 -7.52 -10.73
N SER C 24 -7.28 -6.35 -11.02
CA SER C 24 -8.62 -6.04 -10.59
C SER C 24 -9.64 -7.03 -11.16
N VAL C 25 -9.54 -7.33 -12.46
CA VAL C 25 -10.50 -8.25 -13.06
C VAL C 25 -10.38 -9.63 -12.43
N LYS C 26 -9.18 -10.14 -12.32
CA LYS C 26 -8.98 -11.46 -11.74
C LYS C 26 -9.54 -11.52 -10.29
N ASP C 27 -9.38 -10.44 -9.53
CA ASP C 27 -9.97 -10.35 -8.19
C ASP C 27 -11.49 -10.57 -8.25
N VAL C 28 -12.14 -9.85 -9.15
CA VAL C 28 -13.56 -10.05 -9.39
C VAL C 28 -13.87 -11.48 -9.86
N HIS C 29 -13.12 -12.05 -10.78
CA HIS C 29 -13.47 -13.41 -11.20
C HIS C 29 -13.40 -14.42 -10.05
N THR C 30 -12.36 -14.31 -9.21
CA THR C 30 -12.20 -15.21 -8.08
C THR C 30 -13.40 -15.12 -7.15
N LEU C 31 -13.84 -13.90 -6.82
CA LEU C 31 -14.96 -13.71 -5.94
C LEU C 31 -16.17 -14.38 -6.51
N VAL C 32 -16.38 -14.24 -7.83
CA VAL C 32 -17.56 -14.83 -8.47
C VAL C 32 -17.45 -16.33 -8.40
N LYS C 33 -16.36 -16.91 -8.89
CA LYS C 33 -16.10 -18.34 -8.77
C LYS C 33 -16.26 -18.88 -7.35
N SER C 34 -15.92 -18.08 -6.35
CA SER C 34 -16.04 -18.52 -4.97
C SER C 34 -17.48 -18.89 -4.57
N ILE C 35 -18.47 -18.45 -5.31
CA ILE C 35 -19.83 -18.78 -4.96
C ILE C 35 -20.00 -20.27 -5.16
N ASP C 36 -19.18 -20.85 -6.05
CA ASP C 36 -19.22 -22.30 -6.26
C ASP C 36 -18.75 -23.02 -5.01
N GLU C 37 -17.79 -22.43 -4.31
CA GLU C 37 -17.34 -22.99 -3.06
C GLU C 37 -18.45 -22.91 -2.03
N LEU C 38 -19.18 -21.81 -2.04
CA LEU C 38 -20.26 -21.64 -1.08
C LEU C 38 -21.39 -22.66 -1.31
N ALA C 39 -21.69 -22.90 -2.59
CA ALA C 39 -22.76 -23.83 -2.97
C ALA C 39 -22.46 -25.26 -2.56
N LYS C 40 -21.17 -25.59 -2.53
CA LYS C 40 -20.72 -26.88 -2.03
C LYS C 40 -21.17 -27.08 -0.58
N ALA C 41 -21.43 -25.97 0.11
CA ALA C 41 -21.73 -26.00 1.54
C ALA C 41 -23.22 -26.03 1.87
N ILE C 42 -24.06 -25.81 0.86
CA ILE C 42 -25.50 -25.95 1.01
C ILE C 42 -25.85 -27.26 1.71
N GLY C 43 -26.59 -27.14 2.82
CA GLY C 43 -27.06 -28.31 3.54
C GLY C 43 -25.93 -29.15 4.11
N LYS C 44 -24.81 -28.51 4.38
CA LYS C 44 -23.65 -29.18 4.98
C LYS C 44 -23.26 -28.49 6.29
N LYS C 45 -22.87 -29.30 7.27
CA LYS C 45 -22.33 -28.78 8.53
C LYS C 45 -20.84 -29.09 8.58
N ILE C 46 -20.10 -28.35 9.39
CA ILE C 46 -18.72 -28.69 9.71
C ILE C 46 -18.73 -29.83 10.73
N GLY C 47 -18.17 -30.97 10.36
CA GLY C 47 -18.07 -32.11 11.26
C GLY C 47 -16.63 -32.45 11.60
N ALA C 48 -16.43 -33.46 12.41
CA ALA C 48 -15.08 -33.87 12.78
C ALA C 48 -14.10 -34.03 11.59
N ASN C 49 -14.62 -34.38 10.40
CA ASN C 49 -13.76 -34.71 9.26
C ASN C 49 -13.99 -33.89 8.02
N GLY C 50 -14.62 -32.74 8.19
CA GLY C 50 -14.93 -31.87 7.08
C GLY C 50 -16.42 -31.68 6.96
N LEU C 51 -16.85 -31.19 5.81
CA LEU C 51 -18.26 -31.01 5.53
C LEU C 51 -19.01 -32.37 5.55
N GLU C 52 -20.15 -32.36 6.23
CA GLU C 52 -21.00 -33.52 6.34
C GLU C 52 -22.43 -33.06 6.12
N THR C 53 -23.30 -33.96 5.70
CA THR C 53 -24.69 -33.64 5.39
C THR C 53 -25.48 -33.25 6.64
N ASP C 54 -26.10 -32.07 6.58
CA ASP C 54 -27.12 -31.62 7.54
C ASP C 54 -28.01 -30.63 6.81
N ALA C 55 -29.04 -31.18 6.17
CA ALA C 55 -29.90 -30.47 5.25
C ALA C 55 -30.48 -29.16 5.78
N ASP C 56 -30.70 -28.25 4.83
CA ASP C 56 -31.53 -27.05 5.01
C ASP C 56 -30.88 -26.00 5.91
N LYS C 57 -31.70 -25.09 6.46
CA LYS C 57 -31.22 -23.99 7.30
C LYS C 57 -30.15 -23.16 6.61
N ASN C 58 -30.38 -22.85 5.33
CA ASN C 58 -29.31 -22.26 4.50
C ASN C 58 -29.28 -20.75 4.38
N ALA C 59 -30.25 -20.07 4.97
CA ALA C 59 -30.39 -18.61 4.84
C ALA C 59 -29.06 -17.82 4.93
N LYS C 60 -28.31 -18.06 5.99
CA LYS C 60 -27.11 -17.29 6.28
C LYS C 60 -26.01 -17.61 5.28
N LEU C 61 -26.03 -18.82 4.73
CA LEU C 61 -25.10 -19.14 3.67
C LEU C 61 -25.43 -18.32 2.44
N ILE C 62 -26.70 -18.24 2.05
CA ILE C 62 -27.05 -17.39 0.93
C ILE C 62 -26.78 -15.91 1.25
N SER C 63 -26.94 -15.53 2.52
CA SER C 63 -26.55 -14.19 2.94
C SER C 63 -25.07 -13.94 2.61
N GLY C 64 -24.25 -14.95 2.90
CA GLY C 64 -22.82 -14.88 2.60
C GLY C 64 -22.59 -14.62 1.14
N ALA C 65 -23.21 -15.46 0.30
CA ALA C 65 -23.11 -15.33 -1.13
C ALA C 65 -23.50 -13.91 -1.53
N TYR C 66 -24.62 -13.43 -0.99
CA TYR C 66 -25.06 -12.10 -1.35
C TYR C 66 -24.00 -11.07 -0.99
N SER C 67 -23.40 -11.24 0.19
CA SER C 67 -22.37 -10.32 0.66
C SER C 67 -21.22 -10.27 -0.30
N VAL C 68 -20.83 -11.46 -0.78
CA VAL C 68 -19.69 -11.59 -1.67
C VAL C 68 -19.97 -10.90 -3.01
N ILE C 69 -21.15 -11.12 -3.57
CA ILE C 69 -21.48 -10.50 -4.83
C ILE C 69 -21.73 -9.00 -4.63
N SER C 70 -22.08 -8.57 -3.41
CA SER C 70 -22.12 -7.13 -3.15
C SER C 70 -20.71 -6.54 -3.34
N ALA C 71 -19.69 -7.26 -2.87
CA ALA C 71 -18.32 -6.77 -2.97
C ALA C 71 -17.93 -6.71 -4.44
N VAL C 72 -18.23 -7.79 -5.19
CA VAL C 72 -18.05 -7.82 -6.65
C VAL C 72 -18.67 -6.55 -7.22
N ASP C 73 -19.93 -6.31 -6.89
CA ASP C 73 -20.60 -5.18 -7.46
C ASP C 73 -19.85 -3.86 -7.22
N THR C 74 -19.40 -3.67 -5.98
CA THR C 74 -18.70 -2.44 -5.57
C THR C 74 -17.40 -2.31 -6.34
N LYS C 75 -16.69 -3.43 -6.48
CA LYS C 75 -15.42 -3.46 -7.17
C LYS C 75 -15.56 -3.07 -8.62
N LEU C 76 -16.59 -3.60 -9.27
CA LEU C 76 -16.89 -3.25 -10.66
C LEU C 76 -17.30 -1.77 -10.82
N ALA C 77 -18.10 -1.26 -9.90
CA ALA C 77 -18.49 0.15 -9.94
C ALA C 77 -17.23 1.04 -9.98
N SER C 78 -16.15 0.59 -9.33
CA SER C 78 -14.93 1.37 -9.27
C SER C 78 -14.15 1.21 -10.56
N LEU C 79 -14.05 -0.04 -11.01
CA LEU C 79 -13.48 -0.38 -12.30
C LEU C 79 -14.08 0.46 -13.45
N GLU C 80 -15.41 0.52 -13.51
CA GLU C 80 -16.12 1.31 -14.52
C GLU C 80 -15.52 2.72 -14.65
N LYS C 81 -14.95 3.21 -13.55
CA LYS C 81 -14.48 4.59 -13.48
C LYS C 81 -13.01 4.77 -13.86
N LYS C 82 -12.28 3.67 -14.02
CA LYS C 82 -10.86 3.69 -14.35
C LYS C 82 -10.59 4.58 -15.54
N VAL C 83 -9.54 5.41 -15.42
CA VAL C 83 -9.13 6.28 -16.56
C VAL C 83 -8.30 5.52 -17.62
N GLY C 84 -8.48 5.86 -18.90
CA GLY C 84 -7.63 5.34 -19.94
C GLY C 84 -7.97 3.95 -20.44
N ILE C 85 -9.00 3.32 -19.86
CA ILE C 85 -9.57 2.08 -20.37
C ILE C 85 -10.20 2.28 -21.77
N SER C 86 -10.04 1.29 -22.66
CA SER C 86 -10.68 1.35 -23.99
C SER C 86 -12.19 1.25 -23.83
N ASP C 87 -12.93 1.93 -24.68
CA ASP C 87 -14.38 1.76 -24.63
C ASP C 87 -14.82 0.31 -24.69
N ASP C 88 -14.22 -0.51 -25.57
CA ASP C 88 -14.44 -1.96 -25.57
C ASP C 88 -14.41 -2.55 -24.17
N LEU C 89 -13.32 -2.32 -23.44
CA LEU C 89 -13.16 -2.89 -22.11
C LEU C 89 -14.19 -2.37 -21.11
N LYS C 90 -14.43 -1.07 -21.17
CA LYS C 90 -15.48 -0.42 -20.37
C LYS C 90 -16.85 -1.08 -20.56
N GLY C 91 -17.24 -1.29 -21.83
CA GLY C 91 -18.38 -2.14 -22.15
C GLY C 91 -18.36 -3.53 -21.54
N LYS C 92 -17.31 -4.30 -21.74
CA LYS C 92 -17.19 -5.60 -21.11
C LYS C 92 -17.44 -5.49 -19.59
N ILE C 93 -16.88 -4.42 -18.96
CA ILE C 93 -17.07 -4.22 -17.53
C ILE C 93 -18.53 -3.95 -17.18
N THR C 94 -19.19 -3.15 -18.01
CA THR C 94 -20.57 -2.82 -17.74
C THR C 94 -21.48 -4.04 -17.83
N THR C 95 -21.25 -4.89 -18.83
CA THR C 95 -21.89 -6.20 -18.87
C THR C 95 -21.74 -6.97 -17.54
N VAL C 96 -20.55 -6.98 -16.93
CA VAL C 96 -20.40 -7.69 -15.67
C VAL C 96 -21.14 -6.99 -14.54
N LYS C 97 -20.99 -5.68 -14.40
CA LYS C 97 -21.69 -4.98 -13.32
C LYS C 97 -23.21 -5.06 -13.46
N ASN C 98 -23.72 -5.03 -14.69
CA ASN C 98 -25.14 -5.25 -14.88
C ASN C 98 -25.55 -6.58 -14.31
N ALA C 99 -24.75 -7.60 -14.64
CA ALA C 99 -25.04 -8.96 -14.22
C ALA C 99 -25.00 -9.08 -12.71
N SER C 100 -24.07 -8.41 -12.06
CA SER C 100 -24.04 -8.49 -10.63
C SER C 100 -25.18 -7.67 -9.98
N THR C 101 -25.44 -6.47 -10.48
CA THR C 101 -26.60 -5.75 -9.97
C THR C 101 -27.85 -6.63 -10.14
N SER C 102 -28.00 -7.27 -11.31
CA SER C 102 -29.18 -8.13 -11.51
C SER C 102 -29.27 -9.32 -10.54
N PHE C 103 -28.12 -9.89 -10.15
CA PHE C 103 -28.14 -10.95 -9.13
C PHE C 103 -28.66 -10.42 -7.80
N LEU C 104 -28.17 -9.25 -7.36
CA LEU C 104 -28.56 -8.70 -6.05
C LEU C 104 -30.00 -8.29 -6.07
N THR C 105 -30.43 -7.70 -7.19
CA THR C 105 -31.84 -7.38 -7.37
C THR C 105 -32.78 -8.60 -7.27
N LYS C 106 -32.41 -9.70 -7.93
CA LYS C 106 -33.18 -10.93 -7.89
C LYS C 106 -33.27 -11.50 -6.48
N ALA C 107 -32.11 -11.62 -5.84
CA ALA C 107 -32.02 -12.14 -4.48
C ALA C 107 -32.89 -11.35 -3.51
N LYS C 108 -32.73 -10.03 -3.52
CA LYS C 108 -33.56 -9.17 -2.70
C LYS C 108 -35.04 -9.40 -2.99
N SER C 109 -35.37 -9.59 -4.26
CA SER C 109 -36.76 -9.78 -4.66
C SER C 109 -37.32 -11.13 -4.15
N LYS C 110 -36.43 -12.08 -3.89
CA LYS C 110 -36.81 -13.38 -3.35
C LYS C 110 -36.53 -13.49 -1.85
N THR C 111 -36.56 -12.38 -1.14
CA THR C 111 -36.36 -12.35 0.32
C THR C 111 -37.26 -13.34 1.09
N ALA C 112 -38.54 -13.39 0.74
CA ALA C 112 -39.48 -14.29 1.39
C ALA C 112 -39.01 -15.74 1.31
N ASP C 113 -38.34 -16.09 0.21
CA ASP C 113 -37.87 -17.46 0.02
C ASP C 113 -36.47 -17.69 0.57
N LEU C 114 -35.60 -16.68 0.47
CA LEU C 114 -34.18 -16.83 0.81
C LEU C 114 -33.80 -16.38 2.21
N GLY C 115 -34.68 -15.61 2.86
CA GLY C 115 -34.42 -15.09 4.19
C GLY C 115 -35.22 -15.73 5.31
N LYS C 116 -36.07 -16.70 4.98
CA LYS C 116 -36.86 -17.37 6.00
C LYS C 116 -36.01 -18.30 6.88
N ASP C 117 -36.53 -18.61 8.06
CA ASP C 117 -35.81 -19.39 9.08
C ASP C 117 -35.32 -20.78 8.65
N ASP C 118 -35.84 -21.29 7.54
CA ASP C 118 -35.46 -22.61 7.07
C ASP C 118 -35.44 -22.66 5.56
N VAL C 119 -34.36 -22.20 4.95
CA VAL C 119 -34.24 -22.27 3.51
C VAL C 119 -33.73 -23.66 3.13
N LYS C 120 -34.61 -24.45 2.49
CA LYS C 120 -34.27 -25.81 2.05
C LYS C 120 -33.16 -25.82 0.96
N ASP C 121 -32.42 -26.93 0.92
CA ASP C 121 -31.36 -27.12 -0.05
C ASP C 121 -31.76 -26.75 -1.48
N ALA C 122 -32.87 -27.30 -1.96
CA ALA C 122 -33.34 -27.03 -3.31
C ALA C 122 -33.42 -25.51 -3.59
N ASP C 123 -34.04 -24.77 -2.68
CA ASP C 123 -34.19 -23.31 -2.77
C ASP C 123 -32.83 -22.64 -2.83
N ALA C 124 -31.93 -23.08 -1.95
CA ALA C 124 -30.58 -22.55 -1.88
C ALA C 124 -29.93 -22.71 -3.23
N LYS C 125 -29.99 -23.91 -3.76
CA LYS C 125 -29.47 -24.16 -5.10
C LYS C 125 -30.02 -23.18 -6.19
N THR C 126 -31.30 -22.81 -6.12
CA THR C 126 -31.92 -21.92 -7.13
C THR C 126 -31.42 -20.48 -7.02
N ALA C 127 -30.63 -20.21 -5.98
CA ALA C 127 -30.05 -18.88 -5.79
C ALA C 127 -28.56 -18.82 -6.13
N ILE C 128 -27.78 -19.77 -5.64
CA ILE C 128 -26.33 -19.68 -5.71
C ILE C 128 -25.62 -20.91 -6.29
N ASP C 129 -26.35 -21.87 -6.82
CA ASP C 129 -25.69 -23.02 -7.44
C ASP C 129 -25.81 -23.03 -8.96
N ILE C 130 -24.73 -22.70 -9.67
CA ILE C 130 -24.76 -22.63 -11.14
C ILE C 130 -25.00 -23.98 -11.83
N ALA C 131 -24.77 -25.09 -11.12
CA ALA C 131 -25.03 -26.44 -11.69
C ALA C 131 -26.38 -26.98 -11.24
N ASP C 132 -27.23 -26.08 -10.77
CA ASP C 132 -28.55 -26.48 -10.26
C ASP C 132 -29.41 -27.06 -11.38
N THR C 133 -29.88 -28.29 -11.17
CA THR C 133 -30.74 -28.97 -12.11
C THR C 133 -32.20 -28.53 -11.94
N GLY C 134 -32.47 -27.78 -10.86
CA GLY C 134 -33.81 -27.25 -10.62
C GLY C 134 -34.02 -25.98 -11.43
N ALA C 135 -35.04 -25.20 -11.11
CA ALA C 135 -35.20 -23.88 -11.73
C ALA C 135 -34.04 -23.04 -11.25
N LYS C 136 -33.71 -22.01 -11.99
CA LYS C 136 -32.63 -21.16 -11.54
C LYS C 136 -33.25 -19.83 -11.11
N ASP C 137 -34.36 -19.92 -10.40
CA ASP C 137 -35.32 -18.82 -10.33
C ASP C 137 -35.20 -17.91 -9.13
N LYS C 138 -34.11 -18.07 -8.36
CA LYS C 138 -33.88 -17.26 -7.15
C LYS C 138 -32.47 -16.64 -7.10
N GLY C 139 -31.81 -16.58 -8.25
CA GLY C 139 -30.49 -16.01 -8.33
C GLY C 139 -29.56 -16.79 -9.22
N ALA C 140 -29.73 -18.11 -9.30
CA ALA C 140 -28.80 -18.94 -10.05
C ALA C 140 -28.62 -18.52 -11.52
N GLU C 141 -29.72 -18.16 -12.17
CA GLU C 141 -29.70 -17.77 -13.57
C GLU C 141 -28.84 -16.53 -13.72
N GLU C 142 -29.06 -15.57 -12.83
CA GLU C 142 -28.30 -14.34 -12.85
C GLU C 142 -26.83 -14.59 -12.52
N LEU C 143 -26.58 -15.55 -11.64
CA LEU C 143 -25.22 -15.93 -11.30
C LEU C 143 -24.51 -16.56 -12.49
N ILE C 144 -25.23 -17.36 -13.28
CA ILE C 144 -24.62 -17.92 -14.49
C ILE C 144 -24.22 -16.78 -15.42
N LYS C 145 -25.13 -15.82 -15.61
CA LYS C 145 -24.87 -14.72 -16.54
C LYS C 145 -23.64 -13.95 -16.08
N LEU C 146 -23.56 -13.72 -14.77
CA LEU C 146 -22.44 -13.03 -14.14
C LEU C 146 -21.13 -13.78 -14.41
N ASN C 147 -21.17 -15.10 -14.28
CA ASN C 147 -20.06 -15.96 -14.63
C ASN C 147 -19.56 -15.80 -16.05
N THR C 148 -20.47 -15.82 -17.00
CA THR C 148 -20.13 -15.63 -18.41
C THR C 148 -19.49 -14.27 -18.64
N ALA C 149 -20.08 -13.26 -18.01
CA ALA C 149 -19.70 -11.89 -18.24
C ALA C 149 -18.31 -11.64 -17.71
N ILE C 150 -18.03 -12.05 -16.48
CA ILE C 150 -16.66 -11.92 -15.96
C ILE C 150 -15.64 -12.83 -16.65
N ASP C 151 -16.05 -14.02 -17.13
CA ASP C 151 -15.13 -14.85 -17.94
C ASP C 151 -14.67 -14.07 -19.20
N ALA C 152 -15.61 -13.38 -19.85
CA ALA C 152 -15.29 -12.59 -21.04
C ALA C 152 -14.36 -11.40 -20.71
N LEU C 153 -14.68 -10.65 -19.65
CA LEU C 153 -13.80 -9.60 -19.17
C LEU C 153 -12.39 -10.12 -18.91
N LEU C 154 -12.29 -11.21 -18.15
CA LEU C 154 -11.01 -11.76 -17.78
C LEU C 154 -10.21 -12.17 -19.02
N THR C 155 -10.89 -12.84 -19.95
CA THR C 155 -10.23 -13.23 -21.18
C THR C 155 -9.56 -12.01 -21.82
N SER C 156 -10.31 -10.91 -21.95
CA SER C 156 -9.81 -9.70 -22.60
C SER C 156 -8.66 -9.11 -21.82
N ALA C 157 -8.79 -9.09 -20.50
CA ALA C 157 -7.80 -8.45 -19.64
C ALA C 157 -6.48 -9.20 -19.76
N GLU C 158 -6.56 -10.53 -19.71
CA GLU C 158 -5.40 -11.39 -19.83
C GLU C 158 -4.81 -11.29 -21.21
N ALA C 159 -5.67 -11.15 -22.23
CA ALA C 159 -5.20 -10.98 -23.63
C ALA C 159 -4.32 -9.75 -23.72
N ALA C 160 -4.76 -8.67 -23.07
CA ALA C 160 -4.07 -7.42 -23.13
C ALA C 160 -2.68 -7.51 -22.47
N VAL C 161 -2.60 -8.25 -21.36
CA VAL C 161 -1.34 -8.53 -20.68
C VAL C 161 -0.36 -9.25 -21.62
N THR C 162 -0.82 -10.33 -22.23
CA THR C 162 0.05 -11.06 -23.15
C THR C 162 0.44 -10.22 -24.36
N ALA C 163 -0.48 -9.40 -24.88
CA ALA C 163 -0.21 -8.51 -26.00
C ALA C 163 0.87 -7.49 -25.63
N ALA C 164 0.77 -7.01 -24.39
CA ALA C 164 1.69 -6.03 -23.82
C ALA C 164 3.08 -6.60 -23.59
N ILE C 165 3.15 -7.86 -23.19
CA ILE C 165 4.42 -8.51 -22.97
C ILE C 165 5.02 -8.87 -24.33
N ASN C 166 4.19 -9.36 -25.26
CA ASN C 166 4.72 -9.78 -26.57
C ASN C 166 5.06 -8.61 -27.51
N ALA C 167 4.31 -7.49 -27.42
CA ALA C 167 4.63 -6.27 -28.17
C ALA C 167 6.08 -5.90 -27.90
N LEU C 168 6.51 -6.24 -26.69
CA LEU C 168 7.90 -5.99 -26.25
C LEU C 168 8.87 -6.25 -27.39
N VAL D 5 24.06 -5.42 -28.62
CA VAL D 5 24.23 -6.04 -27.29
C VAL D 5 23.05 -5.59 -26.40
N ILE D 6 22.12 -6.53 -26.13
CA ILE D 6 20.95 -6.33 -25.27
C ILE D 6 20.43 -7.74 -24.92
N ASP D 7 19.17 -7.91 -24.42
CA ASP D 7 18.49 -9.24 -24.34
C ASP D 7 16.99 -9.27 -24.02
N LEU D 8 16.19 -9.97 -24.82
CA LEU D 8 14.73 -9.84 -24.73
C LEU D 8 13.94 -11.09 -24.39
N ALA D 9 14.31 -12.23 -24.98
CA ALA D 9 13.59 -13.48 -24.76
C ALA D 9 13.57 -13.96 -23.29
N THR D 10 14.74 -13.92 -22.66
CA THR D 10 14.92 -14.32 -21.26
C THR D 10 14.15 -13.38 -20.34
N ILE D 11 14.21 -12.08 -20.67
CA ILE D 11 13.50 -11.04 -19.91
C ILE D 11 11.99 -11.23 -20.01
N THR D 12 11.50 -11.51 -21.21
CA THR D 12 10.07 -11.76 -21.45
C THR D 12 9.59 -13.02 -20.74
N LYS D 13 10.32 -14.12 -20.84
CA LYS D 13 10.00 -15.35 -20.13
C LYS D 13 9.85 -15.06 -18.65
N ASN D 14 10.83 -14.34 -18.10
CA ASN D 14 10.82 -13.92 -16.70
C ASN D 14 9.58 -13.14 -16.27
N ILE D 15 9.14 -12.18 -17.07
CA ILE D 15 7.92 -11.44 -16.79
C ILE D 15 6.69 -12.36 -16.81
N THR D 16 6.58 -13.19 -17.86
CA THR D 16 5.48 -14.14 -18.01
C THR D 16 5.39 -15.12 -16.83
N ASP D 17 6.52 -15.73 -16.46
CA ASP D 17 6.65 -16.60 -15.31
C ASP D 17 6.25 -15.93 -13.99
N ALA D 18 6.77 -14.73 -13.76
CA ALA D 18 6.48 -13.99 -12.55
C ALA D 18 5.01 -13.56 -12.46
N VAL D 19 4.43 -13.18 -13.61
CA VAL D 19 3.04 -12.80 -13.70
C VAL D 19 2.11 -14.02 -13.45
N ALA D 20 2.46 -15.16 -14.06
CA ALA D 20 1.73 -16.43 -13.87
C ALA D 20 1.69 -16.83 -12.41
N PHE D 21 2.84 -16.82 -11.75
CA PHE D 21 2.91 -17.10 -10.33
C PHE D 21 2.14 -16.09 -9.47
N ALA D 22 2.20 -14.81 -9.80
CA ALA D 22 1.43 -13.82 -9.05
C ALA D 22 -0.04 -14.08 -9.21
N LYS D 23 -0.43 -14.55 -10.40
CA LYS D 23 -1.83 -14.87 -10.72
C LYS D 23 -2.35 -15.85 -9.68
N SER D 24 -1.66 -16.96 -9.53
CA SER D 24 -2.08 -17.94 -8.53
C SER D 24 -2.11 -17.34 -7.12
N VAL D 25 -1.11 -16.55 -6.74
CA VAL D 25 -1.02 -16.10 -5.37
C VAL D 25 -2.19 -15.15 -5.15
N LYS D 26 -2.39 -14.21 -6.09
CA LYS D 26 -3.48 -13.25 -6.05
C LYS D 26 -4.84 -13.97 -5.93
N ASP D 27 -5.01 -15.06 -6.64
CA ASP D 27 -6.29 -15.78 -6.52
C ASP D 27 -6.48 -16.32 -5.08
N VAL D 28 -5.42 -16.86 -4.50
CA VAL D 28 -5.46 -17.27 -3.10
C VAL D 28 -5.73 -16.07 -2.19
N HIS D 29 -5.01 -14.96 -2.34
CA HIS D 29 -5.31 -13.78 -1.51
C HIS D 29 -6.79 -13.40 -1.54
N THR D 30 -7.38 -13.34 -2.74
CA THR D 30 -8.75 -12.93 -2.90
C THR D 30 -9.66 -13.86 -2.08
N LEU D 31 -9.51 -15.16 -2.30
CA LEU D 31 -10.25 -16.16 -1.53
C LEU D 31 -10.16 -15.96 0.01
N VAL D 32 -8.98 -15.64 0.51
CA VAL D 32 -8.85 -15.46 1.96
C VAL D 32 -9.54 -14.17 2.39
N LYS D 33 -9.29 -13.07 1.67
CA LYS D 33 -9.95 -11.80 1.92
C LYS D 33 -11.48 -11.98 1.88
N SER D 34 -11.96 -12.89 1.04
CA SER D 34 -13.41 -13.05 0.88
C SER D 34 -14.13 -13.51 2.17
N ILE D 35 -13.39 -14.11 3.12
CA ILE D 35 -14.02 -14.53 4.36
C ILE D 35 -14.49 -13.24 5.08
N ASP D 36 -13.85 -12.11 4.79
CA ASP D 36 -14.31 -10.90 5.45
C ASP D 36 -15.65 -10.49 4.92
N GLU D 37 -15.91 -10.79 3.66
CA GLU D 37 -17.22 -10.51 3.14
C GLU D 37 -18.23 -11.43 3.82
N LEU D 38 -17.87 -12.70 4.02
CA LEU D 38 -18.78 -13.66 4.63
C LEU D 38 -19.13 -13.29 6.06
N ALA D 39 -18.12 -12.82 6.80
CA ALA D 39 -18.33 -12.36 8.19
C ALA D 39 -19.29 -11.18 8.28
N LYS D 40 -19.30 -10.31 7.26
CA LYS D 40 -20.28 -9.22 7.24
C LYS D 40 -21.70 -9.81 7.26
N ALA D 41 -21.82 -11.07 6.85
CA ALA D 41 -23.13 -11.70 6.70
C ALA D 41 -23.65 -12.41 7.98
N ILE D 42 -22.77 -12.58 8.97
CA ILE D 42 -23.11 -13.22 10.24
C ILE D 42 -24.33 -12.55 10.83
N GLY D 43 -25.34 -13.35 11.15
CA GLY D 43 -26.57 -12.81 11.75
C GLY D 43 -27.31 -11.81 10.88
N LYS D 44 -27.17 -11.96 9.56
CA LYS D 44 -27.83 -11.14 8.56
C LYS D 44 -28.66 -12.00 7.60
N LYS D 45 -29.86 -11.50 7.25
CA LYS D 45 -30.70 -12.14 6.27
C LYS D 45 -30.72 -11.26 5.04
N ILE D 46 -31.05 -11.84 3.89
CA ILE D 46 -31.30 -11.02 2.69
C ILE D 46 -32.70 -10.44 2.80
N GLY D 47 -32.80 -9.12 2.77
CA GLY D 47 -34.09 -8.44 2.84
C GLY D 47 -34.36 -7.64 1.59
N ALA D 48 -35.52 -6.99 1.53
CA ALA D 48 -35.90 -6.20 0.37
C ALA D 48 -34.87 -5.16 -0.05
N ASN D 49 -34.01 -4.71 0.87
CA ASN D 49 -33.03 -3.67 0.53
C ASN D 49 -31.58 -3.99 0.82
N GLY D 50 -31.29 -5.28 0.91
CA GLY D 50 -29.95 -5.73 1.24
C GLY D 50 -29.93 -6.50 2.53
N LEU D 51 -28.74 -6.75 3.05
CA LEU D 51 -28.59 -7.43 4.32
C LEU D 51 -29.29 -6.66 5.43
N GLU D 52 -29.99 -7.40 6.27
CA GLU D 52 -30.74 -6.88 7.41
C GLU D 52 -30.48 -7.81 8.57
N THR D 53 -30.63 -7.29 9.78
CA THR D 53 -30.30 -8.03 10.97
C THR D 53 -31.29 -9.19 11.19
N ASP D 54 -30.75 -10.39 11.37
CA ASP D 54 -31.54 -11.57 11.74
C ASP D 54 -30.57 -12.51 12.42
N ALA D 55 -30.35 -12.26 13.71
CA ALA D 55 -29.33 -12.93 14.50
C ALA D 55 -29.28 -14.45 14.41
N ASP D 56 -28.06 -14.98 14.55
CA ASP D 56 -27.79 -16.40 14.81
C ASP D 56 -28.09 -17.31 13.61
N LYS D 57 -28.28 -18.60 13.88
CA LYS D 57 -28.48 -19.61 12.82
C LYS D 57 -27.37 -19.56 11.74
N ASN D 58 -26.11 -19.49 12.20
CA ASN D 58 -24.96 -19.17 11.35
C ASN D 58 -24.18 -20.35 10.76
N ALA D 59 -24.47 -21.56 11.22
CA ALA D 59 -23.69 -22.75 10.85
C ALA D 59 -23.33 -22.80 9.36
N LYS D 60 -24.32 -22.71 8.49
CA LYS D 60 -24.09 -22.92 7.07
C LYS D 60 -23.24 -21.81 6.44
N LEU D 61 -23.27 -20.61 7.05
CA LEU D 61 -22.33 -19.56 6.63
C LEU D 61 -20.92 -19.95 7.00
N ILE D 62 -20.74 -20.54 8.19
CA ILE D 62 -19.39 -20.96 8.58
C ILE D 62 -18.98 -22.13 7.72
N SER D 63 -19.95 -22.94 7.33
CA SER D 63 -19.67 -24.02 6.38
C SER D 63 -19.12 -23.43 5.07
N GLY D 64 -19.72 -22.35 4.63
CA GLY D 64 -19.27 -21.65 3.45
C GLY D 64 -17.82 -21.27 3.59
N ALA D 65 -17.52 -20.50 4.63
CA ALA D 65 -16.14 -20.08 4.86
C ALA D 65 -15.24 -21.33 4.81
N TYR D 66 -15.62 -22.35 5.56
CA TYR D 66 -14.87 -23.61 5.56
C TYR D 66 -14.59 -24.08 4.14
N SER D 67 -15.63 -24.11 3.33
CA SER D 67 -15.52 -24.56 1.96
C SER D 67 -14.50 -23.72 1.18
N VAL D 68 -14.52 -22.39 1.40
CA VAL D 68 -13.65 -21.48 0.67
C VAL D 68 -12.21 -21.74 1.08
N ILE D 69 -11.94 -21.85 2.38
CA ILE D 69 -10.57 -22.10 2.81
C ILE D 69 -10.10 -23.47 2.33
N SER D 70 -11.05 -24.42 2.18
CA SER D 70 -10.71 -25.73 1.61
C SER D 70 -10.10 -25.54 0.23
N ALA D 71 -10.72 -24.66 -0.57
CA ALA D 71 -10.26 -24.34 -1.93
C ALA D 71 -8.91 -23.64 -1.94
N VAL D 72 -8.74 -22.68 -1.01
CA VAL D 72 -7.46 -22.07 -0.69
C VAL D 72 -6.44 -23.17 -0.43
N ASP D 73 -6.79 -24.05 0.48
CA ASP D 73 -5.85 -25.07 0.84
C ASP D 73 -5.41 -25.92 -0.36
N THR D 74 -6.38 -26.31 -1.17
CA THR D 74 -6.15 -27.13 -2.35
C THR D 74 -5.22 -26.41 -3.32
N LYS D 75 -5.49 -25.11 -3.54
CA LYS D 75 -4.71 -24.30 -4.47
C LYS D 75 -3.25 -24.18 -4.06
N LEU D 76 -3.03 -24.00 -2.76
CA LEU D 76 -1.69 -23.92 -2.21
C LEU D 76 -0.93 -25.24 -2.34
N ALA D 77 -1.62 -26.35 -2.17
CA ALA D 77 -0.98 -27.67 -2.27
C ALA D 77 -0.43 -27.84 -3.66
N SER D 78 -1.12 -27.22 -4.61
CA SER D 78 -0.80 -27.26 -6.02
C SER D 78 0.37 -26.33 -6.30
N LEU D 79 0.30 -25.13 -5.75
CA LEU D 79 1.38 -24.16 -5.81
C LEU D 79 2.71 -24.71 -5.24
N GLU D 80 2.67 -25.32 -4.04
CA GLU D 80 3.84 -25.92 -3.39
C GLU D 80 4.67 -26.71 -4.37
N LYS D 81 3.98 -27.30 -5.35
CA LYS D 81 4.54 -28.25 -6.32
C LYS D 81 5.11 -27.62 -7.58
N LYS D 82 4.92 -26.31 -7.78
CA LYS D 82 5.36 -25.70 -9.03
C LYS D 82 6.88 -25.82 -9.19
N VAL D 83 7.33 -26.09 -10.41
CA VAL D 83 8.79 -26.18 -10.67
C VAL D 83 9.44 -24.81 -10.94
N GLY D 84 10.67 -24.65 -10.46
CA GLY D 84 11.43 -23.45 -10.73
C GLY D 84 11.15 -22.27 -9.79
N ILE D 85 10.26 -22.48 -8.80
CA ILE D 85 10.08 -21.59 -7.64
C ILE D 85 11.37 -21.46 -6.83
N SER D 86 11.73 -20.24 -6.42
CA SER D 86 12.85 -20.04 -5.51
C SER D 86 12.56 -20.65 -4.13
N ASP D 87 13.56 -21.24 -3.49
CA ASP D 87 13.38 -21.74 -2.12
C ASP D 87 12.59 -20.73 -1.27
N ASP D 88 13.06 -19.49 -1.29
CA ASP D 88 12.43 -18.37 -0.61
C ASP D 88 10.92 -18.37 -0.76
N LEU D 89 10.45 -18.34 -2.00
CA LEU D 89 9.02 -18.31 -2.29
C LEU D 89 8.31 -19.60 -1.88
N LYS D 90 9.01 -20.74 -2.02
CA LYS D 90 8.46 -22.03 -1.58
C LYS D 90 8.19 -22.03 -0.07
N GLY D 91 9.14 -21.49 0.67
CA GLY D 91 9.00 -21.28 2.11
C GLY D 91 7.83 -20.39 2.45
N LYS D 92 7.71 -19.25 1.76
CA LYS D 92 6.52 -18.40 1.93
C LYS D 92 5.21 -19.13 1.59
N ILE D 93 5.21 -19.99 0.57
CA ILE D 93 4.04 -20.83 0.29
C ILE D 93 3.71 -21.74 1.47
N THR D 94 4.73 -22.45 1.96
CA THR D 94 4.54 -23.36 3.06
C THR D 94 3.84 -22.64 4.21
N THR D 95 4.34 -21.46 4.56
CA THR D 95 3.74 -20.69 5.63
C THR D 95 2.21 -20.49 5.44
N VAL D 96 1.80 -20.16 4.22
CA VAL D 96 0.37 -20.04 3.91
C VAL D 96 -0.36 -21.38 4.02
N LYS D 97 0.20 -22.42 3.40
CA LYS D 97 -0.37 -23.75 3.39
C LYS D 97 -0.62 -24.24 4.81
N ASN D 98 0.37 -24.01 5.68
CA ASN D 98 0.28 -24.47 7.07
C ASN D 98 -0.88 -23.73 7.76
N ALA D 99 -0.93 -22.41 7.53
CA ALA D 99 -1.92 -21.55 8.11
C ALA D 99 -3.32 -21.98 7.72
N SER D 100 -3.49 -22.39 6.46
CA SER D 100 -4.81 -22.79 6.00
C SER D 100 -5.16 -24.19 6.52
N THR D 101 -4.21 -25.11 6.47
CA THR D 101 -4.38 -26.39 7.15
C THR D 101 -4.84 -26.14 8.62
N SER D 102 -4.13 -25.24 9.32
CA SER D 102 -4.44 -24.88 10.70
C SER D 102 -5.85 -24.43 10.90
N PHE D 103 -6.32 -23.55 10.01
CA PHE D 103 -7.69 -23.08 10.11
C PHE D 103 -8.70 -24.23 10.01
N LEU D 104 -8.51 -25.10 9.01
CA LEU D 104 -9.41 -26.20 8.76
C LEU D 104 -9.43 -27.15 9.94
N THR D 105 -8.24 -27.44 10.46
CA THR D 105 -8.05 -28.31 11.61
C THR D 105 -8.79 -27.75 12.83
N LYS D 106 -8.65 -26.45 13.06
CA LYS D 106 -9.29 -25.79 14.20
C LYS D 106 -10.82 -25.84 14.10
N ALA D 107 -11.34 -25.43 12.95
CA ALA D 107 -12.76 -25.48 12.65
C ALA D 107 -13.37 -26.87 12.87
N LYS D 108 -12.78 -27.88 12.23
CA LYS D 108 -13.20 -29.25 12.39
C LYS D 108 -13.23 -29.62 13.88
N SER D 109 -12.21 -29.19 14.63
CA SER D 109 -12.12 -29.53 16.05
C SER D 109 -13.24 -28.87 16.85
N LYS D 110 -13.78 -27.78 16.33
CA LYS D 110 -14.86 -27.10 17.01
C LYS D 110 -16.23 -27.39 16.38
N THR D 111 -16.38 -28.57 15.78
CA THR D 111 -17.67 -29.03 15.22
C THR D 111 -18.88 -28.85 16.17
N ALA D 112 -18.71 -29.24 17.43
CA ALA D 112 -19.80 -29.15 18.40
C ALA D 112 -20.31 -27.71 18.55
N ASP D 113 -19.41 -26.76 18.32
CA ASP D 113 -19.69 -25.32 18.46
C ASP D 113 -20.21 -24.73 17.17
N LEU D 114 -19.68 -25.21 16.05
CA LEU D 114 -19.81 -24.55 14.75
C LEU D 114 -20.82 -25.21 13.82
N GLY D 115 -21.17 -26.46 14.12
CA GLY D 115 -22.07 -27.23 13.29
C GLY D 115 -23.45 -27.44 13.89
N LYS D 116 -23.67 -26.90 15.08
CA LYS D 116 -24.94 -27.03 15.78
C LYS D 116 -26.07 -26.25 15.12
N ASP D 117 -27.31 -26.67 15.38
CA ASP D 117 -28.51 -26.09 14.77
C ASP D 117 -28.64 -24.55 14.88
N ASP D 118 -27.94 -23.96 15.84
CA ASP D 118 -28.08 -22.52 16.09
C ASP D 118 -26.75 -21.94 16.51
N VAL D 119 -25.88 -21.64 15.57
CA VAL D 119 -24.62 -21.01 15.95
C VAL D 119 -24.83 -19.49 16.09
N LYS D 120 -24.71 -18.99 17.31
CA LYS D 120 -24.95 -17.57 17.59
C LYS D 120 -23.84 -16.69 17.03
N ASP D 121 -24.18 -15.43 16.73
CA ASP D 121 -23.27 -14.43 16.16
C ASP D 121 -21.91 -14.43 16.82
N ALA D 122 -21.90 -14.33 18.15
CA ALA D 122 -20.65 -14.28 18.88
C ALA D 122 -19.72 -15.44 18.50
N ASP D 123 -20.24 -16.67 18.49
CA ASP D 123 -19.41 -17.82 18.14
C ASP D 123 -18.99 -17.81 16.66
N ALA D 124 -19.87 -17.34 15.78
CA ALA D 124 -19.57 -17.24 14.37
C ALA D 124 -18.37 -16.32 14.17
N LYS D 125 -18.36 -15.20 14.91
CA LYS D 125 -17.24 -14.28 14.87
C LYS D 125 -15.92 -14.91 15.37
N THR D 126 -15.99 -15.84 16.33
CA THR D 126 -14.75 -16.50 16.79
C THR D 126 -14.15 -17.50 15.77
N ALA D 127 -14.91 -17.80 14.71
CA ALA D 127 -14.45 -18.70 13.68
C ALA D 127 -13.94 -17.94 12.47
N ILE D 128 -14.69 -16.92 12.03
CA ILE D 128 -14.46 -16.36 10.70
C ILE D 128 -14.35 -14.83 10.59
N ASP D 129 -14.31 -14.14 11.72
CA ASP D 129 -14.25 -12.70 11.70
C ASP D 129 -12.92 -12.20 12.26
N ILE D 130 -12.03 -11.72 11.40
CA ILE D 130 -10.72 -11.28 11.90
C ILE D 130 -10.75 -10.05 12.84
N ALA D 131 -11.87 -9.33 12.85
CA ALA D 131 -12.03 -8.13 13.68
C ALA D 131 -12.77 -8.48 14.95
N ASP D 132 -12.89 -9.77 15.22
CA ASP D 132 -13.63 -10.23 16.38
C ASP D 132 -13.00 -9.69 17.67
N THR D 133 -13.83 -9.04 18.48
CA THR D 133 -13.41 -8.49 19.76
C THR D 133 -13.48 -9.54 20.83
N GLY D 134 -14.17 -10.64 20.52
CA GLY D 134 -14.29 -11.73 21.48
C GLY D 134 -13.03 -12.59 21.42
N ALA D 135 -13.06 -13.76 22.04
CA ALA D 135 -11.98 -14.73 21.86
C ALA D 135 -11.86 -15.10 20.36
N LYS D 136 -10.73 -15.60 19.94
CA LYS D 136 -10.60 -15.88 18.51
C LYS D 136 -10.44 -17.39 18.43
N ASP D 137 -11.26 -18.08 19.23
CA ASP D 137 -10.97 -19.43 19.69
C ASP D 137 -11.60 -20.54 18.86
N LYS D 138 -12.19 -20.18 17.72
CA LYS D 138 -12.90 -21.18 16.92
C LYS D 138 -12.54 -21.11 15.44
N GLY D 139 -11.40 -20.50 15.16
CA GLY D 139 -10.93 -20.28 13.80
C GLY D 139 -10.39 -18.89 13.49
N ALA D 140 -10.89 -17.87 14.19
CA ALA D 140 -10.48 -16.48 13.90
C ALA D 140 -8.96 -16.26 13.96
N GLU D 141 -8.34 -16.76 15.01
CA GLU D 141 -6.91 -16.64 15.23
C GLU D 141 -6.16 -17.22 14.04
N GLU D 142 -6.56 -18.43 13.67
CA GLU D 142 -5.96 -19.12 12.56
C GLU D 142 -6.17 -18.32 11.28
N LEU D 143 -7.35 -17.71 11.12
CA LEU D 143 -7.62 -16.97 9.89
C LEU D 143 -6.83 -15.66 9.85
N ILE D 144 -6.57 -15.05 10.99
CA ILE D 144 -5.66 -13.92 11.06
C ILE D 144 -4.25 -14.32 10.60
N LYS D 145 -3.74 -15.44 11.09
CA LYS D 145 -2.42 -15.94 10.74
C LYS D 145 -2.34 -16.20 9.23
N LEU D 146 -3.40 -16.80 8.69
CA LEU D 146 -3.52 -17.02 7.25
C LEU D 146 -3.48 -15.70 6.48
N ASN D 147 -4.20 -14.71 6.95
CA ASN D 147 -4.15 -13.41 6.32
C ASN D 147 -2.73 -12.83 6.23
N THR D 148 -2.01 -12.88 7.35
CA THR D 148 -0.64 -12.40 7.36
C THR D 148 0.24 -13.17 6.37
N ALA D 149 0.10 -14.49 6.36
CA ALA D 149 0.92 -15.36 5.55
C ALA D 149 0.70 -15.09 4.06
N ILE D 150 -0.56 -15.03 3.63
CA ILE D 150 -0.87 -14.72 2.23
C ILE D 150 -0.47 -13.31 1.83
N ASP D 151 -0.61 -12.34 2.74
CA ASP D 151 -0.12 -11.01 2.46
C ASP D 151 1.37 -11.04 2.14
N ALA D 152 2.13 -11.81 2.92
CA ALA D 152 3.58 -11.84 2.72
C ALA D 152 3.91 -12.47 1.36
N LEU D 153 3.24 -13.58 1.03
CA LEU D 153 3.49 -14.28 -0.21
C LEU D 153 3.13 -13.36 -1.37
N LEU D 154 2.02 -12.63 -1.24
CA LEU D 154 1.57 -11.76 -2.32
C LEU D 154 2.58 -10.65 -2.53
N THR D 155 3.02 -10.07 -1.43
CA THR D 155 3.99 -8.99 -1.53
C THR D 155 5.21 -9.45 -2.32
N SER D 156 5.74 -10.64 -1.99
CA SER D 156 6.90 -11.15 -2.68
C SER D 156 6.59 -11.47 -4.14
N ALA D 157 5.42 -12.07 -4.40
CA ALA D 157 5.07 -12.41 -5.76
C ALA D 157 5.02 -11.15 -6.61
N GLU D 158 4.43 -10.09 -6.05
CA GLU D 158 4.26 -8.83 -6.78
C GLU D 158 5.59 -8.14 -6.94
N ALA D 159 6.45 -8.29 -5.95
CA ALA D 159 7.76 -7.67 -6.04
C ALA D 159 8.59 -8.29 -7.17
N ALA D 160 8.43 -9.59 -7.36
CA ALA D 160 9.11 -10.28 -8.46
C ALA D 160 8.57 -9.85 -9.83
N VAL D 161 7.27 -9.57 -9.94
CA VAL D 161 6.71 -9.01 -11.17
C VAL D 161 7.32 -7.66 -11.49
N THR D 162 7.34 -6.79 -10.49
CA THR D 162 7.96 -5.49 -10.63
C THR D 162 9.45 -5.57 -11.02
N ALA D 163 10.18 -6.46 -10.36
CA ALA D 163 11.60 -6.63 -10.65
C ALA D 163 11.80 -7.14 -12.08
N ALA D 164 10.93 -8.04 -12.51
CA ALA D 164 11.01 -8.61 -13.83
C ALA D 164 10.64 -7.58 -14.90
N ILE D 165 9.71 -6.67 -14.62
CA ILE D 165 9.39 -5.63 -15.59
C ILE D 165 10.51 -4.62 -15.63
N ASN D 166 11.04 -4.30 -14.45
CA ASN D 166 12.11 -3.31 -14.30
C ASN D 166 13.41 -3.74 -14.94
N ALA D 167 13.78 -5.00 -14.69
CA ALA D 167 15.01 -5.58 -15.21
C ALA D 167 15.04 -5.39 -16.69
N LEU D 168 13.86 -5.24 -17.28
CA LEU D 168 13.73 -4.99 -18.72
C LEU D 168 14.77 -4.02 -19.08
N VAL E 5 45.13 -40.48 -8.80
CA VAL E 5 44.25 -41.40 -8.03
C VAL E 5 44.08 -40.91 -6.57
N ILE E 6 43.59 -39.68 -6.38
CA ILE E 6 43.52 -39.10 -5.02
C ILE E 6 42.19 -39.34 -4.30
N ASP E 7 42.28 -39.55 -3.00
CA ASP E 7 41.12 -39.97 -2.23
C ASP E 7 40.38 -38.79 -1.58
N LEU E 8 39.54 -38.14 -2.38
CA LEU E 8 38.59 -37.12 -1.94
C LEU E 8 38.27 -37.18 -0.45
N ALA E 9 37.90 -38.39 -0.01
CA ALA E 9 37.43 -38.56 1.37
C ALA E 9 38.51 -38.41 2.43
N THR E 10 39.72 -38.95 2.21
CA THR E 10 40.79 -38.75 3.18
C THR E 10 41.22 -37.28 3.23
N ILE E 11 41.24 -36.62 2.06
CA ILE E 11 41.55 -35.20 1.94
C ILE E 11 40.50 -34.37 2.69
N THR E 12 39.23 -34.73 2.52
CA THR E 12 38.14 -34.04 3.24
C THR E 12 38.16 -34.25 4.77
N LYS E 13 38.40 -35.49 5.21
CA LYS E 13 38.59 -35.77 6.61
C LYS E 13 39.74 -34.92 7.17
N ASN E 14 40.86 -34.87 6.45
CA ASN E 14 41.99 -34.08 6.92
C ASN E 14 41.72 -32.61 7.08
N ILE E 15 40.95 -32.02 6.16
CA ILE E 15 40.54 -30.61 6.30
C ILE E 15 39.68 -30.42 7.56
N THR E 16 38.64 -31.25 7.69
CA THR E 16 37.73 -31.15 8.83
C THR E 16 38.48 -31.31 10.15
N ASP E 17 39.31 -32.35 10.27
CA ASP E 17 40.14 -32.52 11.47
C ASP E 17 40.98 -31.26 11.76
N ALA E 18 41.67 -30.74 10.76
CA ALA E 18 42.61 -29.63 10.92
C ALA E 18 41.87 -28.39 11.33
N VAL E 19 40.67 -28.24 10.78
CA VAL E 19 39.82 -27.09 11.07
C VAL E 19 39.23 -27.19 12.50
N ALA E 20 38.84 -28.40 12.92
CA ALA E 20 38.31 -28.57 14.27
C ALA E 20 39.41 -28.27 15.28
N PHE E 21 40.60 -28.79 15.02
CA PHE E 21 41.74 -28.53 15.89
C PHE E 21 42.11 -27.06 15.96
N ALA E 22 42.06 -26.37 14.81
CA ALA E 22 42.38 -24.94 14.79
C ALA E 22 41.32 -24.18 15.57
N LYS E 23 40.06 -24.61 15.45
CA LYS E 23 38.97 -23.99 16.20
C LYS E 23 39.30 -24.00 17.69
N SER E 24 39.69 -25.14 18.22
CA SER E 24 40.03 -25.21 19.65
C SER E 24 41.19 -24.28 20.00
N VAL E 25 42.19 -24.26 19.11
CA VAL E 25 43.38 -23.45 19.32
C VAL E 25 43.06 -21.95 19.30
N LYS E 26 42.39 -21.52 18.25
CA LYS E 26 41.85 -20.16 18.08
C LYS E 26 41.10 -19.70 19.33
N ASP E 27 40.24 -20.59 19.87
CA ASP E 27 39.47 -20.27 21.05
C ASP E 27 40.40 -19.86 22.14
N VAL E 28 41.35 -20.73 22.46
CA VAL E 28 42.33 -20.44 23.47
C VAL E 28 43.11 -19.13 23.17
N HIS E 29 43.56 -18.92 21.93
CA HIS E 29 44.28 -17.70 21.65
C HIS E 29 43.46 -16.42 21.90
N THR E 30 42.20 -16.44 21.51
CA THR E 30 41.34 -15.31 21.79
C THR E 30 41.18 -15.07 23.29
N LEU E 31 40.91 -16.11 24.07
CA LEU E 31 40.82 -15.92 25.49
C LEU E 31 42.09 -15.24 26.07
N VAL E 32 43.27 -15.64 25.58
CA VAL E 32 44.52 -15.13 26.10
C VAL E 32 44.63 -13.65 25.73
N LYS E 33 44.51 -13.36 24.44
CA LYS E 33 44.44 -12.00 23.94
C LYS E 33 43.46 -11.12 24.73
N SER E 34 42.34 -11.70 25.14
CA SER E 34 41.31 -10.95 25.84
C SER E 34 41.81 -10.31 27.14
N ILE E 35 42.87 -10.88 27.72
CA ILE E 35 43.50 -10.30 28.91
C ILE E 35 43.97 -8.90 28.59
N ASP E 36 44.32 -8.63 27.33
CA ASP E 36 44.72 -7.28 26.96
C ASP E 36 43.53 -6.34 27.04
N GLU E 37 42.34 -6.83 26.74
CA GLU E 37 41.22 -5.96 26.86
C GLU E 37 40.96 -5.65 28.35
N LEU E 38 41.12 -6.67 29.19
CA LEU E 38 40.96 -6.51 30.62
C LEU E 38 41.92 -5.49 31.22
N ALA E 39 43.17 -5.52 30.77
CA ALA E 39 44.20 -4.60 31.24
C ALA E 39 43.85 -3.17 30.89
N LYS E 40 43.16 -2.98 29.78
CA LYS E 40 42.76 -1.63 29.37
C LYS E 40 41.83 -1.03 30.42
N ALA E 41 41.22 -1.89 31.23
CA ALA E 41 40.24 -1.47 32.22
C ALA E 41 40.82 -1.24 33.60
N ILE E 42 42.07 -1.61 33.83
CA ILE E 42 42.74 -1.27 35.09
C ILE E 42 42.58 0.22 35.44
N GLY E 43 42.06 0.48 36.63
CA GLY E 43 41.87 1.83 37.14
C GLY E 43 40.90 2.67 36.33
N LYS E 44 39.97 1.97 35.66
CA LYS E 44 38.96 2.63 34.86
C LYS E 44 37.57 2.26 35.36
N LYS E 45 36.65 3.23 35.35
CA LYS E 45 35.25 2.97 35.67
C LYS E 45 34.44 3.13 34.38
N ILE E 46 33.24 2.54 34.34
CA ILE E 46 32.28 2.82 33.27
C ILE E 46 31.61 4.16 33.58
N GLY E 47 31.82 5.15 32.69
CA GLY E 47 31.22 6.45 32.81
C GLY E 47 30.20 6.67 31.71
N ALA E 48 29.55 7.83 31.72
CA ALA E 48 28.53 8.13 30.73
C ALA E 48 28.99 7.95 29.25
N ASN E 49 30.29 7.97 29.01
CA ASN E 49 30.81 7.94 27.65
C ASN E 49 31.85 6.86 27.36
N GLY E 50 31.87 5.86 28.22
CA GLY E 50 32.82 4.77 28.09
C GLY E 50 33.71 4.72 29.31
N LEU E 51 34.85 4.05 29.17
CA LEU E 51 35.85 3.98 30.24
C LEU E 51 36.38 5.37 30.56
N GLU E 52 36.39 5.70 31.85
CA GLU E 52 37.00 6.93 32.35
C GLU E 52 37.91 6.58 33.52
N THR E 53 38.85 7.46 33.85
CA THR E 53 39.82 7.18 34.92
C THR E 53 39.17 7.17 36.31
N ASP E 54 39.49 6.13 37.08
CA ASP E 54 39.09 6.02 38.49
C ASP E 54 40.04 4.99 39.07
N ALA E 55 41.22 5.46 39.42
CA ALA E 55 42.35 4.63 39.82
C ALA E 55 42.04 3.56 40.86
N ASP E 56 42.85 2.52 40.81
CA ASP E 56 42.98 1.57 41.91
C ASP E 56 41.73 0.66 42.05
N LYS E 57 41.61 0.02 43.22
CA LYS E 57 40.52 -0.94 43.51
C LYS E 57 40.35 -2.03 42.45
N ASN E 58 41.45 -2.65 42.03
CA ASN E 58 41.44 -3.53 40.85
C ASN E 58 41.32 -5.02 41.10
N ALA E 59 41.25 -5.41 42.36
CA ALA E 59 41.27 -6.82 42.74
C ALA E 59 40.32 -7.70 41.87
N LYS E 60 39.07 -7.26 41.77
CA LYS E 60 38.08 -8.10 41.12
C LYS E 60 38.29 -8.17 39.60
N LEU E 61 38.92 -7.14 39.03
CA LEU E 61 39.34 -7.22 37.64
C LEU E 61 40.41 -8.31 37.48
N ILE E 62 41.37 -8.35 38.38
CA ILE E 62 42.41 -9.35 38.29
C ILE E 62 41.77 -10.73 38.50
N SER E 63 40.78 -10.81 39.39
CA SER E 63 40.03 -12.07 39.55
C SER E 63 39.43 -12.50 38.20
N GLY E 64 38.92 -11.51 37.48
CA GLY E 64 38.39 -11.74 36.16
C GLY E 64 39.42 -12.41 35.29
N ALA E 65 40.59 -11.78 35.18
CA ALA E 65 41.67 -12.30 34.38
C ALA E 65 41.97 -13.72 34.83
N TYR E 66 42.12 -13.90 36.13
CA TYR E 66 42.40 -15.23 36.64
C TYR E 66 41.35 -16.23 36.18
N SER E 67 40.07 -15.83 36.26
CA SER E 67 38.98 -16.71 35.82
C SER E 67 39.16 -17.10 34.36
N VAL E 68 39.47 -16.11 33.52
CA VAL E 68 39.65 -16.35 32.09
C VAL E 68 40.79 -17.31 31.85
N ILE E 69 41.93 -17.12 32.51
CA ILE E 69 43.06 -18.01 32.25
C ILE E 69 42.81 -19.39 32.88
N SER E 70 41.97 -19.48 33.91
CA SER E 70 41.50 -20.80 34.35
C SER E 70 40.85 -21.56 33.20
N ALA E 71 40.05 -20.85 32.40
CA ALA E 71 39.24 -21.46 31.36
C ALA E 71 40.22 -21.92 30.28
N VAL E 72 41.16 -21.05 29.97
CA VAL E 72 42.22 -21.37 29.06
C VAL E 72 42.92 -22.68 29.49
N ASP E 73 43.30 -22.73 30.78
CA ASP E 73 43.98 -23.86 31.33
C ASP E 73 43.16 -25.15 31.18
N THR E 74 41.86 -25.05 31.46
CA THR E 74 40.96 -26.20 31.38
C THR E 74 40.88 -26.69 29.95
N LYS E 75 40.72 -25.73 29.03
CA LYS E 75 40.58 -26.01 27.61
C LYS E 75 41.81 -26.73 27.09
N LEU E 76 43.00 -26.26 27.47
CA LEU E 76 44.24 -26.92 27.04
C LEU E 76 44.43 -28.28 27.71
N ALA E 77 43.96 -28.45 28.94
CA ALA E 77 44.02 -29.76 29.58
C ALA E 77 43.29 -30.75 28.71
N SER E 78 42.25 -30.28 28.04
CA SER E 78 41.39 -31.18 27.28
C SER E 78 42.01 -31.43 25.91
N LEU E 79 42.54 -30.38 25.32
CA LEU E 79 43.29 -30.49 24.07
C LEU E 79 44.46 -31.48 24.18
N GLU E 80 45.24 -31.38 25.25
CA GLU E 80 46.34 -32.32 25.53
C GLU E 80 45.91 -33.79 25.28
N LYS E 81 44.62 -34.07 25.54
CA LYS E 81 44.07 -35.43 25.51
C LYS E 81 43.53 -35.88 24.12
N LYS E 82 43.44 -34.96 23.17
CA LYS E 82 42.90 -35.26 21.84
C LYS E 82 43.63 -36.43 21.19
N VAL E 83 42.88 -37.34 20.55
CA VAL E 83 43.51 -38.44 19.87
C VAL E 83 43.94 -38.08 18.48
N GLY E 84 45.04 -38.67 18.03
CA GLY E 84 45.48 -38.54 16.65
C GLY E 84 46.31 -37.31 16.33
N ILE E 85 46.53 -36.48 17.34
CA ILE E 85 47.40 -35.32 17.22
C ILE E 85 48.86 -35.80 17.12
N SER E 86 49.66 -35.14 16.28
CA SER E 86 51.07 -35.48 16.16
C SER E 86 51.78 -35.14 17.47
N ASP E 87 52.80 -35.92 17.80
CA ASP E 87 53.60 -35.64 18.99
C ASP E 87 54.07 -34.16 19.01
N ASP E 88 54.59 -33.67 17.88
CA ASP E 88 54.95 -32.26 17.77
C ASP E 88 53.83 -31.29 18.27
N LEU E 89 52.59 -31.46 17.79
CA LEU E 89 51.49 -30.59 18.20
C LEU E 89 51.20 -30.70 19.68
N LYS E 90 51.29 -31.92 20.17
CA LYS E 90 51.06 -32.22 21.58
C LYS E 90 52.05 -31.48 22.46
N GLY E 91 53.32 -31.50 22.06
CA GLY E 91 54.34 -30.69 22.69
C GLY E 91 54.06 -29.19 22.65
N LYS E 92 53.70 -28.68 21.49
CA LYS E 92 53.33 -27.28 21.41
C LYS E 92 52.19 -26.96 22.40
N ILE E 93 51.24 -27.89 22.55
CA ILE E 93 50.13 -27.71 23.47
C ILE E 93 50.61 -27.72 24.91
N THR E 94 51.50 -28.65 25.25
CA THR E 94 52.03 -28.66 26.61
C THR E 94 52.75 -27.36 26.92
N THR E 95 53.52 -26.82 25.99
CA THR E 95 54.14 -25.53 26.24
C THR E 95 53.11 -24.49 26.66
N VAL E 96 51.95 -24.45 25.99
CA VAL E 96 50.90 -23.50 26.36
C VAL E 96 50.32 -23.80 27.73
N LYS E 97 49.96 -25.07 27.99
CA LYS E 97 49.34 -25.41 29.27
C LYS E 97 50.30 -25.12 30.44
N ASN E 98 51.58 -25.40 30.23
CA ASN E 98 52.60 -25.08 31.23
C ASN E 98 52.54 -23.64 31.59
N ALA E 99 52.50 -22.81 30.56
CA ALA E 99 52.52 -21.37 30.71
C ALA E 99 51.26 -20.90 31.42
N SER E 100 50.12 -21.50 31.14
CA SER E 100 48.91 -21.08 31.81
C SER E 100 48.87 -21.58 33.28
N THR E 101 49.25 -22.82 33.55
CA THR E 101 49.45 -23.26 34.93
C THR E 101 50.40 -22.30 35.66
N SER E 102 51.51 -21.95 35.03
CA SER E 102 52.48 -21.00 35.59
C SER E 102 51.84 -19.68 35.99
N PHE E 103 51.01 -19.15 35.10
CA PHE E 103 50.32 -17.90 35.39
C PHE E 103 49.46 -18.04 36.64
N LEU E 104 48.57 -19.02 36.67
CA LEU E 104 47.70 -19.26 37.82
C LEU E 104 48.47 -19.48 39.15
N THR E 105 49.55 -20.27 39.09
CA THR E 105 50.41 -20.48 40.25
C THR E 105 51.02 -19.17 40.75
N LYS E 106 51.48 -18.31 39.84
CA LYS E 106 52.11 -17.05 40.23
C LYS E 106 51.10 -16.14 40.91
N ALA E 107 49.92 -15.99 40.29
CA ALA E 107 48.85 -15.15 40.82
C ALA E 107 48.41 -15.59 42.19
N LYS E 108 48.13 -16.88 42.32
CA LYS E 108 47.81 -17.45 43.63
C LYS E 108 48.91 -17.13 44.64
N SER E 109 50.18 -17.23 44.22
CA SER E 109 51.27 -16.95 45.16
C SER E 109 51.32 -15.46 45.57
N LYS E 110 50.75 -14.61 44.72
CA LYS E 110 50.73 -13.17 44.98
C LYS E 110 49.39 -12.68 45.54
N THR E 111 48.66 -13.58 46.21
CA THR E 111 47.35 -13.28 46.76
C THR E 111 47.35 -12.06 47.67
N ALA E 112 48.36 -11.95 48.54
CA ALA E 112 48.46 -10.81 49.46
C ALA E 112 48.52 -9.46 48.71
N ASP E 113 49.04 -9.49 47.49
CA ASP E 113 49.21 -8.30 46.68
C ASP E 113 48.03 -8.10 45.75
N LEU E 114 47.43 -9.19 45.29
CA LEU E 114 46.42 -9.13 44.23
C LEU E 114 44.96 -9.23 44.71
N GLY E 115 44.77 -9.72 45.94
CA GLY E 115 43.45 -9.89 46.53
C GLY E 115 43.09 -8.90 47.64
N LYS E 116 43.97 -7.94 47.92
CA LYS E 116 43.68 -6.96 48.97
C LYS E 116 42.57 -6.02 48.53
N ASP E 117 41.99 -5.32 49.51
CA ASP E 117 40.85 -4.40 49.31
C ASP E 117 41.15 -3.28 48.29
N ASP E 118 42.43 -3.00 48.04
CA ASP E 118 42.81 -1.91 47.16
C ASP E 118 44.05 -2.23 46.33
N VAL E 119 43.87 -2.95 45.23
CA VAL E 119 44.98 -3.22 44.34
C VAL E 119 45.22 -2.04 43.42
N LYS E 120 46.32 -1.34 43.64
CA LYS E 120 46.68 -0.15 42.86
C LYS E 120 46.98 -0.51 41.40
N ASP E 121 46.74 0.43 40.48
CA ASP E 121 47.01 0.22 39.04
C ASP E 121 48.39 -0.39 38.76
N ALA E 122 49.44 0.16 39.35
CA ALA E 122 50.79 -0.36 39.15
C ALA E 122 50.87 -1.87 39.38
N ASP E 123 50.34 -2.33 40.52
CA ASP E 123 50.32 -3.76 40.83
C ASP E 123 49.48 -4.56 39.85
N ALA E 124 48.32 -4.00 39.50
CA ALA E 124 47.43 -4.66 38.55
C ALA E 124 48.19 -4.91 37.24
N LYS E 125 48.89 -3.88 36.78
CA LYS E 125 49.73 -4.02 35.61
C LYS E 125 50.76 -5.16 35.72
N THR E 126 51.41 -5.34 36.88
CA THR E 126 52.41 -6.42 37.07
C THR E 126 51.82 -7.85 37.03
N ALA E 127 50.48 -7.92 36.99
CA ALA E 127 49.78 -9.19 36.97
C ALA E 127 49.26 -9.50 35.58
N ILE E 128 48.60 -8.53 34.94
CA ILE E 128 47.82 -8.83 33.72
C ILE E 128 48.11 -7.96 32.50
N ASP E 129 49.11 -7.10 32.58
CA ASP E 129 49.37 -6.21 31.44
C ASP E 129 50.70 -6.54 30.77
N ILE E 130 50.63 -7.11 29.58
CA ILE E 130 51.85 -7.57 28.91
C ILE E 130 52.75 -6.42 28.46
N ALA E 131 52.17 -5.22 28.37
CA ALA E 131 52.93 -4.01 27.98
C ALA E 131 53.44 -3.22 29.19
N ASP E 132 53.40 -3.83 30.37
CA ASP E 132 53.78 -3.17 31.60
C ASP E 132 55.27 -2.84 31.57
N THR E 133 55.56 -1.57 31.83
CA THR E 133 56.94 -1.15 31.87
C THR E 133 57.49 -1.22 33.31
N GLY E 134 56.62 -1.64 34.24
CA GLY E 134 57.03 -1.95 35.61
C GLY E 134 57.65 -3.34 35.67
N ALA E 135 57.86 -3.86 36.88
CA ALA E 135 58.25 -5.25 37.05
C ALA E 135 57.09 -6.10 36.49
N LYS E 136 57.36 -7.32 36.06
CA LYS E 136 56.23 -8.12 35.58
C LYS E 136 56.06 -9.24 36.59
N ASP E 137 56.09 -8.84 37.86
CA ASP E 137 56.44 -9.75 38.96
C ASP E 137 55.23 -10.37 39.68
N LYS E 138 54.03 -10.17 39.14
CA LYS E 138 52.81 -10.71 39.76
C LYS E 138 51.89 -11.41 38.75
N GLY E 139 52.46 -11.83 37.62
CA GLY E 139 51.75 -12.58 36.60
C GLY E 139 52.08 -12.18 35.17
N ALA E 140 52.38 -10.90 34.96
CA ALA E 140 52.62 -10.37 33.61
C ALA E 140 53.67 -11.13 32.82
N GLU E 141 54.77 -11.51 33.48
CA GLU E 141 55.83 -12.26 32.84
C GLU E 141 55.31 -13.59 32.35
N GLU E 142 54.60 -14.29 33.22
CA GLU E 142 53.97 -15.55 32.89
C GLU E 142 52.91 -15.37 31.75
N LEU E 143 52.20 -14.24 31.78
CA LEU E 143 51.24 -13.94 30.72
C LEU E 143 51.92 -13.69 29.38
N ILE E 144 53.11 -13.12 29.40
CA ILE E 144 53.86 -12.91 28.17
C ILE E 144 54.25 -14.28 27.61
N LYS E 145 54.79 -15.14 28.47
CA LYS E 145 55.17 -16.48 28.02
C LYS E 145 53.98 -17.24 27.42
N LEU E 146 52.83 -17.13 28.07
CA LEU E 146 51.60 -17.77 27.61
C LEU E 146 51.26 -17.24 26.21
N ASN E 147 51.40 -15.94 26.02
CA ASN E 147 51.14 -15.36 24.72
C ASN E 147 52.03 -15.90 23.62
N THR E 148 53.30 -16.05 23.92
CA THR E 148 54.23 -16.61 22.94
C THR E 148 53.87 -18.05 22.61
N ALA E 149 53.55 -18.81 23.65
CA ALA E 149 53.27 -20.22 23.51
C ALA E 149 52.03 -20.42 22.66
N ILE E 150 50.97 -19.71 22.98
CA ILE E 150 49.75 -19.89 22.19
C ILE E 150 49.90 -19.33 20.75
N ASP E 151 50.65 -18.24 20.57
CA ASP E 151 50.93 -17.79 19.20
C ASP E 151 51.54 -18.94 18.38
N ALA E 152 52.54 -19.60 18.96
CA ALA E 152 53.23 -20.70 18.28
C ALA E 152 52.28 -21.85 17.94
N LEU E 153 51.44 -22.24 18.91
CA LEU E 153 50.45 -23.27 18.66
C LEU E 153 49.48 -22.87 17.53
N LEU E 154 49.00 -21.63 17.57
CA LEU E 154 48.08 -21.12 16.60
C LEU E 154 48.69 -21.18 15.22
N THR E 155 49.93 -20.69 15.09
CA THR E 155 50.62 -20.74 13.82
C THR E 155 50.61 -22.15 13.28
N SER E 156 50.99 -23.12 14.10
CA SER E 156 51.08 -24.49 13.65
C SER E 156 49.72 -25.02 13.25
N ALA E 157 48.70 -24.72 14.05
CA ALA E 157 47.38 -25.26 13.77
C ALA E 157 46.85 -24.69 12.46
N GLU E 158 47.07 -23.40 12.25
CA GLU E 158 46.61 -22.70 11.05
C GLU E 158 47.38 -23.20 9.85
N ALA E 159 48.69 -23.46 10.01
CA ALA E 159 49.49 -24.00 8.92
C ALA E 159 48.89 -25.33 8.45
N ALA E 160 48.46 -26.15 9.42
CA ALA E 160 47.89 -27.47 9.18
C ALA E 160 46.64 -27.36 8.32
N VAL E 161 45.81 -26.38 8.64
CA VAL E 161 44.60 -26.05 7.88
C VAL E 161 44.93 -25.72 6.43
N THR E 162 45.85 -24.77 6.22
CA THR E 162 46.22 -24.42 4.86
C THR E 162 46.89 -25.60 4.14
N ALA E 163 47.75 -26.36 4.83
CA ALA E 163 48.34 -27.58 4.24
C ALA E 163 47.27 -28.56 3.74
N ALA E 164 46.22 -28.71 4.56
CA ALA E 164 45.13 -29.65 4.30
C ALA E 164 44.25 -29.20 3.16
N ILE E 165 44.07 -27.89 3.04
CA ILE E 165 43.32 -27.34 1.93
C ILE E 165 44.15 -27.39 0.64
N ASN E 166 45.44 -27.05 0.74
CA ASN E 166 46.32 -27.03 -0.44
C ASN E 166 46.71 -28.41 -0.96
N ALA E 167 46.92 -29.37 -0.04
CA ALA E 167 47.18 -30.76 -0.42
C ALA E 167 46.04 -31.29 -1.30
N LEU E 168 44.85 -30.74 -1.11
CA LEU E 168 43.68 -30.97 -1.96
C LEU E 168 44.06 -31.10 -3.42
N VAL F 5 36.52 -34.15 -16.29
CA VAL F 5 35.42 -33.33 -15.75
C VAL F 5 35.49 -33.35 -14.24
N ILE F 6 35.89 -32.21 -13.64
CA ILE F 6 36.00 -32.03 -12.17
C ILE F 6 36.10 -30.51 -11.91
N ASP F 7 36.42 -30.06 -10.68
CA ASP F 7 36.83 -28.64 -10.41
C ASP F 7 37.51 -28.29 -9.07
N LEU F 8 38.72 -27.72 -9.11
CA LEU F 8 39.49 -27.60 -7.86
C LEU F 8 39.82 -26.20 -7.34
N ALA F 9 40.25 -25.30 -8.23
CA ALA F 9 40.65 -23.93 -7.85
C ALA F 9 39.54 -23.13 -7.16
N THR F 10 38.36 -23.16 -7.79
CA THR F 10 37.16 -22.47 -7.32
C THR F 10 36.72 -23.02 -5.97
N ILE F 11 36.75 -24.35 -5.86
CA ILE F 11 36.32 -24.99 -4.62
C ILE F 11 37.31 -24.73 -3.49
N THR F 12 38.60 -24.69 -3.80
CA THR F 12 39.63 -24.40 -2.81
C THR F 12 39.57 -22.96 -2.34
N LYS F 13 39.38 -22.02 -3.27
CA LYS F 13 39.17 -20.60 -2.92
C LYS F 13 37.96 -20.45 -1.99
N ASN F 14 36.86 -21.12 -2.35
CA ASN F 14 35.66 -21.19 -1.50
C ASN F 14 35.84 -21.69 -0.07
N ILE F 15 36.56 -22.79 0.12
CA ILE F 15 36.88 -23.28 1.48
C ILE F 15 37.76 -22.30 2.27
N THR F 16 38.85 -21.82 1.65
CA THR F 16 39.70 -20.77 2.20
C THR F 16 38.87 -19.57 2.66
N ASP F 17 38.04 -19.03 1.76
CA ASP F 17 37.20 -17.88 2.07
C ASP F 17 36.27 -18.12 3.25
N ALA F 18 35.61 -19.27 3.22
CA ALA F 18 34.65 -19.65 4.22
C ALA F 18 35.33 -19.86 5.57
N VAL F 19 36.49 -20.49 5.55
CA VAL F 19 37.25 -20.69 6.77
C VAL F 19 37.73 -19.34 7.34
N ALA F 20 38.25 -18.46 6.49
CA ALA F 20 38.72 -17.12 6.91
C ALA F 20 37.63 -16.33 7.58
N PHE F 21 36.42 -16.40 7.01
CA PHE F 21 35.27 -15.72 7.56
C PHE F 21 34.84 -16.35 8.88
N ALA F 22 34.80 -17.68 8.94
CA ALA F 22 34.47 -18.36 10.17
C ALA F 22 35.48 -18.00 11.27
N LYS F 23 36.76 -17.89 10.91
CA LYS F 23 37.82 -17.48 11.84
C LYS F 23 37.38 -16.22 12.55
N SER F 24 37.15 -15.16 11.79
CA SER F 24 36.74 -13.89 12.38
C SER F 24 35.48 -14.03 13.26
N VAL F 25 34.50 -14.84 12.82
CA VAL F 25 33.26 -14.99 13.58
C VAL F 25 33.50 -15.75 14.88
N LYS F 26 34.29 -16.82 14.80
CA LYS F 26 34.65 -17.63 15.97
C LYS F 26 35.32 -16.74 17.01
N ASP F 27 36.21 -15.88 16.53
CA ASP F 27 36.92 -14.94 17.37
C ASP F 27 35.97 -14.13 18.18
N VAL F 28 34.99 -13.55 17.49
CA VAL F 28 33.92 -12.78 18.12
C VAL F 28 33.12 -13.66 19.09
N HIS F 29 32.65 -14.81 18.68
CA HIS F 29 32.00 -15.71 19.64
C HIS F 29 32.76 -15.93 20.95
N THR F 30 34.05 -16.27 20.86
CA THR F 30 34.89 -16.50 22.03
C THR F 30 34.87 -15.29 22.95
N LEU F 31 35.12 -14.11 22.40
CA LEU F 31 35.10 -12.89 23.21
C LEU F 31 33.76 -12.72 23.97
N VAL F 32 32.64 -13.02 23.31
CA VAL F 32 31.37 -12.84 23.98
C VAL F 32 31.19 -13.92 25.05
N LYS F 33 31.46 -15.18 24.72
CA LYS F 33 31.41 -16.27 25.66
C LYS F 33 32.25 -15.94 26.89
N SER F 34 33.36 -15.28 26.67
CA SER F 34 34.32 -15.02 27.74
C SER F 34 33.76 -14.16 28.87
N ILE F 35 32.65 -13.45 28.61
CA ILE F 35 32.05 -12.66 29.67
C ILE F 35 31.46 -13.62 30.70
N ASP F 36 31.15 -14.85 30.32
CA ASP F 36 30.64 -15.81 31.31
C ASP F 36 31.78 -16.15 32.25
N GLU F 37 33.01 -16.11 31.72
CA GLU F 37 34.17 -16.38 32.55
C GLU F 37 34.33 -15.28 33.60
N LEU F 38 34.15 -14.03 33.15
CA LEU F 38 34.30 -12.88 34.01
C LEU F 38 33.20 -12.85 35.08
N ALA F 39 32.00 -13.30 34.71
CA ALA F 39 30.90 -13.31 35.64
C ALA F 39 31.18 -14.29 36.77
N LYS F 40 31.97 -15.32 36.49
CA LYS F 40 32.33 -16.30 37.55
C LYS F 40 33.19 -15.63 38.61
N ALA F 41 33.76 -14.49 38.25
CA ALA F 41 34.67 -13.76 39.13
C ALA F 41 33.98 -12.74 40.04
N ILE F 42 32.72 -12.45 39.75
CA ILE F 42 31.97 -11.50 40.56
C ILE F 42 32.09 -11.84 42.04
N GLY F 43 32.48 -10.87 42.85
CA GLY F 43 32.51 -11.08 44.28
C GLY F 43 33.47 -12.18 44.68
N LYS F 44 34.48 -12.40 43.84
CA LYS F 44 35.55 -13.35 44.11
C LYS F 44 36.94 -12.68 44.15
N LYS F 45 37.81 -13.17 45.04
CA LYS F 45 39.22 -12.73 45.09
C LYS F 45 40.09 -13.88 44.67
N ILE F 46 41.29 -13.57 44.23
CA ILE F 46 42.31 -14.59 44.01
C ILE F 46 42.85 -14.99 45.37
N GLY F 47 42.67 -16.26 45.76
CA GLY F 47 43.23 -16.77 47.02
C GLY F 47 44.31 -17.81 46.79
N ALA F 48 44.90 -18.32 47.87
CA ALA F 48 45.95 -19.32 47.71
C ALA F 48 45.56 -20.55 46.88
N ASN F 49 44.25 -20.82 46.76
CA ASN F 49 43.78 -22.03 46.09
C ASN F 49 42.84 -21.79 44.90
N GLY F 50 42.81 -20.56 44.41
CA GLY F 50 41.92 -20.22 43.33
C GLY F 50 40.97 -19.17 43.82
N LEU F 51 39.92 -18.91 43.03
CA LEU F 51 38.94 -17.91 43.42
C LEU F 51 38.25 -18.34 44.73
N GLU F 52 38.19 -17.43 45.69
CA GLU F 52 37.34 -17.57 46.89
C GLU F 52 36.45 -16.32 47.08
N THR F 53 35.43 -16.47 47.91
CA THR F 53 34.41 -15.46 48.12
C THR F 53 35.03 -14.22 48.76
N ASP F 54 34.74 -13.07 48.15
CA ASP F 54 35.04 -11.76 48.69
C ASP F 54 34.09 -10.78 48.02
N ALA F 55 32.90 -10.70 48.58
CA ALA F 55 31.77 -9.97 47.99
C ALA F 55 32.08 -8.54 47.56
N ASP F 56 31.37 -8.12 46.49
CA ASP F 56 31.21 -6.73 46.05
C ASP F 56 32.48 -6.13 45.48
N LYS F 57 32.57 -4.79 45.46
CA LYS F 57 33.69 -4.07 44.85
C LYS F 57 33.98 -4.55 43.41
N ASN F 58 32.92 -4.69 42.63
CA ASN F 58 32.96 -5.34 41.33
C ASN F 58 33.18 -4.37 40.14
N ALA F 59 33.19 -3.07 40.38
CA ALA F 59 33.28 -2.07 39.32
C ALA F 59 34.25 -2.43 38.18
N LYS F 60 35.53 -2.59 38.55
CA LYS F 60 36.63 -2.81 37.63
C LYS F 60 36.47 -4.09 36.81
N LEU F 61 35.86 -5.10 37.43
CA LEU F 61 35.49 -6.30 36.72
C LEU F 61 34.48 -5.97 35.61
N ILE F 62 33.47 -5.17 35.93
CA ILE F 62 32.49 -4.77 34.91
C ILE F 62 33.18 -3.92 33.85
N SER F 63 34.11 -3.08 34.28
CA SER F 63 35.00 -2.36 33.38
C SER F 63 35.66 -3.29 32.37
N GLY F 64 36.15 -4.44 32.88
CA GLY F 64 36.76 -5.49 32.07
C GLY F 64 35.81 -5.98 31.00
N ALA F 65 34.63 -6.41 31.43
CA ALA F 65 33.60 -6.87 30.49
C ALA F 65 33.34 -5.80 29.42
N TYR F 66 33.16 -4.58 29.88
CA TYR F 66 32.94 -3.45 28.99
C TYR F 66 34.05 -3.38 27.96
N SER F 67 35.27 -3.52 28.42
CA SER F 67 36.40 -3.42 27.53
C SER F 67 36.36 -4.52 26.46
N VAL F 68 35.92 -5.71 26.86
CA VAL F 68 35.94 -6.85 25.97
C VAL F 68 34.84 -6.67 24.96
N ILE F 69 33.67 -6.20 25.39
CA ILE F 69 32.58 -6.06 24.41
C ILE F 69 32.90 -4.90 23.48
N SER F 70 33.72 -3.94 23.94
CA SER F 70 34.23 -2.87 23.07
C SER F 70 34.98 -3.50 21.89
N ALA F 71 35.80 -4.53 22.20
CA ALA F 71 36.69 -5.19 21.26
C ALA F 71 35.87 -5.99 20.25
N VAL F 72 34.83 -6.65 20.77
CA VAL F 72 33.85 -7.31 19.93
C VAL F 72 33.28 -6.29 18.97
N ASP F 73 32.90 -5.16 19.53
CA ASP F 73 32.19 -4.18 18.79
C ASP F 73 33.03 -3.73 17.61
N THR F 74 34.30 -3.45 17.87
CA THR F 74 35.21 -2.98 16.83
C THR F 74 35.45 -4.06 15.77
N LYS F 75 35.61 -5.31 16.18
CA LYS F 75 35.76 -6.42 15.24
C LYS F 75 34.58 -6.53 14.29
N LEU F 76 33.37 -6.43 14.83
CA LEU F 76 32.15 -6.52 14.04
C LEU F 76 32.11 -5.38 13.03
N ALA F 77 32.46 -4.19 13.50
CA ALA F 77 32.51 -3.01 12.65
C ALA F 77 33.34 -3.31 11.40
N SER F 78 34.41 -4.07 11.61
CA SER F 78 35.35 -4.43 10.54
C SER F 78 34.79 -5.54 9.65
N LEU F 79 34.19 -6.54 10.29
CA LEU F 79 33.50 -7.57 9.54
C LEU F 79 32.40 -7.02 8.63
N GLU F 80 31.61 -6.05 9.14
CA GLU F 80 30.45 -5.55 8.40
C GLU F 80 30.91 -5.04 7.04
N LYS F 81 32.20 -4.67 6.99
CA LYS F 81 32.89 -4.08 5.82
C LYS F 81 33.43 -5.09 4.81
N LYS F 82 33.53 -6.37 5.16
CA LYS F 82 34.20 -7.35 4.32
C LYS F 82 33.51 -7.45 2.97
N VAL F 83 34.31 -7.56 1.92
CA VAL F 83 33.79 -7.63 0.55
C VAL F 83 33.41 -9.09 0.20
N GLY F 84 32.36 -9.25 -0.60
CA GLY F 84 31.95 -10.55 -1.12
C GLY F 84 31.13 -11.42 -0.16
N ILE F 85 30.82 -10.89 1.04
CA ILE F 85 29.84 -11.50 1.96
C ILE F 85 28.42 -11.49 1.35
N SER F 86 27.67 -12.57 1.55
CA SER F 86 26.27 -12.63 1.12
C SER F 86 25.40 -11.69 1.95
N ASP F 87 24.40 -11.05 1.30
CA ASP F 87 23.49 -10.17 2.05
C ASP F 87 23.06 -10.87 3.35
N ASP F 88 22.62 -12.13 3.23
CA ASP F 88 22.24 -12.99 4.38
C ASP F 88 23.21 -12.82 5.54
N LEU F 89 24.47 -13.18 5.31
CA LEU F 89 25.47 -13.12 6.38
C LEU F 89 25.73 -11.67 6.86
N LYS F 90 25.66 -10.70 5.94
CA LYS F 90 25.78 -9.26 6.27
C LYS F 90 24.71 -8.86 7.30
N GLY F 91 23.49 -9.29 7.04
CA GLY F 91 22.36 -9.09 7.96
C GLY F 91 22.59 -9.77 9.31
N LYS F 92 23.12 -10.99 9.31
CA LYS F 92 23.43 -11.65 10.54
C LYS F 92 24.53 -10.91 11.30
N ILE F 93 25.47 -10.30 10.57
CA ILE F 93 26.51 -9.45 11.18
C ILE F 93 25.88 -8.22 11.85
N THR F 94 24.97 -7.57 11.13
CA THR F 94 24.27 -6.40 11.64
C THR F 94 23.57 -6.69 12.97
N THR F 95 22.84 -7.79 13.03
CA THR F 95 22.25 -8.17 14.28
C THR F 95 23.28 -8.23 15.41
N VAL F 96 24.44 -8.83 15.18
CA VAL F 96 25.42 -8.90 16.27
C VAL F 96 25.94 -7.51 16.63
N LYS F 97 26.34 -6.76 15.62
CA LYS F 97 26.85 -5.40 15.82
C LYS F 97 25.89 -4.49 16.60
N ASN F 98 24.61 -4.57 16.25
CA ASN F 98 23.62 -3.82 16.97
C ASN F 98 23.51 -4.30 18.41
N ALA F 99 23.46 -5.61 18.64
CA ALA F 99 23.43 -6.15 19.99
C ALA F 99 24.64 -5.71 20.82
N SER F 100 25.81 -5.59 20.18
CA SER F 100 26.98 -5.19 20.91
C SER F 100 26.95 -3.68 21.23
N THR F 101 26.62 -2.85 20.24
CA THR F 101 26.37 -1.45 20.50
C THR F 101 25.37 -1.30 21.66
N SER F 102 24.29 -2.08 21.62
CA SER F 102 23.22 -2.05 22.63
C SER F 102 23.70 -2.26 24.02
N PHE F 103 24.62 -3.20 24.16
CA PHE F 103 25.16 -3.53 25.45
C PHE F 103 26.03 -2.37 25.97
N LEU F 104 26.91 -1.84 25.13
CA LEU F 104 27.77 -0.73 25.53
C LEU F 104 26.94 0.51 25.93
N THR F 105 25.93 0.83 25.11
CA THR F 105 25.03 1.92 25.40
C THR F 105 24.31 1.75 26.77
N LYS F 106 23.85 0.53 27.02
CA LYS F 106 23.14 0.19 28.25
C LYS F 106 24.02 0.41 29.49
N ALA F 107 25.21 -0.23 29.46
CA ALA F 107 26.25 -0.09 30.48
C ALA F 107 26.61 1.38 30.73
N LYS F 108 26.91 2.12 29.67
CA LYS F 108 27.26 3.54 29.84
C LYS F 108 26.13 4.25 30.54
N SER F 109 24.89 3.91 30.17
CA SER F 109 23.73 4.60 30.75
C SER F 109 23.57 4.27 32.25
N LYS F 110 24.10 3.13 32.68
CA LYS F 110 24.02 2.78 34.08
C LYS F 110 25.35 3.03 34.81
N THR F 111 26.09 4.04 34.35
CA THR F 111 27.35 4.42 35.00
C THR F 111 27.23 4.64 36.51
N ALA F 112 26.16 5.31 36.94
CA ALA F 112 25.93 5.59 38.38
C ALA F 112 25.89 4.31 39.21
N ASP F 113 25.40 3.23 38.59
CA ASP F 113 25.27 1.93 39.23
C ASP F 113 26.49 1.06 39.08
N LEU F 114 27.19 1.18 37.95
CA LEU F 114 28.27 0.23 37.58
C LEU F 114 29.66 0.74 37.82
N GLY F 115 29.79 2.06 37.96
CA GLY F 115 31.08 2.72 38.11
C GLY F 115 31.36 3.19 39.53
N LYS F 116 30.39 2.98 40.40
CA LYS F 116 30.49 3.39 41.79
C LYS F 116 31.56 2.60 42.58
N ASP F 117 32.07 3.20 43.66
CA ASP F 117 33.19 2.64 44.42
C ASP F 117 32.94 1.25 45.06
N ASP F 118 31.68 0.81 45.06
CA ASP F 118 31.34 -0.51 45.60
C ASP F 118 30.15 -1.13 44.86
N VAL F 119 30.40 -1.72 43.68
CA VAL F 119 29.30 -2.40 42.95
C VAL F 119 29.05 -3.78 43.56
N LYS F 120 27.89 -3.94 44.20
CA LYS F 120 27.52 -5.20 44.85
C LYS F 120 27.35 -6.34 43.82
N ASP F 121 27.56 -7.56 44.30
CA ASP F 121 27.37 -8.79 43.50
C ASP F 121 26.10 -8.79 42.66
N ALA F 122 24.96 -8.55 43.31
CA ALA F 122 23.69 -8.56 42.62
C ALA F 122 23.64 -7.59 41.42
N ASP F 123 24.14 -6.36 41.57
CA ASP F 123 24.18 -5.41 40.46
C ASP F 123 25.14 -5.85 39.36
N ALA F 124 26.25 -6.47 39.75
CA ALA F 124 27.28 -6.92 38.80
C ALA F 124 26.64 -7.93 37.87
N LYS F 125 25.91 -8.85 38.49
CA LYS F 125 25.17 -9.86 37.76
C LYS F 125 24.09 -9.29 36.78
N THR F 126 23.49 -8.14 37.09
CA THR F 126 22.49 -7.50 36.20
C THR F 126 23.15 -6.87 34.97
N ALA F 127 24.48 -6.81 34.99
CA ALA F 127 25.24 -6.23 33.88
C ALA F 127 25.86 -7.31 33.00
N ILE F 128 26.48 -8.30 33.62
CA ILE F 128 27.32 -9.22 32.85
C ILE F 128 27.06 -10.69 33.04
N ASP F 129 26.05 -11.07 33.79
CA ASP F 129 25.82 -12.48 34.00
C ASP F 129 24.54 -13.00 33.34
N ILE F 130 24.68 -13.67 32.21
CA ILE F 130 23.52 -14.14 31.46
C ILE F 130 22.61 -15.08 32.24
N ALA F 131 23.08 -15.64 33.36
CA ALA F 131 22.26 -16.58 34.18
C ALA F 131 21.61 -15.88 35.39
N ASP F 132 21.69 -14.55 35.35
CA ASP F 132 21.18 -13.67 36.37
C ASP F 132 19.72 -14.00 36.66
N THR F 133 19.40 -14.32 37.91
CA THR F 133 18.01 -14.54 38.28
C THR F 133 17.35 -13.23 38.73
N GLY F 134 18.16 -12.20 38.89
CA GLY F 134 17.64 -10.88 39.20
C GLY F 134 17.09 -10.22 37.95
N ALA F 135 16.84 -8.91 38.01
CA ALA F 135 16.48 -8.22 36.77
C ALA F 135 17.70 -8.26 35.83
N LYS F 136 17.51 -7.96 34.57
CA LYS F 136 18.71 -8.06 33.76
C LYS F 136 18.93 -6.68 33.21
N ASP F 137 18.83 -5.73 34.13
CA ASP F 137 18.52 -4.35 33.81
C ASP F 137 19.71 -3.41 33.71
N LYS F 138 20.94 -3.94 33.72
CA LYS F 138 22.15 -3.10 33.62
C LYS F 138 23.18 -3.60 32.59
N GLY F 139 22.68 -4.34 31.60
CA GLY F 139 23.52 -4.96 30.59
C GLY F 139 23.20 -6.43 30.33
N ALA F 140 22.84 -7.19 31.37
CA ALA F 140 22.61 -8.65 31.16
C ALA F 140 21.65 -8.99 30.01
N GLU F 141 20.54 -8.26 29.92
CA GLU F 141 19.58 -8.51 28.88
C GLU F 141 20.27 -8.37 27.53
N GLU F 142 20.97 -7.26 27.38
CA GLU F 142 21.66 -6.93 26.12
C GLU F 142 22.71 -7.99 25.79
N LEU F 143 23.42 -8.47 26.81
CA LEU F 143 24.39 -9.52 26.64
C LEU F 143 23.76 -10.88 26.27
N ILE F 144 22.56 -11.16 26.75
CA ILE F 144 21.88 -12.38 26.29
C ILE F 144 21.57 -12.23 24.79
N LYS F 145 21.05 -11.07 24.39
CA LYS F 145 20.71 -10.81 22.99
C LYS F 145 21.92 -11.01 22.12
N LEU F 146 23.04 -10.45 22.57
CA LEU F 146 24.33 -10.56 21.89
C LEU F 146 24.74 -12.02 21.72
N ASN F 147 24.57 -12.82 22.78
CA ASN F 147 24.88 -14.23 22.72
C ASN F 147 24.05 -14.93 21.67
N THR F 148 22.79 -14.59 21.59
CA THR F 148 21.94 -15.23 20.62
C THR F 148 22.40 -14.89 19.21
N ALA F 149 22.66 -13.60 19.00
CA ALA F 149 22.99 -13.08 17.70
C ALA F 149 24.30 -13.69 17.22
N ILE F 150 25.33 -13.69 18.08
CA ILE F 150 26.59 -14.32 17.70
C ILE F 150 26.50 -15.81 17.46
N ASP F 151 25.67 -16.51 18.22
CA ASP F 151 25.49 -17.94 17.95
C ASP F 151 24.91 -18.14 16.56
N ALA F 152 23.88 -17.37 16.20
CA ALA F 152 23.30 -17.47 14.85
C ALA F 152 24.35 -17.22 13.76
N LEU F 153 25.16 -16.17 13.92
CA LEU F 153 26.19 -15.85 12.96
C LEU F 153 27.19 -17.00 12.83
N LEU F 154 27.59 -17.56 13.98
CA LEU F 154 28.60 -18.63 14.00
C LEU F 154 28.05 -19.88 13.33
N THR F 155 26.79 -20.19 13.61
CA THR F 155 26.15 -21.34 13.03
C THR F 155 26.19 -21.24 11.50
N SER F 156 25.85 -20.06 10.98
CA SER F 156 25.81 -19.85 9.55
C SER F 156 27.21 -19.88 8.98
N ALA F 157 28.18 -19.29 9.70
CA ALA F 157 29.54 -19.23 9.21
C ALA F 157 30.07 -20.65 9.07
N GLU F 158 29.76 -21.46 10.08
CA GLU F 158 30.27 -22.82 10.14
C GLU F 158 29.59 -23.67 9.12
N ALA F 159 28.30 -23.44 8.94
CA ALA F 159 27.53 -24.12 7.89
C ALA F 159 28.16 -23.92 6.49
N ALA F 160 28.62 -22.70 6.25
CA ALA F 160 29.27 -22.35 4.98
C ALA F 160 30.56 -23.12 4.77
N VAL F 161 31.37 -23.25 5.83
CA VAL F 161 32.61 -24.04 5.79
C VAL F 161 32.33 -25.49 5.46
N THR F 162 31.38 -26.07 6.18
CA THR F 162 30.90 -27.41 5.94
C THR F 162 30.41 -27.62 4.52
N ALA F 163 29.58 -26.70 4.02
CA ALA F 163 29.11 -26.76 2.62
C ALA F 163 30.23 -26.62 1.58
N ALA F 164 31.20 -25.76 1.84
CA ALA F 164 32.35 -25.58 0.96
C ALA F 164 33.27 -26.80 0.94
N ILE F 165 33.39 -27.51 2.07
CA ILE F 165 34.17 -28.74 2.15
C ILE F 165 33.42 -29.85 1.42
N ASN F 166 32.12 -29.94 1.71
CA ASN F 166 31.22 -30.94 1.13
C ASN F 166 31.08 -30.83 -0.39
N ALA F 167 30.89 -29.61 -0.88
CA ALA F 167 30.72 -29.34 -2.30
C ALA F 167 31.95 -29.84 -3.06
N LEU F 168 33.07 -29.95 -2.33
CA LEU F 168 34.28 -30.56 -2.88
C LEU F 168 33.90 -31.73 -3.73
N VAL G 5 -25.95 -9.88 -53.88
CA VAL G 5 -27.04 -10.57 -53.13
C VAL G 5 -27.23 -9.97 -51.71
N ILE G 6 -27.67 -8.71 -51.64
CA ILE G 6 -27.78 -8.02 -50.36
C ILE G 6 -29.17 -8.18 -49.69
N ASP G 7 -29.18 -8.23 -48.36
CA ASP G 7 -30.34 -8.61 -47.58
C ASP G 7 -31.12 -7.40 -47.10
N LEU G 8 -31.93 -6.82 -47.99
CA LEU G 8 -32.84 -5.72 -47.68
C LEU G 8 -33.30 -5.68 -46.22
N ALA G 9 -33.77 -6.84 -45.76
CA ALA G 9 -34.35 -6.95 -44.41
C ALA G 9 -33.37 -6.73 -43.24
N THR G 10 -32.19 -7.35 -43.33
CA THR G 10 -31.15 -7.15 -42.31
C THR G 10 -30.66 -5.70 -42.31
N ILE G 11 -30.55 -5.10 -43.49
CA ILE G 11 -30.13 -3.70 -43.64
C ILE G 11 -31.18 -2.79 -43.01
N THR G 12 -32.46 -3.11 -43.25
CA THR G 12 -33.61 -2.34 -42.74
C THR G 12 -33.69 -2.38 -41.22
N LYS G 13 -33.55 -3.59 -40.67
CA LYS G 13 -33.49 -3.79 -39.22
C LYS G 13 -32.39 -2.95 -38.57
N ASN G 14 -31.20 -3.01 -39.15
CA ASN G 14 -30.08 -2.23 -38.65
C ASN G 14 -30.31 -0.73 -38.64
N ILE G 15 -31.00 -0.22 -39.66
CA ILE G 15 -31.34 1.21 -39.74
C ILE G 15 -32.30 1.56 -38.59
N THR G 16 -33.35 0.76 -38.46
CA THR G 16 -34.34 0.92 -37.39
C THR G 16 -33.70 0.92 -36.03
N ASP G 17 -32.90 -0.13 -35.76
CA ASP G 17 -32.25 -0.26 -34.46
C ASP G 17 -31.38 0.95 -34.22
N ALA G 18 -30.56 1.33 -35.22
CA ALA G 18 -29.61 2.40 -35.05
C ALA G 18 -30.32 3.71 -34.80
N VAL G 19 -31.42 3.94 -35.51
CA VAL G 19 -32.24 5.13 -35.32
C VAL G 19 -32.83 5.17 -33.90
N ALA G 20 -33.43 4.06 -33.47
CA ALA G 20 -34.05 4.00 -32.14
C ALA G 20 -33.04 4.29 -31.06
N PHE G 21 -31.84 3.70 -31.17
CA PHE G 21 -30.79 3.94 -30.18
C PHE G 21 -30.41 5.40 -30.19
N ALA G 22 -30.25 5.97 -31.40
CA ALA G 22 -29.89 7.38 -31.51
C ALA G 22 -30.97 8.26 -30.89
N LYS G 23 -32.24 7.89 -31.08
CA LYS G 23 -33.36 8.63 -30.47
C LYS G 23 -33.17 8.74 -28.96
N SER G 24 -32.93 7.63 -28.28
CA SER G 24 -32.67 7.67 -26.83
C SER G 24 -31.47 8.55 -26.50
N VAL G 25 -30.40 8.44 -27.27
CA VAL G 25 -29.21 9.21 -26.95
C VAL G 25 -29.50 10.70 -27.13
N LYS G 26 -30.06 11.02 -28.28
CA LYS G 26 -30.41 12.38 -28.62
C LYS G 26 -31.25 13.04 -27.52
N ASP G 27 -32.18 12.27 -26.94
CA ASP G 27 -33.06 12.73 -25.88
C ASP G 27 -32.23 13.08 -24.66
N VAL G 28 -31.31 12.21 -24.28
CA VAL G 28 -30.38 12.51 -23.20
C VAL G 28 -29.55 13.77 -23.54
N HIS G 29 -29.03 13.88 -24.76
CA HIS G 29 -28.19 15.06 -25.05
C HIS G 29 -28.97 16.35 -24.89
N THR G 30 -30.21 16.37 -25.37
CA THR G 30 -31.03 17.57 -25.28
C THR G 30 -31.26 17.94 -23.81
N LEU G 31 -31.66 16.98 -22.99
CA LEU G 31 -31.84 17.26 -21.57
C LEU G 31 -30.56 17.89 -20.95
N VAL G 32 -29.39 17.38 -21.34
CA VAL G 32 -28.17 17.87 -20.74
C VAL G 32 -27.90 19.32 -21.24
N LYS G 33 -27.96 19.56 -22.56
CA LYS G 33 -27.86 20.91 -23.11
C LYS G 33 -28.87 21.87 -22.43
N SER G 34 -30.07 21.37 -22.08
CA SER G 34 -31.07 22.29 -21.53
C SER G 34 -30.61 22.93 -20.24
N ILE G 35 -29.63 22.33 -19.55
CA ILE G 35 -29.14 23.00 -18.36
C ILE G 35 -28.48 24.33 -18.70
N ASP G 36 -27.94 24.45 -19.92
CA ASP G 36 -27.48 25.74 -20.43
C ASP G 36 -28.58 26.80 -20.51
N GLU G 37 -29.80 26.38 -20.90
CA GLU G 37 -30.91 27.30 -20.91
C GLU G 37 -31.24 27.70 -19.49
N LEU G 38 -31.26 26.76 -18.55
CA LEU G 38 -31.59 27.10 -17.17
C LEU G 38 -30.59 28.06 -16.54
N ALA G 39 -29.32 27.90 -16.92
CA ALA G 39 -28.27 28.78 -16.41
C ALA G 39 -28.47 30.22 -16.87
N LYS G 40 -28.95 30.38 -18.09
CA LYS G 40 -29.22 31.71 -18.61
C LYS G 40 -30.27 32.43 -17.73
N ALA G 41 -31.02 31.65 -16.91
CA ALA G 41 -32.06 32.18 -16.03
C ALA G 41 -31.61 32.58 -14.63
N ILE G 42 -30.38 32.23 -14.26
CA ILE G 42 -29.86 32.50 -12.93
C ILE G 42 -29.96 33.98 -12.70
N GLY G 43 -30.53 34.35 -11.56
CA GLY G 43 -30.64 35.76 -11.20
C GLY G 43 -31.47 36.58 -12.18
N LYS G 44 -32.36 35.89 -12.92
CA LYS G 44 -33.34 36.52 -13.83
C LYS G 44 -34.78 36.27 -13.41
N LYS G 45 -35.63 37.30 -13.54
CA LYS G 45 -37.07 37.17 -13.33
C LYS G 45 -37.72 37.33 -14.68
N ILE G 46 -38.92 36.78 -14.83
CA ILE G 46 -39.69 37.02 -16.05
C ILE G 46 -40.38 38.36 -15.90
N GLY G 47 -40.09 39.24 -16.85
CA GLY G 47 -40.62 40.59 -16.86
C GLY G 47 -41.51 40.81 -18.06
N ALA G 48 -42.07 42.00 -18.20
CA ALA G 48 -42.98 42.34 -19.30
C ALA G 48 -42.42 41.97 -20.67
N ASN G 49 -41.10 41.91 -20.78
CA ASN G 49 -40.42 41.87 -22.06
C ASN G 49 -39.48 40.68 -22.20
N GLY G 50 -39.59 39.72 -21.27
CA GLY G 50 -38.68 38.61 -21.24
C GLY G 50 -37.85 38.64 -19.95
N LEU G 51 -36.82 37.80 -19.91
CA LEU G 51 -36.00 37.73 -18.71
C LEU G 51 -35.34 39.09 -18.47
N GLU G 52 -35.40 39.54 -17.22
CA GLU G 52 -34.58 40.67 -16.84
C GLU G 52 -33.87 40.36 -15.52
N THR G 53 -32.92 41.21 -15.16
CA THR G 53 -32.12 41.05 -13.96
C THR G 53 -32.93 41.15 -12.68
N ASP G 54 -32.78 40.16 -11.82
CA ASP G 54 -33.32 40.17 -10.46
C ASP G 54 -32.47 39.17 -9.68
N ALA G 55 -31.32 39.64 -9.22
CA ALA G 55 -30.30 38.74 -8.66
C ALA G 55 -30.77 37.72 -7.61
N ASP G 56 -30.03 36.62 -7.56
CA ASP G 56 -30.05 35.71 -6.41
C ASP G 56 -31.34 34.92 -6.29
N LYS G 57 -31.63 34.40 -5.09
CA LYS G 57 -32.81 33.59 -4.85
C LYS G 57 -32.92 32.40 -5.87
N ASN G 58 -31.84 31.67 -6.06
CA ASN G 58 -31.74 30.73 -7.15
C ASN G 58 -32.01 29.25 -6.81
N ALA G 59 -32.20 28.95 -5.54
CA ALA G 59 -32.25 27.54 -5.10
C ALA G 59 -33.15 26.67 -5.97
N LYS G 60 -34.38 27.14 -6.20
CA LYS G 60 -35.41 26.36 -6.91
C LYS G 60 -35.04 26.15 -8.38
N LEU G 61 -34.34 27.12 -8.96
CA LEU G 61 -33.76 26.93 -10.29
C LEU G 61 -32.77 25.76 -10.30
N ILE G 62 -31.89 25.70 -9.29
CA ILE G 62 -30.91 24.62 -9.23
C ILE G 62 -31.62 23.34 -8.95
N SER G 63 -32.73 23.42 -8.20
CA SER G 63 -33.52 22.23 -7.98
C SER G 63 -34.07 21.71 -9.31
N GLY G 64 -34.43 22.63 -10.19
CA GLY G 64 -34.91 22.25 -11.51
C GLY G 64 -33.82 21.53 -12.29
N ALA G 65 -32.65 22.14 -12.38
CA ALA G 65 -31.52 21.51 -13.00
C ALA G 65 -31.33 20.10 -12.42
N TYR G 66 -31.28 19.99 -11.11
CA TYR G 66 -31.16 18.69 -10.47
C TYR G 66 -32.23 17.75 -10.95
N SER G 67 -33.46 18.24 -11.09
CA SER G 67 -34.55 17.35 -11.45
C SER G 67 -34.31 16.80 -12.84
N VAL G 68 -33.87 17.67 -13.72
CA VAL G 68 -33.63 17.28 -15.08
C VAL G 68 -32.48 16.28 -15.15
N ILE G 69 -31.39 16.52 -14.42
CA ILE G 69 -30.28 15.60 -14.49
C ILE G 69 -30.65 14.26 -13.84
N SER G 70 -31.63 14.28 -12.93
CA SER G 70 -32.22 13.04 -12.39
C SER G 70 -32.85 12.23 -13.52
N ALA G 71 -33.50 12.95 -14.44
CA ALA G 71 -34.22 12.32 -15.54
C ALA G 71 -33.20 11.69 -16.51
N VAL G 72 -32.17 12.46 -16.84
CA VAL G 72 -31.03 11.95 -17.57
C VAL G 72 -30.58 10.65 -16.92
N ASP G 73 -30.28 10.70 -15.61
CA ASP G 73 -29.62 9.58 -14.93
C ASP G 73 -30.48 8.32 -15.05
N THR G 74 -31.79 8.50 -14.90
CA THR G 74 -32.75 7.42 -15.00
C THR G 74 -32.78 6.85 -16.42
N LYS G 75 -32.73 7.72 -17.43
CA LYS G 75 -32.79 7.30 -18.82
C LYS G 75 -31.57 6.45 -19.17
N LEU G 76 -30.42 6.90 -18.70
CA LEU G 76 -29.18 6.18 -18.97
C LEU G 76 -29.15 4.85 -18.27
N ALA G 77 -29.68 4.80 -17.05
CA ALA G 77 -29.79 3.54 -16.31
C ALA G 77 -30.57 2.51 -17.10
N SER G 78 -31.57 2.98 -17.86
CA SER G 78 -32.35 2.07 -18.67
C SER G 78 -31.60 1.71 -19.96
N LEU G 79 -30.97 2.72 -20.58
CA LEU G 79 -30.09 2.51 -21.73
C LEU G 79 -28.99 1.51 -21.49
N GLU G 80 -28.34 1.58 -20.33
CA GLU G 80 -27.28 0.62 -19.96
C GLU G 80 -27.76 -0.83 -20.10
N LYS G 81 -29.06 -1.04 -19.95
CA LYS G 81 -29.57 -2.40 -20.00
C LYS G 81 -30.09 -2.85 -21.37
N LYS G 82 -30.05 -2.00 -22.40
CA LYS G 82 -30.57 -2.38 -23.72
C LYS G 82 -29.80 -3.60 -24.23
N VAL G 83 -30.54 -4.52 -24.86
CA VAL G 83 -29.91 -5.71 -25.42
C VAL G 83 -29.38 -5.44 -26.81
N GLY G 84 -28.31 -6.15 -27.16
CA GLY G 84 -27.73 -6.10 -28.49
C GLY G 84 -26.80 -4.93 -28.79
N ILE G 85 -26.63 -4.04 -27.82
CA ILE G 85 -25.68 -2.92 -27.91
C ILE G 85 -24.24 -3.46 -27.94
N SER G 86 -23.35 -2.82 -28.70
CA SER G 86 -21.95 -3.25 -28.73
C SER G 86 -21.26 -2.86 -27.43
N ASP G 87 -20.28 -3.66 -27.00
CA ASP G 87 -19.54 -3.37 -25.78
C ASP G 87 -19.09 -1.90 -25.82
N ASP G 88 -18.53 -1.50 -26.96
CA ASP G 88 -18.10 -0.10 -27.21
C ASP G 88 -19.13 0.95 -26.78
N LEU G 89 -20.34 0.84 -27.31
CA LEU G 89 -21.37 1.80 -26.97
C LEU G 89 -21.84 1.68 -25.53
N LYS G 90 -21.91 0.46 -24.98
CA LYS G 90 -22.29 0.25 -23.59
C LYS G 90 -21.27 0.99 -22.71
N GLY G 91 -19.98 0.87 -23.02
CA GLY G 91 -18.92 1.61 -22.36
C GLY G 91 -19.08 3.12 -22.45
N LYS G 92 -19.45 3.62 -23.62
CA LYS G 92 -19.70 5.07 -23.75
C LYS G 92 -20.93 5.51 -22.93
N ILE G 93 -21.92 4.63 -22.78
CA ILE G 93 -23.10 4.97 -21.95
C ILE G 93 -22.71 5.02 -20.49
N THR G 94 -21.90 4.04 -20.06
CA THR G 94 -21.38 4.02 -18.72
C THR G 94 -20.67 5.32 -18.36
N THR G 95 -19.79 5.81 -19.24
CA THR G 95 -19.15 7.10 -19.01
C THR G 95 -20.20 8.17 -18.78
N VAL G 96 -21.28 8.18 -19.54
CA VAL G 96 -22.30 9.21 -19.36
C VAL G 96 -23.04 9.03 -18.00
N LYS G 97 -23.51 7.81 -17.72
CA LYS G 97 -24.21 7.58 -16.45
C LYS G 97 -23.35 7.90 -15.23
N ASN G 98 -22.05 7.58 -15.30
CA ASN G 98 -21.12 7.89 -14.24
C ASN G 98 -21.08 9.38 -13.99
N ALA G 99 -20.98 10.13 -15.10
CA ALA G 99 -20.96 11.58 -15.05
C ALA G 99 -22.24 12.15 -14.47
N SER G 100 -23.40 11.60 -14.83
CA SER G 100 -24.65 12.13 -14.24
C SER G 100 -24.77 11.78 -12.74
N THR G 101 -24.45 10.54 -12.37
CA THR G 101 -24.44 10.17 -10.97
C THR G 101 -23.51 11.14 -10.20
N SER G 102 -22.32 11.36 -10.76
CA SER G 102 -21.36 12.30 -10.23
C SER G 102 -21.97 13.68 -9.98
N PHE G 103 -22.72 14.19 -10.93
CA PHE G 103 -23.33 15.51 -10.76
C PHE G 103 -24.31 15.53 -9.60
N LEU G 104 -25.24 14.58 -9.59
CA LEU G 104 -26.24 14.51 -8.52
C LEU G 104 -25.57 14.32 -7.14
N THR G 105 -24.57 13.45 -7.06
CA THR G 105 -23.84 13.30 -5.79
C THR G 105 -23.15 14.58 -5.33
N LYS G 106 -22.59 15.34 -6.27
CA LYS G 106 -21.89 16.56 -5.89
C LYS G 106 -22.88 17.58 -5.39
N ALA G 107 -23.98 17.77 -6.13
CA ALA G 107 -25.06 18.70 -5.78
C ALA G 107 -25.63 18.39 -4.40
N LYS G 108 -26.03 17.13 -4.19
CA LYS G 108 -26.50 16.69 -2.89
C LYS G 108 -25.50 17.06 -1.80
N SER G 109 -24.21 16.88 -2.08
CA SER G 109 -23.15 17.15 -1.12
C SER G 109 -23.08 18.64 -0.78
N LYS G 110 -23.50 19.48 -1.71
CA LYS G 110 -23.41 20.90 -1.50
C LYS G 110 -24.77 21.53 -1.14
N THR G 111 -25.64 20.69 -0.57
CA THR G 111 -26.96 21.13 -0.07
C THR G 111 -26.96 22.41 0.78
N ALA G 112 -26.03 22.54 1.73
CA ALA G 112 -25.91 23.77 2.55
C ALA G 112 -25.76 25.04 1.73
N ASP G 113 -25.13 24.89 0.57
CA ASP G 113 -24.84 25.98 -0.35
C ASP G 113 -25.96 26.19 -1.34
N LEU G 114 -26.59 25.09 -1.79
CA LEU G 114 -27.49 25.11 -2.96
C LEU G 114 -28.97 25.11 -2.63
N GLY G 115 -29.28 24.75 -1.38
CA GLY G 115 -30.65 24.67 -0.93
C GLY G 115 -31.06 25.75 0.04
N LYS G 116 -30.14 26.66 0.39
CA LYS G 116 -30.42 27.75 1.33
C LYS G 116 -31.42 28.76 0.74
N ASP G 117 -32.05 29.56 1.60
CA ASP G 117 -33.10 30.51 1.19
C ASP G 117 -32.65 31.55 0.21
N ASP G 118 -31.34 31.76 0.10
CA ASP G 118 -30.86 32.71 -0.89
C ASP G 118 -29.59 32.29 -1.58
N VAL G 119 -29.73 31.50 -2.63
CA VAL G 119 -28.57 31.10 -3.40
C VAL G 119 -28.17 32.23 -4.35
N LYS G 120 -27.04 32.87 -4.09
CA LYS G 120 -26.56 33.96 -4.94
C LYS G 120 -26.13 33.49 -6.33
N ASP G 121 -26.22 34.38 -7.31
CA ASP G 121 -25.81 34.09 -8.70
C ASP G 121 -24.50 33.30 -8.77
N ALA G 122 -23.44 33.85 -8.18
CA ALA G 122 -22.11 33.25 -8.22
C ALA G 122 -22.17 31.75 -7.89
N ASP G 123 -22.80 31.39 -6.77
CA ASP G 123 -22.92 29.99 -6.38
C ASP G 123 -23.75 29.14 -7.34
N ALA G 124 -24.85 29.70 -7.85
CA ALA G 124 -25.70 28.98 -8.79
C ALA G 124 -24.86 28.61 -10.00
N LYS G 125 -23.98 29.55 -10.39
CA LYS G 125 -23.10 29.38 -11.54
C LYS G 125 -22.13 28.20 -11.29
N THR G 126 -21.67 28.03 -10.05
CA THR G 126 -20.73 26.93 -9.73
C THR G 126 -21.42 25.56 -9.76
N ALA G 127 -22.75 25.56 -9.85
CA ALA G 127 -23.48 24.31 -9.87
C ALA G 127 -23.92 23.92 -11.25
N ILE G 128 -24.51 24.86 -12.00
CA ILE G 128 -25.16 24.55 -13.24
C ILE G 128 -24.71 25.34 -14.47
N ASP G 129 -23.62 26.08 -14.38
CA ASP G 129 -23.23 26.91 -15.50
C ASP G 129 -21.88 26.54 -16.11
N ILE G 130 -21.89 25.81 -17.23
CA ILE G 130 -20.62 25.27 -17.76
C ILE G 130 -19.63 26.33 -18.26
N ALA G 131 -20.11 27.55 -18.53
CA ALA G 131 -19.25 28.69 -18.90
C ALA G 131 -18.83 29.54 -17.67
N ASP G 132 -18.99 28.98 -16.48
CA ASP G 132 -18.68 29.77 -15.30
C ASP G 132 -17.18 29.99 -15.13
N THR G 133 -16.84 31.27 -15.02
CA THR G 133 -15.46 31.65 -14.85
C THR G 133 -15.06 31.58 -13.38
N GLY G 134 -16.04 31.30 -12.49
CA GLY G 134 -15.76 31.08 -11.07
C GLY G 134 -15.25 29.66 -10.84
N ALA G 135 -15.16 29.22 -9.58
CA ALA G 135 -14.84 27.82 -9.31
C ALA G 135 -15.97 26.99 -9.92
N LYS G 136 -15.75 25.71 -10.21
CA LYS G 136 -16.83 24.90 -10.75
C LYS G 136 -17.19 23.89 -9.68
N ASP G 137 -17.21 24.40 -8.44
CA ASP G 137 -17.07 23.59 -7.21
C ASP G 137 -18.36 23.08 -6.59
N LYS G 138 -19.50 23.36 -7.21
CA LYS G 138 -20.78 22.85 -6.70
C LYS G 138 -21.66 22.09 -7.72
N GLY G 139 -21.02 21.54 -8.76
CA GLY G 139 -21.72 20.81 -9.79
C GLY G 139 -21.26 21.11 -11.21
N ALA G 140 -20.79 22.32 -11.47
CA ALA G 140 -20.44 22.69 -12.85
C ALA G 140 -19.35 21.84 -13.48
N GLU G 141 -18.33 21.49 -12.72
CA GLU G 141 -17.27 20.63 -13.19
C GLU G 141 -17.85 19.30 -13.64
N GLU G 142 -18.69 18.72 -12.81
CA GLU G 142 -19.36 17.46 -13.14
C GLU G 142 -20.27 17.61 -14.35
N LEU G 143 -20.93 18.75 -14.47
CA LEU G 143 -21.80 18.99 -15.59
C LEU G 143 -21.01 19.18 -16.89
N ILE G 144 -19.77 19.67 -16.78
CA ILE G 144 -18.87 19.74 -17.91
C ILE G 144 -18.55 18.34 -18.37
N LYS G 145 -18.18 17.48 -17.42
CA LYS G 145 -17.82 16.11 -17.77
C LYS G 145 -18.99 15.39 -18.42
N LEU G 146 -20.17 15.59 -17.85
CA LEU G 146 -21.40 15.02 -18.38
C LEU G 146 -21.60 15.41 -19.86
N ASN G 147 -21.39 16.70 -20.14
CA ASN G 147 -21.53 17.22 -21.48
C ASN G 147 -20.56 16.56 -22.46
N THR G 148 -19.32 16.40 -22.04
CA THR G 148 -18.35 15.72 -22.88
C THR G 148 -18.75 14.28 -23.15
N ALA G 149 -19.20 13.58 -22.10
CA ALA G 149 -19.54 12.16 -22.19
C ALA G 149 -20.71 11.99 -23.11
N ILE G 150 -21.75 12.80 -22.93
CA ILE G 150 -22.91 12.69 -23.81
C ILE G 150 -22.58 13.02 -25.25
N ASP G 151 -21.74 14.05 -25.47
CA ASP G 151 -21.38 14.39 -26.85
C ASP G 151 -20.73 13.17 -27.53
N ALA G 152 -19.82 12.49 -26.81
CA ALA G 152 -19.13 11.32 -27.35
C ALA G 152 -20.13 10.23 -27.72
N LEU G 153 -21.07 9.95 -26.81
CA LEU G 153 -22.09 8.93 -27.06
C LEU G 153 -22.90 9.27 -28.28
N LEU G 154 -23.33 10.53 -28.37
CA LEU G 154 -24.19 10.96 -29.47
C LEU G 154 -23.45 10.92 -30.80
N THR G 155 -22.17 11.30 -30.82
CA THR G 155 -21.41 11.16 -32.06
C THR G 155 -21.36 9.69 -32.47
N SER G 156 -21.12 8.78 -31.55
CA SER G 156 -21.06 7.39 -31.96
C SER G 156 -22.40 6.82 -32.41
N ALA G 157 -23.48 7.27 -31.75
CA ALA G 157 -24.82 6.82 -32.08
C ALA G 157 -25.18 7.29 -33.45
N GLU G 158 -24.84 8.55 -33.70
CA GLU G 158 -25.14 9.18 -34.98
C GLU G 158 -24.31 8.52 -36.08
N ALA G 159 -23.03 8.23 -35.80
CA ALA G 159 -22.18 7.54 -36.77
C ALA G 159 -22.78 6.22 -37.16
N ALA G 160 -23.37 5.51 -36.19
CA ALA G 160 -23.98 4.21 -36.47
C ALA G 160 -25.20 4.29 -37.39
N VAL G 161 -25.98 5.35 -37.25
CA VAL G 161 -27.11 5.55 -38.15
C VAL G 161 -26.59 5.83 -39.52
N THR G 162 -25.62 6.74 -39.66
CA THR G 162 -25.11 6.98 -41.00
C THR G 162 -24.44 5.72 -41.62
N ALA G 163 -23.76 4.93 -40.80
CA ALA G 163 -23.15 3.67 -41.27
C ALA G 163 -24.22 2.70 -41.77
N ALA G 164 -25.35 2.68 -41.06
CA ALA G 164 -26.45 1.77 -41.37
C ALA G 164 -27.19 2.21 -42.60
N ILE G 165 -27.33 3.51 -42.80
CA ILE G 165 -27.94 3.99 -44.03
C ILE G 165 -26.99 3.77 -45.21
N ASN G 166 -25.71 4.07 -45.01
CA ASN G 166 -24.75 3.97 -46.08
C ASN G 166 -24.39 2.55 -46.47
N ALA G 167 -24.35 1.64 -45.49
CA ALA G 167 -24.15 0.21 -45.79
C ALA G 167 -25.21 -0.29 -46.76
N LEU G 168 -26.36 0.38 -46.71
CA LEU G 168 -27.46 0.16 -47.65
C LEU G 168 -26.93 -0.13 -49.03
N VAL H 5 -34.73 -3.97 -61.90
CA VAL H 5 -35.75 -2.95 -61.54
C VAL H 5 -35.80 -2.86 -60.02
N ILE H 6 -35.33 -1.73 -59.48
CA ILE H 6 -35.24 -1.47 -58.03
C ILE H 6 -34.92 0.03 -57.86
N ASP H 7 -34.56 0.53 -56.65
CA ASP H 7 -34.01 1.92 -56.48
C ASP H 7 -33.35 2.31 -55.10
N LEU H 8 -32.05 2.68 -55.10
CA LEU H 8 -31.30 2.79 -53.84
C LEU H 8 -30.87 4.18 -53.36
N ALA H 9 -30.30 4.99 -54.26
CA ALA H 9 -29.77 6.32 -53.92
C ALA H 9 -30.85 7.30 -53.43
N THR H 10 -31.97 7.35 -54.16
CA THR H 10 -33.09 8.23 -53.80
C THR H 10 -33.72 7.79 -52.50
N ILE H 11 -33.86 6.47 -52.32
CA ILE H 11 -34.43 5.96 -51.07
C ILE H 11 -33.53 6.23 -49.87
N THR H 12 -32.22 6.10 -50.07
CA THR H 12 -31.22 6.44 -49.04
C THR H 12 -31.29 7.92 -48.62
N LYS H 13 -31.30 8.82 -49.62
CA LYS H 13 -31.45 10.24 -49.43
C LYS H 13 -32.69 10.50 -48.59
N ASN H 14 -33.81 9.89 -49.01
CA ASN H 14 -35.11 10.00 -48.32
C ASN H 14 -35.07 9.69 -46.84
N ILE H 15 -34.44 8.58 -46.47
CA ILE H 15 -34.38 8.27 -45.04
C ILE H 15 -33.38 9.16 -44.30
N THR H 16 -32.24 9.47 -44.89
CA THR H 16 -31.33 10.47 -44.32
C THR H 16 -32.08 11.77 -44.00
N ASP H 17 -32.78 12.32 -45.02
CA ASP H 17 -33.57 13.56 -44.90
C ASP H 17 -34.58 13.47 -43.78
N ALA H 18 -35.36 12.39 -43.78
CA ALA H 18 -36.45 12.22 -42.82
C ALA H 18 -35.94 12.00 -41.41
N VAL H 19 -34.79 11.36 -41.29
CA VAL H 19 -34.18 11.17 -39.98
C VAL H 19 -33.64 12.50 -39.46
N ALA H 20 -32.97 13.27 -40.33
CA ALA H 20 -32.42 14.57 -39.97
C ALA H 20 -33.51 15.50 -39.45
N PHE H 21 -34.63 15.54 -40.17
CA PHE H 21 -35.80 16.29 -39.79
C PHE H 21 -36.39 15.83 -38.47
N ALA H 22 -36.55 14.53 -38.29
CA ALA H 22 -37.08 14.01 -37.03
C ALA H 22 -36.15 14.34 -35.85
N LYS H 23 -34.85 14.37 -36.10
CA LYS H 23 -33.85 14.77 -35.13
C LYS H 23 -34.20 16.13 -34.54
N SER H 24 -34.33 17.12 -35.40
CA SER H 24 -34.68 18.45 -34.94
C SER H 24 -36.00 18.48 -34.22
N VAL H 25 -36.97 17.72 -34.70
CA VAL H 25 -38.28 17.72 -34.12
C VAL H 25 -38.23 17.08 -32.75
N LYS H 26 -37.55 15.94 -32.63
CA LYS H 26 -37.43 15.28 -31.33
C LYS H 26 -36.69 16.17 -30.29
N ASP H 27 -35.67 16.89 -30.75
CA ASP H 27 -34.95 17.81 -29.89
C ASP H 27 -35.95 18.81 -29.35
N VAL H 28 -36.76 19.38 -30.21
CA VAL H 28 -37.79 20.27 -29.69
C VAL H 28 -38.79 19.57 -28.74
N HIS H 29 -39.31 18.38 -29.09
CA HIS H 29 -40.17 17.66 -28.17
C HIS H 29 -39.56 17.47 -26.77
N THR H 30 -38.27 17.13 -26.72
CA THR H 30 -37.59 16.84 -25.44
C THR H 30 -37.60 18.08 -24.56
N LEU H 31 -37.18 19.20 -25.13
CA LEU H 31 -37.19 20.49 -24.43
C LEU H 31 -38.57 20.78 -23.89
N VAL H 32 -39.61 20.55 -24.67
CA VAL H 32 -40.96 20.86 -24.19
C VAL H 32 -41.33 19.94 -23.03
N LYS H 33 -41.14 18.63 -23.21
CA LYS H 33 -41.41 17.68 -22.12
C LYS H 33 -40.59 18.05 -20.88
N SER H 34 -39.40 18.62 -21.08
CA SER H 34 -38.52 18.88 -19.96
C SER H 34 -39.17 19.84 -18.97
N ILE H 35 -40.18 20.61 -19.39
CA ILE H 35 -40.80 21.53 -18.44
C ILE H 35 -41.47 20.71 -17.35
N ASP H 36 -41.90 19.50 -17.70
CA ASP H 36 -42.55 18.65 -16.72
C ASP H 36 -41.55 18.29 -15.63
N GLU H 37 -40.27 18.19 -16.02
CA GLU H 37 -39.26 17.90 -15.02
C GLU H 37 -39.09 19.09 -14.09
N LEU H 38 -39.10 20.31 -14.64
CA LEU H 38 -38.91 21.51 -13.84
C LEU H 38 -40.11 21.73 -12.91
N ALA H 39 -41.31 21.41 -13.39
CA ALA H 39 -42.52 21.48 -12.56
C ALA H 39 -42.43 20.59 -11.32
N LYS H 40 -41.75 19.47 -11.43
CA LYS H 40 -41.53 18.58 -10.29
C LYS H 40 -40.75 19.29 -9.24
N ALA H 41 -40.02 20.33 -9.64
CA ALA H 41 -39.13 21.05 -8.70
C ALA H 41 -39.80 22.22 -7.95
N ILE H 42 -41.02 22.57 -8.36
CA ILE H 42 -41.78 23.66 -7.74
C ILE H 42 -41.87 23.48 -6.24
N GLY H 43 -41.43 24.47 -5.49
CA GLY H 43 -41.46 24.39 -4.05
C GLY H 43 -40.63 23.25 -3.48
N LYS H 44 -39.55 22.90 -4.16
CA LYS H 44 -38.63 21.88 -3.68
C LYS H 44 -37.19 22.40 -3.62
N LYS H 45 -36.46 21.96 -2.60
CA LYS H 45 -35.04 22.27 -2.49
C LYS H 45 -34.24 21.02 -2.71
N ILE H 46 -32.96 21.16 -3.02
CA ILE H 46 -32.06 20.02 -3.07
C ILE H 46 -31.64 19.75 -1.65
N GLY H 47 -31.96 18.56 -1.15
CA GLY H 47 -31.58 18.17 0.19
C GLY H 47 -30.62 17.01 0.14
N ALA H 48 -30.21 16.52 1.31
CA ALA H 48 -29.23 15.44 1.35
C ALA H 48 -29.62 14.19 0.56
N ASN H 49 -30.92 13.99 0.31
CA ASN H 49 -31.42 12.75 -0.30
C ASN H 49 -32.20 12.95 -1.59
N GLY H 50 -32.07 14.14 -2.17
CA GLY H 50 -32.83 14.50 -3.35
C GLY H 50 -33.72 15.69 -3.07
N LEU H 51 -34.68 15.90 -3.95
CA LEU H 51 -35.66 16.94 -3.77
C LEU H 51 -36.48 16.74 -2.49
N GLU H 52 -36.59 17.81 -1.70
CA GLU H 52 -37.47 17.82 -0.54
C GLU H 52 -38.27 19.12 -0.54
N THR H 53 -39.36 19.15 0.23
CA THR H 53 -40.30 20.26 0.23
C THR H 53 -39.69 21.49 0.87
N ASP H 54 -39.85 22.61 0.19
CA ASP H 54 -39.42 23.92 0.64
C ASP H 54 -40.20 24.92 -0.18
N ALA H 55 -41.44 25.16 0.26
CA ALA H 55 -42.42 25.94 -0.48
C ALA H 55 -41.96 27.26 -1.05
N ASP H 56 -42.51 27.59 -2.22
CA ASP H 56 -42.50 28.96 -2.75
C ASP H 56 -41.11 29.42 -3.26
N LYS H 57 -40.91 30.74 -3.36
CA LYS H 57 -39.68 31.33 -3.93
C LYS H 57 -39.31 30.70 -5.28
N ASN H 58 -40.31 30.60 -6.18
CA ASN H 58 -40.18 29.85 -7.43
C ASN H 58 -39.79 30.67 -8.66
N ALA H 59 -39.72 31.99 -8.53
CA ALA H 59 -39.52 32.85 -9.67
C ALA H 59 -38.45 32.31 -10.64
N LYS H 60 -37.28 31.96 -10.09
CA LYS H 60 -36.09 31.66 -10.88
C LYS H 60 -36.26 30.34 -11.59
N LEU H 61 -37.02 29.44 -10.99
CA LEU H 61 -37.38 28.19 -11.64
C LEU H 61 -38.27 28.51 -12.86
N ILE H 62 -39.24 29.42 -12.69
CA ILE H 62 -40.08 29.78 -13.81
C ILE H 62 -39.26 30.52 -14.89
N SER H 63 -38.25 31.28 -14.48
CA SER H 63 -37.35 31.89 -15.45
C SER H 63 -36.60 30.81 -16.24
N GLY H 64 -36.22 29.74 -15.55
CA GLY H 64 -35.65 28.56 -16.18
C GLY H 64 -36.55 28.02 -17.29
N ALA H 65 -37.81 27.71 -16.97
CA ALA H 65 -38.75 27.23 -17.98
C ALA H 65 -38.80 28.21 -19.13
N TYR H 66 -38.96 29.49 -18.81
CA TYR H 66 -39.08 30.50 -19.86
C TYR H 66 -37.83 30.42 -20.74
N SER H 67 -36.67 30.28 -20.12
CA SER H 67 -35.44 30.21 -20.90
C SER H 67 -35.44 29.00 -21.87
N VAL H 68 -36.02 27.89 -21.42
CA VAL H 68 -36.03 26.69 -22.20
C VAL H 68 -36.99 26.89 -23.38
N ILE H 69 -38.18 27.43 -23.10
CA ILE H 69 -39.15 27.66 -24.17
C ILE H 69 -38.64 28.69 -25.18
N SER H 70 -37.81 29.62 -24.71
CA SER H 70 -37.10 30.51 -25.64
C SER H 70 -36.25 29.74 -26.66
N ALA H 71 -35.58 28.69 -26.17
CA ALA H 71 -34.70 27.87 -26.98
C ALA H 71 -35.53 27.05 -27.98
N VAL H 72 -36.66 26.51 -27.50
CA VAL H 72 -37.65 25.85 -28.36
C VAL H 72 -38.04 26.81 -29.46
N ASP H 73 -38.45 28.00 -29.06
CA ASP H 73 -38.92 29.01 -29.99
C ASP H 73 -37.91 29.30 -31.08
N THR H 74 -36.66 29.52 -30.67
CA THR H 74 -35.55 29.76 -31.60
C THR H 74 -35.36 28.61 -32.62
N LYS H 75 -35.33 27.38 -32.12
CA LYS H 75 -35.13 26.22 -32.97
C LYS H 75 -36.28 26.05 -33.95
N LEU H 76 -37.50 26.34 -33.51
CA LEU H 76 -38.65 26.25 -34.39
C LEU H 76 -38.56 27.30 -35.52
N ALA H 77 -38.10 28.48 -35.17
CA ALA H 77 -37.87 29.58 -36.10
C ALA H 77 -36.97 29.15 -37.25
N SER H 78 -35.99 28.35 -36.88
CA SER H 78 -35.00 27.83 -37.79
C SER H 78 -35.60 26.70 -38.64
N LEU H 79 -36.34 25.81 -37.97
CA LEU H 79 -37.09 24.74 -38.63
C LEU H 79 -38.01 25.29 -39.71
N GLU H 80 -38.79 26.31 -39.34
CA GLU H 80 -39.76 26.95 -40.26
C GLU H 80 -39.12 27.26 -41.63
N LYS H 81 -37.80 27.49 -41.61
CA LYS H 81 -37.04 27.89 -42.79
C LYS H 81 -36.39 26.75 -43.58
N LYS H 82 -36.44 25.51 -43.10
CA LYS H 82 -35.75 24.42 -43.80
C LYS H 82 -36.33 24.24 -45.19
N VAL H 83 -35.46 23.93 -46.14
CA VAL H 83 -35.85 23.81 -47.54
C VAL H 83 -36.33 22.39 -47.84
N GLY H 84 -37.33 22.27 -48.71
CA GLY H 84 -37.81 20.98 -49.18
C GLY H 84 -38.78 20.24 -48.26
N ILE H 85 -39.17 20.88 -47.16
CA ILE H 85 -40.21 20.34 -46.31
C ILE H 85 -41.57 20.48 -47.02
N SER H 86 -42.45 19.50 -46.82
CA SER H 86 -43.81 19.54 -47.40
C SER H 86 -44.64 20.64 -46.74
N ASP H 87 -45.52 21.26 -47.52
CA ASP H 87 -46.44 22.28 -47.00
C ASP H 87 -47.06 21.80 -45.70
N ASP H 88 -47.61 20.58 -45.73
CA ASP H 88 -48.15 19.89 -44.56
C ASP H 88 -47.28 20.03 -43.29
N LEU H 89 -46.03 19.56 -43.37
CA LEU H 89 -45.10 19.62 -42.22
C LEU H 89 -44.78 21.05 -41.81
N LYS H 90 -44.67 21.94 -42.79
CA LYS H 90 -44.42 23.36 -42.52
C LYS H 90 -45.56 23.96 -41.69
N GLY H 91 -46.80 23.63 -42.05
CA GLY H 91 -47.98 23.96 -41.27
C GLY H 91 -47.95 23.42 -39.83
N LYS H 92 -47.58 22.15 -39.70
CA LYS H 92 -47.44 21.52 -38.40
C LYS H 92 -46.39 22.26 -37.53
N ILE H 93 -45.31 22.72 -38.17
CA ILE H 93 -44.26 23.51 -37.51
C ILE H 93 -44.79 24.86 -37.04
N THR H 94 -45.50 25.56 -37.93
CA THR H 94 -46.03 26.87 -37.58
C THR H 94 -46.98 26.78 -36.38
N THR H 95 -47.82 25.76 -36.35
CA THR H 95 -48.64 25.48 -35.17
C THR H 95 -47.82 25.36 -33.88
N VAL H 96 -46.67 24.68 -33.91
CA VAL H 96 -45.78 24.62 -32.73
C VAL H 96 -45.19 25.99 -32.38
N LYS H 97 -44.62 26.66 -33.37
CA LYS H 97 -44.00 27.98 -33.17
C LYS H 97 -44.98 29.02 -32.68
N ASN H 98 -46.18 29.04 -33.23
CA ASN H 98 -47.26 29.86 -32.69
C ASN H 98 -47.42 29.60 -31.19
N ALA H 99 -47.56 28.32 -30.82
CA ALA H 99 -47.80 27.89 -29.46
C ALA H 99 -46.64 28.26 -28.55
N SER H 100 -45.41 28.17 -29.03
CA SER H 100 -44.27 28.59 -28.23
C SER H 100 -44.19 30.11 -28.05
N THR H 101 -44.33 30.87 -29.12
CA THR H 101 -44.44 32.32 -28.99
C THR H 101 -45.57 32.69 -28.02
N SER H 102 -46.72 32.02 -28.15
CA SER H 102 -47.88 32.23 -27.27
C SER H 102 -47.54 32.09 -25.78
N PHE H 103 -46.83 31.02 -25.45
CA PHE H 103 -46.38 30.82 -24.08
C PHE H 103 -45.52 31.99 -23.57
N LEU H 104 -44.50 32.37 -24.35
CA LEU H 104 -43.57 33.43 -23.97
C LEU H 104 -44.31 34.76 -23.79
N THR H 105 -45.20 35.06 -24.72
CA THR H 105 -46.01 36.24 -24.62
C THR H 105 -46.86 36.24 -23.35
N LYS H 106 -47.47 35.11 -23.01
CA LYS H 106 -48.27 35.01 -21.79
C LYS H 106 -47.46 35.23 -20.51
N ALA H 107 -46.35 34.50 -20.41
CA ALA H 107 -45.42 34.62 -19.29
C ALA H 107 -44.99 36.07 -19.10
N LYS H 108 -44.49 36.69 -20.17
CA LYS H 108 -44.07 38.07 -20.13
C LYS H 108 -45.19 38.95 -19.59
N SER H 109 -46.40 38.68 -20.04
CA SER H 109 -47.54 39.52 -19.65
C SER H 109 -47.85 39.34 -18.15
N LYS H 110 -47.38 38.22 -17.59
CA LYS H 110 -47.65 37.86 -16.19
C LYS H 110 -46.44 38.15 -15.28
N THR H 111 -45.56 39.02 -15.78
CA THR H 111 -44.36 39.45 -15.07
C THR H 111 -44.62 39.74 -13.59
N ALA H 112 -45.61 40.59 -13.29
CA ALA H 112 -45.94 40.99 -11.92
C ALA H 112 -46.21 39.80 -10.99
N ASP H 113 -46.69 38.71 -11.57
CA ASP H 113 -46.98 37.47 -10.83
C ASP H 113 -45.84 36.46 -10.82
N LEU H 114 -45.06 36.44 -11.88
CA LEU H 114 -44.08 35.36 -12.05
C LEU H 114 -42.64 35.80 -11.77
N GLY H 115 -42.43 37.12 -11.68
CA GLY H 115 -41.11 37.69 -11.47
C GLY H 115 -40.92 38.23 -10.08
N LYS H 116 -41.96 38.16 -9.24
CA LYS H 116 -41.89 38.74 -7.90
C LYS H 116 -41.02 37.94 -6.94
N ASP H 117 -40.53 38.60 -5.87
CA ASP H 117 -39.61 38.02 -4.87
C ASP H 117 -40.03 36.66 -4.33
N ASP H 118 -41.31 36.40 -4.32
CA ASP H 118 -41.77 35.12 -3.83
C ASP H 118 -42.99 34.59 -4.60
N VAL H 119 -42.72 33.84 -5.65
CA VAL H 119 -43.78 33.19 -6.41
C VAL H 119 -44.14 31.92 -5.68
N LYS H 120 -45.35 31.92 -5.11
CA LYS H 120 -45.95 30.76 -4.46
C LYS H 120 -46.11 29.55 -5.39
N ASP H 121 -46.08 28.35 -4.81
CA ASP H 121 -46.29 27.10 -5.55
C ASP H 121 -47.48 27.17 -6.53
N ALA H 122 -48.65 27.50 -6.00
CA ALA H 122 -49.88 27.59 -6.76
C ALA H 122 -49.68 28.37 -8.05
N ASP H 123 -49.05 29.53 -7.96
CA ASP H 123 -48.86 30.37 -9.14
C ASP H 123 -47.82 29.83 -10.10
N ALA H 124 -46.77 29.21 -9.56
CA ALA H 124 -45.77 28.55 -10.39
C ALA H 124 -46.46 27.49 -11.26
N LYS H 125 -47.35 26.71 -10.64
CA LYS H 125 -48.10 25.67 -11.34
C LYS H 125 -48.95 26.23 -12.49
N THR H 126 -49.53 27.42 -12.31
CA THR H 126 -50.36 28.05 -13.35
C THR H 126 -49.54 28.55 -14.54
N ALA H 127 -48.21 28.55 -14.37
CA ALA H 127 -47.31 28.92 -15.46
C ALA H 127 -46.72 27.72 -16.18
N ILE H 128 -46.23 26.73 -15.42
CA ILE H 128 -45.41 25.67 -16.01
C ILE H 128 -45.80 24.23 -15.71
N ASP H 129 -46.90 24.03 -15.00
CA ASP H 129 -47.29 22.66 -14.68
C ASP H 129 -48.55 22.22 -15.49
N ILE H 130 -48.36 21.38 -16.51
CA ILE H 130 -49.47 20.88 -17.35
C ILE H 130 -50.59 20.11 -16.60
N ALA H 131 -50.26 19.54 -15.44
CA ALA H 131 -51.21 18.79 -14.62
C ALA H 131 -51.87 19.68 -13.54
N ASP H 132 -51.67 21.00 -13.66
CA ASP H 132 -52.16 21.96 -12.70
C ASP H 132 -53.69 21.91 -12.61
N THR H 133 -54.18 21.63 -11.41
CA THR H 133 -55.61 21.57 -11.12
C THR H 133 -56.19 22.98 -10.82
N GLY H 134 -55.33 23.98 -10.68
CA GLY H 134 -55.79 25.35 -10.52
C GLY H 134 -56.14 25.92 -11.88
N ALA H 135 -56.28 27.24 -11.97
CA ALA H 135 -56.38 27.88 -13.28
C ALA H 135 -55.05 27.68 -14.03
N LYS H 136 -55.08 27.76 -15.35
CA LYS H 136 -53.88 27.56 -16.14
C LYS H 136 -53.50 28.92 -16.74
N ASP H 137 -53.60 29.96 -15.90
CA ASP H 137 -53.79 31.33 -16.37
C ASP H 137 -52.52 32.16 -16.45
N LYS H 138 -51.36 31.55 -16.27
CA LYS H 138 -50.10 32.28 -16.34
C LYS H 138 -49.04 31.57 -17.20
N GLY H 139 -49.52 30.73 -18.13
CA GLY H 139 -48.65 29.97 -19.00
C GLY H 139 -49.03 28.50 -19.20
N ALA H 140 -49.63 27.87 -18.18
CA ALA H 140 -49.91 26.43 -18.25
C ALA H 140 -50.79 26.03 -19.46
N GLU H 141 -51.83 26.84 -19.71
CA GLU H 141 -52.71 26.64 -20.84
C GLU H 141 -51.89 26.62 -22.12
N GLU H 142 -51.09 27.67 -22.30
CA GLU H 142 -50.23 27.81 -23.47
C GLU H 142 -49.26 26.63 -23.59
N LEU H 143 -48.68 26.20 -22.46
CA LEU H 143 -47.81 25.03 -22.39
C LEU H 143 -48.53 23.74 -22.79
N ILE H 144 -49.80 23.56 -22.42
CA ILE H 144 -50.51 22.36 -22.89
C ILE H 144 -50.66 22.39 -24.41
N LYS H 145 -51.04 23.55 -24.96
CA LYS H 145 -51.24 23.71 -26.41
C LYS H 145 -49.94 23.41 -27.13
N LEU H 146 -48.82 23.89 -26.58
CA LEU H 146 -47.51 23.62 -27.15
C LEU H 146 -47.17 22.12 -27.11
N ASN H 147 -47.54 21.46 -26.01
CA ASN H 147 -47.34 20.01 -25.93
C ASN H 147 -48.09 19.23 -26.99
N THR H 148 -49.33 19.61 -27.23
CA THR H 148 -50.15 18.97 -28.22
C THR H 148 -49.59 19.23 -29.61
N ALA H 149 -49.23 20.46 -29.88
CA ALA H 149 -48.67 20.84 -31.18
C ALA H 149 -47.38 20.08 -31.51
N ILE H 150 -46.43 20.07 -30.59
CA ILE H 150 -45.22 19.30 -30.86
C ILE H 150 -45.44 17.79 -30.89
N ASP H 151 -46.39 17.25 -30.11
CA ASP H 151 -46.68 15.81 -30.23
C ASP H 151 -47.13 15.52 -31.68
N ALA H 152 -48.01 16.37 -32.22
CA ALA H 152 -48.49 16.28 -33.60
C ALA H 152 -47.35 16.31 -34.62
N LEU H 153 -46.48 17.30 -34.48
CA LEU H 153 -45.31 17.41 -35.36
C LEU H 153 -44.41 16.17 -35.26
N LEU H 154 -44.16 15.71 -34.03
CA LEU H 154 -43.30 14.55 -33.84
C LEU H 154 -43.89 13.32 -34.47
N THR H 155 -45.17 13.08 -34.26
CA THR H 155 -45.86 11.93 -34.85
C THR H 155 -45.62 11.90 -36.37
N SER H 156 -45.84 13.04 -37.00
CA SER H 156 -45.67 13.21 -38.45
C SER H 156 -44.24 12.96 -38.88
N ALA H 157 -43.29 13.51 -38.15
CA ALA H 157 -41.88 13.40 -38.54
C ALA H 157 -41.44 11.95 -38.44
N GLU H 158 -41.92 11.29 -37.38
CA GLU H 158 -41.60 9.88 -37.15
C GLU H 158 -42.28 8.98 -38.16
N ALA H 159 -43.51 9.33 -38.54
CA ALA H 159 -44.21 8.60 -39.60
C ALA H 159 -43.45 8.65 -40.92
N ALA H 160 -42.88 9.80 -41.23
CA ALA H 160 -42.11 9.95 -42.45
C ALA H 160 -40.83 9.09 -42.46
N VAL H 161 -40.16 8.98 -41.30
CA VAL H 161 -39.00 8.11 -41.12
C VAL H 161 -39.40 6.66 -41.36
N THR H 162 -40.46 6.21 -40.70
CA THR H 162 -41.03 4.88 -40.93
C THR H 162 -41.36 4.62 -42.41
N ALA H 163 -42.07 5.55 -43.04
CA ALA H 163 -42.42 5.40 -44.46
C ALA H 163 -41.18 5.34 -45.35
N ALA H 164 -40.17 6.14 -45.04
CA ALA H 164 -38.94 6.16 -45.84
C ALA H 164 -38.12 4.87 -45.70
N ILE H 165 -38.16 4.27 -44.51
CA ILE H 165 -37.52 2.99 -44.25
C ILE H 165 -38.30 1.90 -44.95
N ASN H 166 -39.62 1.94 -44.80
CA ASN H 166 -40.53 0.93 -45.37
C ASN H 166 -40.56 0.94 -46.90
N ALA H 167 -40.61 2.14 -47.47
CA ALA H 167 -40.58 2.35 -48.92
C ALA H 167 -39.37 1.64 -49.54
N LEU H 168 -38.33 1.48 -48.73
CA LEU H 168 -37.12 0.72 -49.07
C LEU H 168 -37.50 -0.48 -49.87
NI NI I . 5.85 7.78 -8.87
NI NI J . -7.29 -5.66 16.92
NI NI K . 17.72 15.27 8.60
NI NI L . -11.82 9.45 19.73
NI NI M . -15.30 -18.26 -14.67
NI NI N . -4.47 -9.37 2.85
NI NI O . -35.48 -14.35 12.57
NI NI P . 48.77 -13.69 19.79
NI NI Q . 37.87 -6.85 50.88
NI NI R . 27.43 -19.01 22.21
NI NI S . -23.35 18.79 -26.28
NI NI T . -35.36 40.29 -6.51
NI NI U . -45.17 15.09 -25.62
NI NI V . -37.06 27.56 3.49
#